data_8KI6
#
_entry.id   8KI6
#
_cell.length_a   1.00
_cell.length_b   1.00
_cell.length_c   1.00
_cell.angle_alpha   90.00
_cell.angle_beta   90.00
_cell.angle_gamma   90.00
#
_symmetry.space_group_name_H-M   'P 1'
#
loop_
_entity.id
_entity.type
_entity.pdbx_description
1 polymer 'RNA-directed RNA polymerase L'
2 non-polymer 1-(beta-D-ribofuranosyl)-1H-1,2,4-triazole-3-carboxamide
#
_entity_poly.entity_id   1
_entity_poly.type   'polypeptide(L)'
_entity_poly.pdbx_seq_one_letter_code
;VFFSHWTSKYKERNPTEIAYSEDIERIIDSLVTDEITKEEIIHFLFGNFCFHIETMNDQHIADKFKGYQSSCINLKIEPK
VDLADLKDHLIQKQQIWESLYGKHLEKIMLRIREKKKKEKEIPDITTAFNQNAAEYEEKYPNCFTNDLSETKTNFSMTWS
PSFEKIELSSEVDYNNAIINKFRESFKSSSRVIYNSPYSSINNQTNKARDITNLVRLCLTELSCDTTKMEKQELEDEIDI
NTGSIKVERTKKSKEWNKQGSCLTRNKNEFCMKETGRENKTIYFKGLAVMNIGMSSKKRILKKEEIKERISKGLEYDTSE
RQADPNDDYSSIDMSSLTHMKKLIRHDNEDSLSWCERIKDSLFVLHNGDIREEGKITSVYNNYAKNPECLYIQDSVLKTE
LETCKKINKLCNDLAIYHYSEDMMQFSKGLMVADRYMTKESFKILTTANTSMMLLAFKGDGMNTGGSGVPYIALHIVDED
MSDQFNICYTKEIYSYFRNGSNYIYIMRPQRLNQVRLLSLFKTPSKVPVCFAQFSKKANEMEKWLKNKDIEKVNVFSMTM
TVKQILINIVFSSVMIGTVTKLSRMGIFDFMRYAGFLPLSDYSNIKEYIRDKFDPDITNVADIYFVNGIKKLLFRMEDLN
LSTNAKPVVVDHENDIIGGITDLNIKCPITGSTLLTLEDLYNNVYLAIYMMPKSLHNHVHNLTSLLNVPAEWELKFRKEL
GFNIFEDIYPKKAMFDDKDLFSINGALNVKALSDYYLGNIENVGLMRSEIENKEDFLSPCYKISTLKSSKKCSQSNIIST
DEIIECLQNAKIQDIENWKGNNLAIIKGLIRTYNEEKNRLVEFFEDNCVNSLYLVEKLKEIINSGSITVGKSVTSKFIRN
NHPLTVETYLKTKLYYRNNVTVLKSKKVSEELYDLVKQFHNMMEIDLDSVMNLGKGTEGKKHTFLQMLEFVMSKAKNVTG
SVDFLVSVFEKMQRTKTDREIYLMSMKVKMMLYFIEHTFKHVAQSDPSEAISISGDNKIRALSTLSLDTITSYNDILNKN
SKKSRLAFLSADQSKWSASDLTYKYVLAIILNPILTTGEASLMIECILMYVKLKKVCIPTDIFLNLRKAQGTFGQNETAI
GLLTKGLTTNTYPVSMNWLQGNLNYLSSVYHSCAMKAYHKTLECYKDCDFQTRWIVHSDDNATSLIASGEVDKMLTDFSS
SSLPEMLFRSIEAHFKSFCITLNPKKSYASSSEVEFISERIVNGAIIPLYCRHLANCCTESSHISYFDDLMSLSIHVTML
LRKGCPNEVIPFAYGAVQVQALSIYSMLPGEVNDSIRIFKKLGVSLKSNEIPTNMGGWLTSPIEPLSILGPSSNDQIIYY
NVIRDFLNKKSLEEVKDSVSSSSYLQMRFRELKGKYEKGTLEEKDKKMIFLINLFEKASVSEDSDVLTIGMKFQTMLTQI
IKLPNFINENALNKMSSYKDFSKLYPNLKKNEDLYKSTKNLKIDEDAILEEDELYEKIASSLEMESVHDIMIKNPETILI
APLNDRDFLLSQLFMYTSPSKRNQLSNQSTEKLALDRVLRSKARTFVDISSTVKMTYEENMEKKILEMLKFDLDSYCSFK
TCVNLVIKDVNFSMLIPILDSAYPCESRKRDNYNFRWFQTEKWIPVVEGSPGLVVMHAVYGSNYIENLGLKNIPLTDDSI
NVLTSTFGTGLIMEDVKSLVKGKDSFETEAFSNSNECQRLVKACNYMIAAQNRLLAINTCFTRKSFPFYSKFNLGRGFIS
NTLALLSTIYSKEES
;
_entity_poly.pdbx_strand_id   A
#
# COMPACT_ATOMS: atom_id res chain seq x y z
N VAL A 1 -26.86 -10.10 -36.37
CA VAL A 1 -27.42 -10.36 -35.05
C VAL A 1 -26.81 -9.42 -34.02
N PHE A 2 -27.54 -9.21 -32.92
CA PHE A 2 -27.18 -8.42 -31.74
C PHE A 2 -27.00 -6.93 -32.02
N PHE A 3 -27.31 -6.45 -33.23
CA PHE A 3 -27.27 -5.03 -33.63
C PHE A 3 -25.88 -4.42 -33.43
N SER A 4 -24.94 -4.91 -34.23
CA SER A 4 -23.57 -4.42 -34.22
C SER A 4 -23.53 -2.95 -34.62
N HIS A 5 -23.13 -2.10 -33.67
CA HIS A 5 -23.21 -0.66 -33.81
C HIS A 5 -21.82 -0.08 -34.04
N TRP A 6 -21.73 0.85 -34.98
CA TRP A 6 -20.47 1.55 -35.28
C TRP A 6 -20.16 2.49 -34.13
N THR A 7 -19.25 2.08 -33.25
CA THR A 7 -18.97 2.86 -32.05
C THR A 7 -17.78 3.81 -32.23
N SER A 8 -17.82 4.57 -33.33
CA SER A 8 -16.79 5.54 -33.71
C SER A 8 -17.30 6.30 -34.92
N LYS A 9 -16.52 7.31 -35.32
CA LYS A 9 -16.71 7.97 -36.61
C LYS A 9 -15.44 7.96 -37.45
N TYR A 10 -14.46 7.11 -37.09
CA TYR A 10 -13.23 6.94 -37.84
C TYR A 10 -13.31 5.80 -38.85
N LYS A 11 -14.50 5.56 -39.42
CA LYS A 11 -14.70 4.43 -40.33
C LYS A 11 -13.92 4.59 -41.63
N GLU A 12 -13.61 5.82 -42.02
CA GLU A 12 -12.85 6.06 -43.24
C GLU A 12 -11.35 5.90 -43.06
N ARG A 13 -10.87 5.81 -41.83
CA ARG A 13 -9.43 5.75 -41.58
C ARG A 13 -8.93 4.32 -41.68
N ASN A 14 -7.64 4.19 -41.99
CA ASN A 14 -6.96 2.91 -42.17
C ASN A 14 -5.67 2.88 -41.36
N PRO A 15 -5.20 1.69 -40.96
CA PRO A 15 -3.95 1.63 -40.16
C PRO A 15 -2.70 2.09 -40.90
N THR A 16 -2.68 2.08 -42.23
CA THR A 16 -1.51 2.46 -43.00
C THR A 16 -1.79 3.65 -43.90
N GLU A 17 -0.86 4.62 -43.87
CA GLU A 17 -0.81 5.82 -44.72
C GLU A 17 -2.01 6.75 -44.53
N ILE A 18 -2.82 6.51 -43.48
CA ILE A 18 -3.84 7.43 -43.07
C ILE A 18 -3.53 8.05 -41.71
N ALA A 19 -2.81 7.32 -40.84
CA ALA A 19 -2.40 7.83 -39.55
C ALA A 19 -1.27 8.86 -39.71
N TYR A 20 -0.87 9.45 -38.58
CA TYR A 20 0.15 10.50 -38.60
C TYR A 20 1.53 9.92 -38.94
N SER A 21 1.84 8.73 -38.45
CA SER A 21 3.16 8.14 -38.62
C SER A 21 3.13 6.99 -39.60
N GLU A 22 4.29 6.72 -40.19
CA GLU A 22 4.46 5.69 -41.22
C GLU A 22 5.18 4.45 -40.69
N ASP A 23 5.27 4.30 -39.37
CA ASP A 23 6.10 3.27 -38.75
C ASP A 23 5.60 1.85 -39.01
N ILE A 24 4.33 1.70 -39.39
CA ILE A 24 3.78 0.39 -39.72
C ILE A 24 4.47 -0.18 -40.96
N GLU A 25 4.84 0.70 -41.90
CA GLU A 25 5.53 0.26 -43.11
C GLU A 25 6.88 -0.36 -42.80
N ARG A 26 7.67 0.27 -41.92
CA ARG A 26 8.96 -0.31 -41.58
C ARG A 26 8.83 -1.46 -40.58
N ILE A 27 7.73 -1.52 -39.83
CA ILE A 27 7.45 -2.69 -38.99
C ILE A 27 7.22 -3.91 -39.88
N ILE A 28 6.45 -3.74 -40.97
CA ILE A 28 6.25 -4.84 -41.92
C ILE A 28 7.53 -5.14 -42.68
N ASP A 29 8.27 -4.09 -43.07
CA ASP A 29 9.51 -4.26 -43.83
C ASP A 29 10.65 -4.83 -42.99
N SER A 30 10.50 -4.89 -41.66
CA SER A 30 11.49 -5.54 -40.80
C SER A 30 11.16 -7.01 -40.52
N LEU A 31 10.04 -7.52 -41.05
CA LEU A 31 9.63 -8.90 -40.79
C LEU A 31 9.86 -9.82 -41.99
N VAL A 32 10.59 -9.37 -43.00
CA VAL A 32 10.87 -10.20 -44.16
C VAL A 32 12.03 -11.14 -43.83
N THR A 33 11.85 -12.42 -44.09
CA THR A 33 12.88 -13.44 -43.91
C THR A 33 13.27 -14.01 -45.27
N ASP A 34 14.09 -15.06 -45.23
CA ASP A 34 14.57 -15.69 -46.46
C ASP A 34 13.49 -16.51 -47.15
N GLU A 35 12.43 -16.91 -46.43
CA GLU A 35 11.38 -17.72 -47.02
C GLU A 35 10.00 -17.08 -46.94
N ILE A 36 9.85 -15.98 -46.20
CA ILE A 36 8.59 -15.25 -46.12
C ILE A 36 8.80 -13.88 -46.74
N THR A 37 7.95 -13.52 -47.69
CA THR A 37 8.16 -12.28 -48.43
C THR A 37 7.09 -11.24 -48.09
N LYS A 38 7.21 -10.09 -48.77
CA LYS A 38 6.52 -8.86 -48.43
C LYS A 38 5.00 -9.02 -48.62
N GLU A 39 4.61 -9.61 -49.74
CA GLU A 39 3.18 -9.81 -50.00
C GLU A 39 2.59 -10.87 -49.08
N GLU A 40 3.38 -11.86 -48.67
CA GLU A 40 2.86 -12.90 -47.77
C GLU A 40 2.58 -12.33 -46.39
N ILE A 41 3.51 -11.53 -45.85
CA ILE A 41 3.28 -10.96 -44.51
C ILE A 41 2.16 -9.92 -44.56
N ILE A 42 2.07 -9.15 -45.65
CA ILE A 42 0.96 -8.20 -45.79
C ILE A 42 -0.38 -8.93 -45.84
N HIS A 43 -0.45 -10.01 -46.64
CA HIS A 43 -1.68 -10.78 -46.79
C HIS A 43 -2.11 -11.42 -45.48
N PHE A 44 -1.17 -12.04 -44.75
CA PHE A 44 -1.53 -12.70 -43.51
C PHE A 44 -1.95 -11.68 -42.44
N LEU A 45 -1.18 -10.61 -42.27
CA LEU A 45 -1.47 -9.68 -41.18
C LEU A 45 -2.72 -8.85 -41.45
N PHE A 46 -2.99 -8.52 -42.71
CA PHE A 46 -4.15 -7.70 -43.02
C PHE A 46 -5.33 -8.51 -43.55
N GLY A 47 -5.26 -9.83 -43.56
CA GLY A 47 -6.44 -10.62 -43.86
C GLY A 47 -6.56 -11.89 -43.05
N ASN A 48 -5.96 -11.93 -41.85
CA ASN A 48 -6.07 -13.11 -41.01
C ASN A 48 -7.43 -13.26 -40.33
N PHE A 49 -8.37 -12.34 -40.53
CA PHE A 49 -9.67 -12.41 -39.87
C PHE A 49 -10.62 -13.43 -40.50
N CYS A 50 -10.22 -14.08 -41.60
CA CYS A 50 -11.11 -14.99 -42.32
C CYS A 50 -11.45 -16.23 -41.51
N PHE A 51 -10.61 -16.59 -40.54
CA PHE A 51 -10.94 -17.70 -39.66
C PHE A 51 -12.05 -17.32 -38.69
N HIS A 52 -12.20 -16.03 -38.38
CA HIS A 52 -13.29 -15.54 -37.56
C HIS A 52 -14.43 -14.99 -38.42
N ILE A 53 -15.00 -15.84 -39.28
CA ILE A 53 -16.00 -15.40 -40.23
C ILE A 53 -17.39 -15.98 -39.96
N GLU A 54 -17.50 -17.01 -39.13
CA GLU A 54 -18.79 -17.65 -38.87
C GLU A 54 -19.51 -17.05 -37.67
N THR A 55 -18.93 -16.04 -37.02
CA THR A 55 -19.56 -15.37 -35.89
C THR A 55 -19.48 -13.85 -36.05
N MET A 56 -19.38 -13.38 -37.28
CA MET A 56 -19.24 -11.97 -37.59
C MET A 56 -20.45 -11.50 -38.39
N ASN A 57 -20.90 -10.27 -38.11
CA ASN A 57 -22.00 -9.69 -38.87
C ASN A 57 -21.52 -9.24 -40.25
N ASP A 58 -22.48 -9.11 -41.17
CA ASP A 58 -22.16 -8.79 -42.55
C ASP A 58 -21.56 -7.40 -42.71
N GLN A 59 -22.03 -6.43 -41.91
CA GLN A 59 -21.44 -5.10 -41.92
C GLN A 59 -19.99 -5.12 -41.44
N HIS A 60 -19.71 -5.92 -40.40
CA HIS A 60 -18.35 -6.07 -39.90
C HIS A 60 -17.44 -6.70 -40.95
N ILE A 61 -17.94 -7.74 -41.63
CA ILE A 61 -17.17 -8.43 -42.67
C ILE A 61 -16.89 -7.49 -43.84
N ALA A 62 -17.90 -6.73 -44.27
CA ALA A 62 -17.72 -5.80 -45.38
C ALA A 62 -16.76 -4.67 -45.03
N ASP A 63 -16.85 -4.15 -43.80
CA ASP A 63 -15.96 -3.08 -43.37
C ASP A 63 -14.51 -3.56 -43.29
N LYS A 64 -14.29 -4.77 -42.76
CA LYS A 64 -12.93 -5.28 -42.67
C LYS A 64 -12.37 -5.66 -44.04
N PHE A 65 -13.22 -6.14 -44.95
CA PHE A 65 -12.77 -6.43 -46.32
C PHE A 65 -12.41 -5.15 -47.07
N LYS A 66 -13.21 -4.09 -46.88
CA LYS A 66 -12.89 -2.79 -47.48
C LYS A 66 -11.60 -2.22 -46.90
N GLY A 67 -11.38 -2.40 -45.60
CA GLY A 67 -10.14 -1.97 -44.99
C GLY A 67 -8.93 -2.73 -45.50
N TYR A 68 -9.09 -4.03 -45.74
CA TYR A 68 -8.01 -4.85 -46.32
C TYR A 68 -7.68 -4.35 -47.72
N GLN A 69 -8.71 -4.16 -48.56
CA GLN A 69 -8.50 -3.73 -49.94
C GLN A 69 -7.84 -2.35 -49.99
N SER A 70 -8.31 -1.43 -49.15
CA SER A 70 -7.69 -0.10 -49.08
C SER A 70 -6.25 -0.17 -48.60
N SER A 71 -5.98 -0.94 -47.54
CA SER A 71 -4.64 -1.05 -46.99
C SER A 71 -3.68 -1.68 -47.99
N CYS A 72 -4.18 -2.58 -48.83
CA CYS A 72 -3.33 -3.11 -49.91
C CYS A 72 -3.14 -2.10 -51.02
N ILE A 73 -4.08 -1.17 -51.21
CA ILE A 73 -3.86 -0.11 -52.19
C ILE A 73 -2.76 0.84 -51.72
N ASN A 74 -2.77 1.27 -50.46
CA ASN A 74 -1.63 2.08 -49.98
C ASN A 74 -0.35 1.26 -49.84
N LEU A 75 -0.44 -0.04 -49.61
CA LEU A 75 0.78 -0.82 -49.45
C LEU A 75 1.30 -1.44 -50.75
N LYS A 76 0.90 -0.88 -51.90
CA LYS A 76 1.39 -1.21 -53.26
C LYS A 76 1.43 -2.72 -53.56
N ILE A 77 0.49 -3.45 -52.99
CA ILE A 77 0.34 -4.88 -53.27
C ILE A 77 -1.07 -5.11 -53.82
N GLU A 78 -1.13 -5.81 -54.96
CA GLU A 78 -2.40 -6.10 -55.61
C GLU A 78 -3.18 -7.11 -54.77
N PRO A 79 -4.37 -6.79 -54.29
CA PRO A 79 -5.10 -7.71 -53.42
C PRO A 79 -6.00 -8.66 -54.22
N LYS A 80 -6.49 -9.67 -53.52
CA LYS A 80 -7.45 -10.59 -54.11
C LYS A 80 -8.84 -9.93 -54.11
N VAL A 81 -9.74 -10.49 -54.92
CA VAL A 81 -11.00 -9.80 -55.18
C VAL A 81 -12.18 -10.45 -54.41
N ASP A 82 -12.16 -11.76 -54.19
CA ASP A 82 -13.22 -12.46 -53.46
C ASP A 82 -12.63 -13.21 -52.27
N LEU A 83 -13.53 -13.77 -51.45
CA LEU A 83 -13.13 -14.43 -50.22
C LEU A 83 -12.49 -15.79 -50.48
N ALA A 84 -12.82 -16.42 -51.61
CA ALA A 84 -12.27 -17.74 -51.91
C ALA A 84 -10.77 -17.70 -52.17
N ASP A 85 -10.31 -16.67 -52.90
CA ASP A 85 -8.89 -16.48 -53.10
C ASP A 85 -8.18 -16.17 -51.79
N LEU A 86 -8.86 -15.43 -50.90
CA LEU A 86 -8.34 -15.16 -49.56
C LEU A 86 -8.15 -16.45 -48.77
N LYS A 87 -9.14 -17.35 -48.81
CA LYS A 87 -9.05 -18.60 -48.07
C LYS A 87 -7.96 -19.52 -48.64
N ASP A 88 -7.85 -19.58 -49.96
CA ASP A 88 -6.81 -20.39 -50.59
C ASP A 88 -5.41 -19.87 -50.26
N HIS A 89 -5.22 -18.56 -50.38
CA HIS A 89 -3.94 -17.95 -50.03
C HIS A 89 -3.64 -18.12 -48.55
N LEU A 90 -4.67 -18.11 -47.71
CA LEU A 90 -4.46 -18.28 -46.28
C LEU A 90 -4.11 -19.71 -45.89
N ILE A 91 -4.62 -20.73 -46.59
CA ILE A 91 -4.17 -22.09 -46.27
C ILE A 91 -2.74 -22.31 -46.76
N GLN A 92 -2.36 -21.68 -47.87
CA GLN A 92 -0.94 -21.71 -48.26
C GLN A 92 -0.07 -21.02 -47.21
N LYS A 93 -0.52 -19.86 -46.71
CA LYS A 93 0.21 -19.14 -45.68
C LYS A 93 0.30 -19.94 -44.38
N GLN A 94 -0.78 -20.63 -44.00
CA GLN A 94 -0.73 -21.38 -42.76
C GLN A 94 0.22 -22.57 -42.87
N GLN A 95 0.36 -23.16 -44.07
CA GLN A 95 1.37 -24.19 -44.26
C GLN A 95 2.79 -23.62 -44.11
N ILE A 96 3.10 -22.56 -44.85
CA ILE A 96 4.50 -22.11 -44.89
C ILE A 96 4.88 -21.45 -43.56
N TRP A 97 3.93 -20.78 -42.90
CA TRP A 97 4.15 -20.24 -41.57
C TRP A 97 4.16 -21.34 -40.51
N GLU A 98 3.52 -22.48 -40.78
CA GLU A 98 3.64 -23.62 -39.88
C GLU A 98 5.05 -24.19 -39.88
N SER A 99 5.73 -24.13 -41.02
CA SER A 99 7.12 -24.61 -41.08
C SER A 99 8.12 -23.62 -40.45
N LEU A 100 7.99 -23.40 -39.13
CA LEU A 100 8.95 -22.59 -38.38
C LEU A 100 9.34 -23.15 -37.01
N TYR A 101 8.51 -24.00 -36.40
CA TYR A 101 8.72 -24.37 -35.00
C TYR A 101 9.90 -25.30 -34.82
N GLY A 102 10.20 -26.14 -35.82
CA GLY A 102 11.42 -26.94 -35.76
C GLY A 102 12.68 -26.09 -35.79
N LYS A 103 12.65 -25.00 -36.57
CA LYS A 103 13.75 -24.06 -36.59
C LYS A 103 13.91 -23.38 -35.23
N HIS A 104 12.78 -23.00 -34.60
CA HIS A 104 12.88 -22.40 -33.27
C HIS A 104 13.38 -23.39 -32.23
N LEU A 105 12.99 -24.66 -32.36
CA LEU A 105 13.47 -25.70 -31.44
C LEU A 105 14.98 -25.94 -31.60
N GLU A 106 15.46 -25.96 -32.85
CA GLU A 106 16.89 -26.08 -33.07
C GLU A 106 17.64 -24.86 -32.52
N LYS A 107 17.03 -23.67 -32.66
CA LYS A 107 17.65 -22.45 -32.12
C LYS A 107 17.77 -22.49 -30.60
N ILE A 108 16.71 -22.92 -29.91
CA ILE A 108 16.78 -22.94 -28.45
C ILE A 108 17.71 -24.06 -27.96
N MET A 109 17.80 -25.17 -28.71
CA MET A 109 18.76 -26.21 -28.38
C MET A 109 20.19 -25.71 -28.52
N LEU A 110 20.47 -24.98 -29.61
CA LEU A 110 21.80 -24.42 -29.82
C LEU A 110 22.13 -23.37 -28.77
N ARG A 111 21.12 -22.60 -28.35
CA ARG A 111 21.36 -21.59 -27.30
C ARG A 111 21.64 -22.25 -25.95
N ILE A 112 20.96 -23.35 -25.65
CA ILE A 112 21.24 -24.10 -24.41
C ILE A 112 22.66 -24.66 -24.45
N ARG A 113 23.06 -25.24 -25.59
CA ARG A 113 24.40 -25.81 -25.71
C ARG A 113 25.48 -24.73 -25.67
N GLU A 114 25.16 -23.53 -26.16
CA GLU A 114 26.11 -22.42 -26.07
C GLU A 114 26.22 -21.89 -24.65
N LYS A 115 25.09 -21.82 -23.93
CA LYS A 115 25.09 -21.28 -22.57
C LYS A 115 25.71 -22.27 -21.58
N LYS A 116 25.72 -23.56 -21.91
CA LYS A 116 26.25 -24.57 -21.00
C LYS A 116 27.75 -24.39 -20.73
N LYS A 117 28.55 -24.28 -21.79
CA LYS A 117 30.01 -24.33 -21.65
C LYS A 117 30.66 -22.96 -21.41
N LYS A 118 30.08 -22.20 -20.49
CA LYS A 118 30.65 -20.89 -20.20
C LYS A 118 30.75 -20.52 -18.72
N GLU A 119 29.89 -21.03 -17.84
CA GLU A 119 29.71 -20.33 -16.57
C GLU A 119 30.79 -20.63 -15.52
N LYS A 120 30.73 -21.80 -14.87
CA LYS A 120 31.57 -22.33 -13.79
C LYS A 120 31.12 -23.72 -13.35
N GLU A 121 31.95 -24.36 -12.51
CA GLU A 121 31.55 -25.52 -11.72
C GLU A 121 32.32 -25.45 -10.40
N ILE A 122 31.71 -24.83 -9.38
CA ILE A 122 32.33 -24.61 -8.08
C ILE A 122 32.09 -25.86 -7.24
N PRO A 123 33.08 -26.33 -6.43
CA PRO A 123 32.87 -27.56 -5.64
C PRO A 123 31.79 -27.47 -4.57
N ASP A 124 31.87 -26.52 -3.64
CA ASP A 124 30.88 -26.46 -2.57
C ASP A 124 30.72 -25.04 -2.05
N ILE A 125 29.83 -24.89 -1.07
CA ILE A 125 29.42 -23.57 -0.58
C ILE A 125 30.54 -22.89 0.20
N THR A 126 31.38 -23.66 0.91
CA THR A 126 32.52 -23.08 1.61
C THR A 126 33.52 -22.48 0.63
N THR A 127 33.78 -23.19 -0.48
CA THR A 127 34.61 -22.64 -1.54
C THR A 127 33.95 -21.46 -2.22
N ALA A 128 32.62 -21.46 -2.33
CA ALA A 128 31.91 -20.32 -2.91
C ALA A 128 32.04 -19.08 -2.02
N PHE A 129 31.93 -19.26 -0.71
CA PHE A 129 32.12 -18.15 0.23
C PHE A 129 33.55 -17.63 0.21
N ASN A 130 34.53 -18.55 0.15
CA ASN A 130 35.93 -18.14 0.06
C ASN A 130 36.22 -17.40 -1.24
N GLN A 131 35.63 -17.87 -2.35
CA GLN A 131 35.77 -17.18 -3.63
C GLN A 131 35.14 -15.80 -3.59
N ASN A 132 33.96 -15.67 -2.97
CA ASN A 132 33.29 -14.38 -2.88
C ASN A 132 34.12 -13.39 -2.06
N ALA A 133 34.70 -13.88 -0.95
CA ALA A 133 35.62 -13.05 -0.18
C ALA A 133 36.86 -12.68 -0.99
N ALA A 134 37.34 -13.59 -1.84
CA ALA A 134 38.50 -13.32 -2.67
C ALA A 134 38.22 -12.23 -3.70
N GLU A 135 37.08 -12.30 -4.40
CA GLU A 135 36.76 -11.24 -5.35
C GLU A 135 36.44 -9.92 -4.65
N TYR A 136 35.88 -9.98 -3.44
CA TYR A 136 35.64 -8.73 -2.72
C TYR A 136 36.95 -8.08 -2.28
N GLU A 137 37.94 -8.88 -1.88
CA GLU A 137 39.26 -8.33 -1.59
C GLU A 137 39.95 -7.83 -2.86
N GLU A 138 39.67 -8.47 -3.99
CA GLU A 138 40.24 -8.00 -5.26
C GLU A 138 39.64 -6.66 -5.69
N LYS A 139 38.33 -6.48 -5.48
CA LYS A 139 37.71 -5.18 -5.76
C LYS A 139 38.21 -4.12 -4.80
N TYR A 140 38.18 -4.40 -3.49
CA TYR A 140 38.61 -3.44 -2.48
C TYR A 140 39.78 -4.01 -1.70
N PRO A 141 40.99 -3.48 -1.88
CA PRO A 141 42.17 -4.09 -1.26
C PRO A 141 42.26 -3.83 0.24
N ASN A 142 42.73 -4.85 0.96
CA ASN A 142 43.11 -4.80 2.37
C ASN A 142 41.93 -4.43 3.28
N CYS A 143 40.87 -5.22 3.17
CA CYS A 143 39.76 -5.20 4.12
C CYS A 143 39.82 -6.45 5.00
N PHE A 144 38.72 -6.70 5.74
CA PHE A 144 38.59 -7.77 6.72
C PHE A 144 39.68 -7.71 7.79
N THR A 145 39.63 -6.70 8.65
CA THR A 145 40.64 -6.49 9.66
C THR A 145 40.43 -7.49 10.79
N ASN A 146 41.52 -7.97 11.38
CA ASN A 146 41.43 -8.95 12.45
C ASN A 146 41.30 -8.32 13.83
N ASP A 147 41.42 -7.00 13.95
CA ASP A 147 41.34 -6.32 15.23
C ASP A 147 39.87 -5.95 15.49
N LEU A 148 39.29 -6.54 16.53
CA LEU A 148 37.88 -6.35 16.83
C LEU A 148 37.59 -5.02 17.53
N SER A 149 38.61 -4.28 17.94
CA SER A 149 38.43 -3.02 18.65
C SER A 149 38.23 -1.82 17.73
N GLU A 150 37.86 -2.05 16.47
CA GLU A 150 37.61 -0.96 15.55
C GLU A 150 36.37 -1.20 14.69
N THR A 151 35.46 -2.06 15.13
CA THR A 151 34.20 -2.30 14.43
C THR A 151 33.18 -1.24 14.85
N LYS A 152 31.92 -1.46 14.50
CA LYS A 152 30.85 -0.53 14.84
C LYS A 152 30.16 -0.95 16.12
N THR A 153 29.15 -0.17 16.50
CA THR A 153 28.42 -0.41 17.74
C THR A 153 27.59 -1.68 17.66
N ASN A 154 27.54 -2.42 18.77
CA ASN A 154 26.92 -3.74 18.81
C ASN A 154 25.45 -3.67 19.19
N PHE A 155 25.14 -3.10 20.35
CA PHE A 155 23.79 -3.20 20.93
C PHE A 155 22.90 -2.05 20.48
N SER A 156 22.85 -1.85 19.15
CA SER A 156 22.11 -0.77 18.48
C SER A 156 22.58 0.55 19.08
N MET A 157 21.68 1.50 19.35
CA MET A 157 22.04 2.72 20.05
C MET A 157 21.24 2.87 21.35
N THR A 158 20.71 1.76 21.88
CA THR A 158 19.93 1.77 23.10
C THR A 158 20.42 0.65 24.03
N TRP A 159 20.60 1.01 25.31
CA TRP A 159 21.19 0.11 26.30
C TRP A 159 20.37 0.19 27.58
N SER A 160 19.54 -0.82 27.84
CA SER A 160 18.56 -0.78 28.92
C SER A 160 18.98 -1.66 30.09
N PRO A 161 19.32 -1.09 31.25
CA PRO A 161 19.59 -1.93 32.43
C PRO A 161 18.35 -2.13 33.31
N SER A 162 18.21 -3.33 33.88
CA SER A 162 17.16 -3.57 34.86
C SER A 162 17.51 -2.84 36.17
N PHE A 163 16.48 -2.43 36.91
CA PHE A 163 16.69 -1.53 38.04
C PHE A 163 16.03 -2.05 39.30
N GLU A 164 16.60 -1.65 40.45
CA GLU A 164 16.31 -2.27 41.73
C GLU A 164 15.79 -1.32 42.80
N LYS A 165 15.88 -0.01 42.59
CA LYS A 165 15.52 0.96 43.62
C LYS A 165 14.15 1.57 43.33
N ILE A 166 13.37 1.78 44.39
CA ILE A 166 12.04 2.35 44.25
C ILE A 166 12.01 3.75 44.86
N ASN A 175 9.58 12.71 38.99
CA ASN A 175 10.50 12.48 37.89
C ASN A 175 11.78 13.29 38.05
N ASN A 176 11.71 14.35 38.86
CA ASN A 176 12.89 15.15 39.18
C ASN A 176 13.74 14.52 40.27
N ALA A 177 13.21 13.53 40.99
CA ALA A 177 13.99 12.83 42.01
C ALA A 177 15.13 12.04 41.38
N ILE A 178 14.90 11.49 40.19
CA ILE A 178 15.95 10.76 39.48
C ILE A 178 17.08 11.69 39.05
N ILE A 179 16.72 12.88 38.55
CA ILE A 179 17.73 13.85 38.12
C ILE A 179 18.49 14.39 39.33
N ASN A 180 17.79 14.59 40.45
CA ASN A 180 18.47 15.01 41.67
C ASN A 180 19.36 13.91 42.23
N LYS A 181 18.96 12.65 42.07
CA LYS A 181 19.80 11.52 42.47
C LYS A 181 21.09 11.48 41.65
N PHE A 182 20.98 11.71 40.34
CA PHE A 182 22.17 11.76 39.50
C PHE A 182 23.05 12.96 39.84
N ARG A 183 22.43 14.09 40.16
CA ARG A 183 23.19 15.30 40.53
C ARG A 183 23.93 15.11 41.83
N GLU A 184 23.31 14.45 42.82
CA GLU A 184 23.99 14.22 44.08
C GLU A 184 24.99 13.07 43.99
N SER A 185 24.83 12.17 43.00
CA SER A 185 25.83 11.13 42.80
C SER A 185 27.04 11.66 42.07
N PHE A 186 26.86 12.67 41.22
CA PHE A 186 27.95 13.20 40.40
C PHE A 186 28.86 14.18 41.14
N LYS A 187 28.60 14.47 42.41
CA LYS A 187 29.34 15.49 43.14
C LYS A 187 30.50 14.92 43.94
N SER A 188 30.85 13.65 43.73
CA SER A 188 31.99 13.06 44.41
C SER A 188 33.29 13.43 43.68
N SER A 189 34.41 12.98 44.24
CA SER A 189 35.71 13.26 43.65
C SER A 189 35.92 12.43 42.38
N SER A 190 36.81 12.91 41.51
CA SER A 190 37.04 12.26 40.23
C SER A 190 37.94 11.05 40.41
N ARG A 191 37.39 9.86 40.10
CA ARG A 191 38.13 8.61 40.15
C ARG A 191 37.80 7.78 38.91
N VAL A 192 37.68 8.44 37.76
CA VAL A 192 37.16 7.78 36.56
C VAL A 192 38.20 6.82 35.98
N ILE A 193 37.71 5.75 35.37
CA ILE A 193 38.55 4.70 34.76
C ILE A 193 38.06 4.54 33.32
N TYR A 194 38.91 4.86 32.37
CA TYR A 194 38.56 4.73 30.97
C TYR A 194 38.61 3.27 30.53
N ASN A 195 37.86 2.96 29.48
CA ASN A 195 37.70 1.58 29.01
C ASN A 195 38.16 1.44 27.57
N SER A 196 38.71 0.28 27.25
CA SER A 196 39.13 -0.27 25.97
C SER A 196 38.01 -1.11 25.37
N PRO A 197 37.85 -1.07 24.03
CA PRO A 197 36.70 -1.74 23.39
C PRO A 197 36.67 -3.26 23.55
N TYR A 198 37.78 -3.94 23.27
CA TYR A 198 37.83 -5.39 23.39
C TYR A 198 39.09 -5.85 24.12
N SER A 199 39.57 -5.03 25.06
CA SER A 199 40.76 -5.26 25.89
C SER A 199 42.02 -5.53 25.06
N THR A 205 42.73 8.61 24.49
CA THR A 205 41.63 8.61 25.45
C THR A 205 41.10 10.01 25.66
N ASN A 206 41.24 10.86 24.64
CA ASN A 206 40.78 12.25 24.75
C ASN A 206 39.26 12.34 24.70
N LYS A 207 38.62 11.45 23.93
CA LYS A 207 37.17 11.49 23.76
C LYS A 207 36.45 11.18 25.08
N ALA A 208 36.96 10.20 25.83
CA ALA A 208 36.35 9.83 27.10
C ALA A 208 36.48 10.95 28.13
N ARG A 209 37.65 11.61 28.18
CA ARG A 209 37.86 12.74 29.09
C ARG A 209 36.94 13.90 28.73
N ASP A 210 36.82 14.20 27.44
CA ASP A 210 35.97 15.30 27.00
C ASP A 210 34.50 15.02 27.29
N ILE A 211 34.04 13.79 27.03
CA ILE A 211 32.64 13.47 27.29
C ILE A 211 32.37 13.39 28.79
N THR A 212 33.38 13.03 29.60
CA THR A 212 33.20 12.99 31.04
C THR A 212 33.09 14.40 31.61
N ASN A 213 33.94 15.32 31.13
CA ASN A 213 33.85 16.71 31.55
C ASN A 213 32.55 17.35 31.11
N LEU A 214 32.09 17.03 29.90
CA LEU A 214 30.84 17.59 29.38
C LEU A 214 29.64 17.10 30.19
N VAL A 215 29.59 15.79 30.49
CA VAL A 215 28.48 15.24 31.26
C VAL A 215 28.50 15.76 32.69
N ARG A 216 29.70 15.88 33.28
CA ARG A 216 29.83 16.40 34.63
C ARG A 216 29.38 17.85 34.73
N LEU A 217 29.76 18.68 33.75
CA LEU A 217 29.30 20.07 33.72
C LEU A 217 27.78 20.15 33.52
N CYS A 218 27.25 19.38 32.57
CA CYS A 218 25.82 19.43 32.26
C CYS A 218 24.95 18.93 33.41
N LEU A 219 25.48 18.02 34.22
CA LEU A 219 24.73 17.54 35.37
C LEU A 219 24.89 18.45 36.58
N THR A 220 26.11 18.91 36.87
CA THR A 220 26.35 19.63 38.11
C THR A 220 25.95 21.10 38.01
N GLU A 221 26.46 21.81 36.99
CA GLU A 221 26.37 23.26 36.99
C GLU A 221 25.29 23.82 36.08
N LEU A 222 24.87 23.10 35.05
CA LEU A 222 23.92 23.64 34.08
C LEU A 222 22.47 23.29 34.40
N SER A 223 22.22 22.54 35.47
CA SER A 223 20.87 22.14 35.84
C SER A 223 20.52 22.68 37.23
N CYS A 224 19.22 22.81 37.47
CA CYS A 224 18.73 23.31 38.75
C CYS A 224 17.49 22.54 39.21
N LEU A 263 17.92 28.74 33.13
CA LEU A 263 16.97 29.12 32.09
C LEU A 263 16.25 27.88 31.56
N THR A 264 15.23 27.43 32.28
CA THR A 264 14.51 26.21 31.95
C THR A 264 13.24 26.51 31.16
N ARG A 265 12.83 25.53 30.37
CA ARG A 265 11.60 25.59 29.58
C ARG A 265 11.00 24.19 29.55
N ASN A 266 9.67 24.14 29.71
CA ASN A 266 8.87 22.92 29.64
C ASN A 266 9.30 21.86 30.65
N LYS A 267 9.89 22.30 31.76
CA LYS A 267 10.25 21.54 32.96
C LYS A 267 11.45 20.60 32.75
N ASN A 268 11.95 20.47 31.51
CA ASN A 268 13.10 19.61 31.28
C ASN A 268 14.14 20.16 30.30
N GLU A 269 13.83 21.13 29.46
CA GLU A 269 14.78 21.59 28.43
C GLU A 269 15.45 22.87 28.89
N PHE A 270 16.78 22.86 28.95
CA PHE A 270 17.43 24.11 29.34
C PHE A 270 18.74 24.31 28.58
N CYS A 271 19.16 25.56 28.57
CA CYS A 271 20.26 26.09 27.76
C CYS A 271 21.27 26.78 28.67
N MET A 272 22.32 27.34 28.06
CA MET A 272 23.31 28.11 28.80
C MET A 272 23.70 29.35 28.02
N LYS A 273 23.57 30.51 28.66
CA LYS A 273 24.09 31.76 28.13
C LYS A 273 25.04 32.45 29.10
N GLU A 274 24.63 32.58 30.37
CA GLU A 274 25.44 33.27 31.38
C GLU A 274 26.21 32.23 32.19
N THR A 275 27.27 31.71 31.59
CA THR A 275 28.14 30.74 32.23
C THR A 275 29.59 31.20 32.11
N GLY A 276 30.47 30.52 32.82
CA GLY A 276 31.88 30.88 32.80
C GLY A 276 32.56 30.50 31.49
N ARG A 277 33.74 31.08 31.29
CA ARG A 277 34.51 30.80 30.08
C ARG A 277 35.06 29.38 30.10
N GLU A 278 35.43 28.88 31.29
CA GLU A 278 35.87 27.49 31.41
C GLU A 278 34.75 26.53 31.11
N ASN A 279 33.54 26.83 31.58
CA ASN A 279 32.37 25.98 31.28
C ASN A 279 32.02 26.04 29.80
N LYS A 280 32.17 27.22 29.18
CA LYS A 280 31.95 27.33 27.74
C LYS A 280 32.99 26.54 26.95
N THR A 281 34.24 26.54 27.41
CA THR A 281 35.29 25.75 26.76
C THR A 281 35.01 24.26 26.88
N ILE A 282 34.56 23.82 28.07
CA ILE A 282 34.22 22.41 28.27
C ILE A 282 33.04 22.00 27.39
N TYR A 283 32.01 22.86 27.31
CA TYR A 283 30.85 22.58 26.47
C TYR A 283 31.21 22.55 25.00
N PHE A 284 32.12 23.44 24.56
CA PHE A 284 32.49 23.47 23.16
C PHE A 284 33.42 22.31 22.80
N LYS A 285 34.24 21.84 23.75
CA LYS A 285 35.01 20.63 23.51
C LYS A 285 34.11 19.40 23.42
N GLY A 286 33.08 19.35 24.27
CA GLY A 286 32.09 18.29 24.16
C GLY A 286 31.32 18.33 22.86
N LEU A 287 31.03 19.53 22.36
CA LEU A 287 30.34 19.65 21.08
C LEU A 287 31.27 19.33 19.92
N ALA A 288 32.57 19.59 20.07
CA ALA A 288 33.53 19.18 19.06
C ALA A 288 33.65 17.67 19.00
N VAL A 289 33.56 16.99 20.15
CA VAL A 289 33.46 15.54 20.16
C VAL A 289 32.14 15.09 19.54
N MET A 290 31.07 15.84 19.81
CA MET A 290 29.75 15.59 19.22
C MET A 290 29.74 15.70 17.70
N ASN A 291 30.64 16.52 17.14
CA ASN A 291 30.71 16.85 15.71
C ASN A 291 29.39 17.47 15.24
N ILE A 292 29.01 18.55 15.92
CA ILE A 292 27.79 19.28 15.61
C ILE A 292 28.01 20.77 15.82
N HIS A 339 37.71 5.00 0.75
CA HIS A 339 36.88 4.18 1.63
C HIS A 339 37.56 3.97 2.98
N MET A 340 36.77 4.03 4.05
CA MET A 340 37.30 3.88 5.39
C MET A 340 36.36 2.94 6.15
N LYS A 341 36.07 1.80 5.55
CA LYS A 341 35.23 0.78 6.19
C LYS A 341 36.10 -0.35 6.72
N LYS A 342 35.70 -0.89 7.87
CA LYS A 342 36.44 -1.96 8.53
C LYS A 342 35.49 -3.14 8.75
N LEU A 343 35.83 -4.28 8.16
CA LEU A 343 34.97 -5.44 8.10
C LEU A 343 35.64 -6.60 8.83
N ILE A 344 34.87 -7.68 9.04
CA ILE A 344 35.39 -8.93 9.60
C ILE A 344 34.99 -10.07 8.68
N ARG A 345 35.76 -11.16 8.73
CA ARG A 345 35.55 -12.28 7.83
C ARG A 345 34.50 -13.23 8.43
N HIS A 346 33.81 -13.95 7.54
CA HIS A 346 32.63 -14.74 7.90
C HIS A 346 32.94 -15.96 8.76
N ASP A 347 34.19 -16.38 8.90
CA ASP A 347 34.53 -17.60 9.63
C ASP A 347 35.46 -17.31 10.80
N ASN A 348 35.17 -16.25 11.54
CA ASN A 348 35.89 -15.98 12.78
C ASN A 348 35.37 -16.88 13.89
N GLU A 349 36.21 -17.09 14.91
CA GLU A 349 35.85 -17.91 16.06
C GLU A 349 35.84 -17.14 17.37
N ASP A 350 36.77 -16.19 17.52
CA ASP A 350 36.74 -15.30 18.68
C ASP A 350 35.50 -14.42 18.67
N SER A 351 34.99 -14.09 17.49
CA SER A 351 33.70 -13.40 17.39
C SER A 351 32.57 -14.27 17.90
N LEU A 352 32.62 -15.58 17.64
CA LEU A 352 31.61 -16.50 18.18
C LEU A 352 31.68 -16.58 19.70
N SER A 353 32.90 -16.67 20.25
CA SER A 353 33.04 -16.72 21.71
C SER A 353 32.58 -15.43 22.37
N TRP A 354 32.93 -14.28 21.76
CA TRP A 354 32.50 -12.99 22.28
C TRP A 354 30.99 -12.84 22.19
N CYS A 355 30.38 -13.32 21.10
CA CYS A 355 28.93 -13.23 20.96
C CYS A 355 28.21 -14.12 21.96
N GLU A 356 28.78 -15.30 22.26
CA GLU A 356 28.21 -16.16 23.30
C GLU A 356 28.25 -15.49 24.66
N ARG A 357 29.40 -14.88 25.00
CA ARG A 357 29.52 -14.14 26.26
C ARG A 357 28.56 -12.97 26.31
N ILE A 358 28.38 -12.29 25.17
CA ILE A 358 27.41 -11.20 25.04
C ILE A 358 26.01 -11.69 25.34
N LYS A 359 25.65 -12.88 24.83
CA LYS A 359 24.32 -13.43 25.04
C LYS A 359 24.07 -13.77 26.52
N ASP A 360 25.04 -14.42 27.18
CA ASP A 360 24.85 -14.75 28.59
C ASP A 360 24.79 -13.49 29.46
N SER A 361 25.62 -12.50 29.14
CA SER A 361 25.59 -11.26 29.90
C SER A 361 24.30 -10.49 29.67
N LEU A 362 23.74 -10.54 28.46
CA LEU A 362 22.42 -9.96 28.19
C LEU A 362 21.34 -10.62 29.04
N PHE A 363 21.35 -11.94 29.12
CA PHE A 363 20.31 -12.63 29.87
C PHE A 363 20.41 -12.35 31.36
N VAL A 364 21.64 -12.37 31.90
CA VAL A 364 21.80 -12.09 33.33
C VAL A 364 21.60 -10.61 33.65
N LEU A 365 21.73 -9.71 32.66
CA LEU A 365 21.36 -8.32 32.88
C LEU A 365 19.86 -8.13 32.85
N HIS A 366 19.17 -8.84 31.95
CA HIS A 366 17.72 -8.73 31.84
C HIS A 366 17.00 -9.36 33.02
N ASN A 367 17.58 -10.36 33.67
CA ASN A 367 16.92 -10.97 34.83
C ASN A 367 17.21 -10.22 36.13
N GLY A 368 16.84 -8.95 36.21
CA GLY A 368 17.06 -8.19 37.44
C GLY A 368 16.05 -7.13 37.79
N ASP A 369 14.94 -7.04 37.07
CA ASP A 369 14.02 -5.92 37.23
C ASP A 369 13.04 -6.15 38.39
N ILE A 370 12.59 -5.05 38.98
CA ILE A 370 11.67 -5.09 40.10
C ILE A 370 10.32 -4.45 39.83
N ARG A 371 10.15 -3.74 38.71
CA ARG A 371 8.89 -3.08 38.43
C ARG A 371 7.80 -4.10 38.10
N GLU A 372 6.54 -3.74 38.38
CA GLU A 372 5.43 -4.65 38.18
C GLU A 372 4.17 -4.01 37.60
N GLU A 373 4.18 -2.72 37.29
CA GLU A 373 3.02 -2.05 36.73
C GLU A 373 3.46 -1.04 35.69
N GLY A 374 2.59 -0.83 34.70
CA GLY A 374 2.91 0.09 33.62
C GLY A 374 1.76 0.24 32.66
N LYS A 375 2.07 0.71 31.46
CA LYS A 375 1.07 0.94 30.42
C LYS A 375 0.94 -0.25 29.48
N ILE A 376 2.08 -0.74 28.96
CA ILE A 376 2.08 -1.91 28.07
C ILE A 376 1.64 -3.15 28.83
N THR A 377 2.07 -3.26 30.10
CA THR A 377 1.73 -4.40 30.94
C THR A 377 0.22 -4.51 31.17
N SER A 378 -0.46 -3.38 31.32
CA SER A 378 -1.90 -3.39 31.58
C SER A 378 -2.69 -3.96 30.41
N VAL A 379 -2.40 -3.50 29.20
CA VAL A 379 -3.15 -3.95 28.03
C VAL A 379 -2.79 -5.40 27.69
N TYR A 380 -1.50 -5.76 27.76
CA TYR A 380 -1.12 -7.14 27.46
C TYR A 380 -1.62 -8.11 28.53
N ASN A 381 -1.69 -7.69 29.79
CA ASN A 381 -2.23 -8.55 30.83
C ASN A 381 -3.74 -8.64 30.73
N ASN A 382 -4.41 -7.59 30.26
CA ASN A 382 -5.84 -7.67 29.99
C ASN A 382 -6.14 -8.66 28.88
N TYR A 383 -5.31 -8.68 27.84
CA TYR A 383 -5.58 -9.58 26.72
C TYR A 383 -5.04 -10.99 26.90
N ALA A 384 -4.03 -11.21 27.76
CA ALA A 384 -3.40 -12.52 27.86
C ALA A 384 -3.37 -13.12 29.26
N LYS A 385 -3.66 -12.36 30.31
CA LYS A 385 -3.65 -12.94 31.66
C LYS A 385 -4.85 -13.84 31.87
N ASN A 386 -6.03 -13.40 31.45
CA ASN A 386 -7.25 -14.22 31.46
C ASN A 386 -7.91 -14.10 30.10
N PRO A 387 -7.39 -14.79 29.08
CA PRO A 387 -7.92 -14.64 27.72
C PRO A 387 -9.15 -15.49 27.43
N GLU A 388 -9.72 -16.16 28.44
CA GLU A 388 -10.91 -16.99 28.25
C GLU A 388 -12.15 -16.20 27.86
N CYS A 389 -12.13 -14.87 28.02
CA CYS A 389 -13.21 -14.03 27.50
C CYS A 389 -13.20 -13.94 25.99
N LEU A 390 -12.12 -14.35 25.32
CA LEU A 390 -12.05 -14.31 23.87
C LEU A 390 -12.68 -15.53 23.20
N TYR A 391 -13.02 -16.56 23.96
CA TYR A 391 -13.58 -17.79 23.41
C TYR A 391 -15.05 -17.92 23.80
N ILE A 392 -15.70 -18.94 23.24
CA ILE A 392 -17.08 -19.24 23.58
C ILE A 392 -17.14 -20.61 24.25
N GLN A 393 -16.38 -21.57 23.72
CA GLN A 393 -16.25 -22.91 24.31
C GLN A 393 -14.89 -22.98 24.99
N ASP A 394 -14.84 -22.56 26.25
CA ASP A 394 -13.58 -22.45 26.97
C ASP A 394 -13.07 -23.80 27.46
N SER A 395 -13.97 -24.69 27.87
CA SER A 395 -13.57 -25.89 28.59
C SER A 395 -12.97 -26.98 27.71
N VAL A 396 -13.10 -26.87 26.38
CA VAL A 396 -12.68 -27.97 25.52
C VAL A 396 -11.18 -27.89 25.24
N LEU A 397 -10.54 -26.76 25.54
CA LEU A 397 -9.10 -26.61 25.42
C LEU A 397 -8.58 -25.86 26.63
N LYS A 398 -7.55 -26.41 27.28
CA LYS A 398 -6.98 -25.80 28.47
C LYS A 398 -5.47 -25.63 28.40
N THR A 399 -4.77 -26.57 27.76
CA THR A 399 -3.32 -26.51 27.69
C THR A 399 -2.85 -25.33 26.85
N GLU A 400 -3.59 -24.97 25.81
CA GLU A 400 -3.27 -23.79 25.01
C GLU A 400 -3.38 -22.51 25.85
N LEU A 401 -4.43 -22.41 26.66
CA LEU A 401 -4.61 -21.24 27.52
C LEU A 401 -3.53 -21.17 28.59
N GLU A 402 -3.17 -22.31 29.17
CA GLU A 402 -2.10 -22.33 30.17
C GLU A 402 -0.75 -22.00 29.55
N THR A 403 -0.52 -22.44 28.31
CA THR A 403 0.73 -22.09 27.61
C THR A 403 0.80 -20.59 27.34
N CYS A 404 -0.32 -19.99 26.93
CA CYS A 404 -0.36 -18.55 26.73
C CYS A 404 -0.12 -17.78 28.03
N LYS A 405 -0.71 -18.27 29.13
CA LYS A 405 -0.48 -17.64 30.44
C LYS A 405 0.96 -17.78 30.89
N LYS A 406 1.59 -18.93 30.62
CA LYS A 406 3.00 -19.11 30.98
C LYS A 406 3.91 -18.22 30.15
N ILE A 407 3.60 -18.03 28.86
CA ILE A 407 4.38 -17.13 28.01
C ILE A 407 4.23 -15.69 28.50
N ASN A 408 3.02 -15.30 28.91
CA ASN A 408 2.83 -13.96 29.46
C ASN A 408 3.53 -13.78 30.80
N LYS A 409 3.59 -14.84 31.60
CA LYS A 409 4.31 -14.79 32.87
C LYS A 409 5.82 -14.65 32.64
N LEU A 410 6.36 -15.34 31.63
CA LEU A 410 7.77 -15.19 31.30
C LEU A 410 8.07 -13.79 30.75
N CYS A 411 7.13 -13.23 29.98
CA CYS A 411 7.27 -11.86 29.50
C CYS A 411 7.25 -10.86 30.65
N ASN A 412 6.40 -11.10 31.65
CA ASN A 412 6.38 -10.23 32.83
C ASN A 412 7.67 -10.37 33.65
N ASP A 413 8.17 -11.59 33.79
CA ASP A 413 9.38 -11.84 34.56
C ASP A 413 10.63 -11.27 33.92
N LEU A 414 10.77 -11.38 32.60
CA LEU A 414 12.03 -11.04 31.92
C LEU A 414 12.05 -9.60 31.43
N ALA A 415 11.17 -8.74 31.94
CA ALA A 415 11.16 -7.29 31.72
C ALA A 415 11.01 -6.91 30.25
N ILE A 416 10.30 -7.76 29.49
CA ILE A 416 10.07 -7.50 28.08
C ILE A 416 9.14 -6.32 27.88
N TYR A 417 8.03 -6.31 28.64
CA TYR A 417 7.07 -5.21 28.56
C TYR A 417 7.68 -3.88 29.01
N HIS A 418 8.48 -3.92 30.08
CA HIS A 418 9.10 -2.70 30.58
C HIS A 418 10.18 -2.19 29.64
N TYR A 419 10.94 -3.10 29.02
CA TYR A 419 11.93 -2.70 28.03
C TYR A 419 11.26 -2.07 26.80
N SER A 420 10.16 -2.66 26.34
CA SER A 420 9.43 -2.09 25.20
C SER A 420 8.82 -0.75 25.55
N GLU A 421 8.29 -0.61 26.77
CA GLU A 421 7.73 0.66 27.23
C GLU A 421 8.80 1.74 27.30
N ASP A 422 9.99 1.40 27.81
CA ASP A 422 11.08 2.36 27.89
C ASP A 422 11.53 2.80 26.50
N MET A 423 11.62 1.84 25.57
CA MET A 423 12.00 2.17 24.19
C MET A 423 10.98 3.10 23.53
N MET A 424 9.68 2.80 23.71
CA MET A 424 8.63 3.62 23.11
C MET A 424 8.61 5.03 23.68
N GLN A 425 8.71 5.15 25.01
CA GLN A 425 8.69 6.48 25.63
C GLN A 425 9.94 7.28 25.29
N PHE A 426 11.11 6.64 25.20
CA PHE A 426 12.31 7.42 24.93
C PHE A 426 12.38 7.83 23.47
N SER A 427 11.87 6.98 22.57
CA SER A 427 11.76 7.38 21.16
C SER A 427 10.77 8.52 21.00
N LYS A 428 9.66 8.49 21.74
CA LYS A 428 8.72 9.62 21.72
C LYS A 428 9.36 10.90 22.23
N GLY A 429 10.16 10.79 23.30
CA GLY A 429 10.85 11.95 23.83
C GLY A 429 11.88 12.52 22.88
N LEU A 430 12.60 11.65 22.16
CA LEU A 430 13.56 12.12 21.17
C LEU A 430 12.86 12.77 19.97
N MET A 431 11.72 12.21 19.56
CA MET A 431 10.95 12.82 18.47
C MET A 431 10.40 14.19 18.87
N VAL A 432 10.01 14.34 20.13
CA VAL A 432 9.62 15.65 20.64
C VAL A 432 10.83 16.58 20.67
N ALA A 433 12.00 16.05 21.05
CA ALA A 433 13.22 16.86 21.11
C ALA A 433 13.70 17.31 19.73
N ASP A 434 13.29 16.62 18.66
CA ASP A 434 13.49 17.17 17.31
C ASP A 434 12.55 18.36 17.15
N ARG A 435 13.08 19.55 17.35
CA ARG A 435 12.28 20.77 17.49
C ARG A 435 13.20 21.95 17.15
N TYR A 436 12.65 23.17 17.13
CA TYR A 436 13.38 24.39 16.77
C TYR A 436 14.43 24.81 17.80
N MET A 437 14.65 24.00 18.83
CA MET A 437 15.68 24.27 19.84
C MET A 437 17.08 24.25 19.23
N THR A 438 17.95 25.12 19.73
CA THR A 438 19.21 25.45 19.08
C THR A 438 20.32 24.53 19.57
N LYS A 439 21.56 24.83 19.18
CA LYS A 439 22.69 23.97 19.52
C LYS A 439 23.22 24.22 20.92
N GLU A 440 22.82 25.32 21.55
CA GLU A 440 23.28 25.63 22.91
C GLU A 440 22.30 25.15 23.99
N SER A 441 21.23 24.47 23.60
CA SER A 441 20.26 23.94 24.55
C SER A 441 20.30 22.41 24.53
N PHE A 442 19.77 21.81 25.60
CA PHE A 442 19.69 20.36 25.68
C PHE A 442 18.47 19.96 26.49
N LYS A 443 18.18 18.65 26.47
CA LYS A 443 17.02 18.07 27.13
C LYS A 443 17.48 16.87 27.96
N ILE A 444 16.79 16.65 29.08
CA ILE A 444 17.07 15.51 29.97
C ILE A 444 15.89 14.56 29.87
N LEU A 445 16.10 13.39 29.26
CA LEU A 445 15.04 12.41 29.09
C LEU A 445 15.09 11.37 30.20
N THR A 446 13.95 11.22 30.89
CA THR A 446 13.76 10.25 31.96
C THR A 446 12.32 9.75 31.91
N THR A 447 12.14 8.44 31.72
CA THR A 447 10.83 7.79 31.80
C THR A 447 10.62 7.27 33.22
N ALA A 448 9.65 6.36 33.39
CA ALA A 448 9.41 5.70 34.67
C ALA A 448 10.52 4.74 35.10
N ASN A 449 11.56 4.55 34.28
CA ASN A 449 12.76 3.85 34.73
C ASN A 449 13.41 4.61 35.87
N THR A 450 13.87 3.87 36.89
CA THR A 450 14.14 4.48 38.19
C THR A 450 15.44 5.27 38.20
N SER A 451 16.48 4.83 37.50
CA SER A 451 17.74 5.57 37.51
C SER A 451 18.45 5.57 36.15
N MET A 452 17.69 5.61 35.06
CA MET A 452 18.25 5.72 33.73
C MET A 452 18.00 7.11 33.17
N MET A 453 19.06 7.77 32.74
CA MET A 453 18.92 9.12 32.19
C MET A 453 19.58 9.19 30.82
N LEU A 454 19.07 10.09 29.98
CA LEU A 454 19.81 10.46 28.78
C LEU A 454 19.80 11.97 28.57
N LEU A 455 20.90 12.45 28.01
CA LEU A 455 21.11 13.86 27.67
C LEU A 455 21.03 13.95 26.16
N ALA A 456 20.00 14.65 25.67
CA ALA A 456 19.77 14.81 24.25
C ALA A 456 20.11 16.23 23.79
N PHE A 457 20.91 16.32 22.74
CA PHE A 457 21.39 17.57 22.18
C PHE A 457 20.63 17.91 20.91
N LYS A 458 21.10 18.91 20.18
CA LYS A 458 20.47 19.34 18.93
C LYS A 458 20.59 18.27 17.84
N SER A 467 20.32 14.68 10.16
CA SER A 467 21.10 13.45 10.22
C SER A 467 20.66 12.59 11.39
N GLY A 468 20.28 13.23 12.47
CA GLY A 468 19.80 12.54 13.66
C GLY A 468 19.96 13.41 14.88
N VAL A 469 19.59 12.82 16.02
CA VAL A 469 19.71 13.49 17.32
C VAL A 469 20.89 12.90 18.07
N PRO A 470 21.92 13.69 18.39
CA PRO A 470 23.07 13.17 19.15
C PRO A 470 22.75 13.16 20.64
N TYR A 471 23.03 12.04 21.29
CA TYR A 471 22.67 11.91 22.69
C TYR A 471 23.65 11.02 23.44
N ILE A 472 23.61 11.15 24.77
CA ILE A 472 24.44 10.38 25.71
C ILE A 472 23.49 9.67 26.67
N ALA A 473 23.82 8.44 27.04
CA ALA A 473 23.07 7.72 28.05
C ALA A 473 23.89 7.57 29.33
N LEU A 474 23.22 7.73 30.47
CA LEU A 474 23.82 7.61 31.79
C LEU A 474 23.07 6.58 32.62
N HIS A 475 23.80 5.65 33.22
CA HIS A 475 23.22 4.58 34.01
C HIS A 475 23.91 4.40 35.35
N ILE A 476 23.15 3.88 36.31
CA ILE A 476 23.61 3.52 37.64
C ILE A 476 23.54 2.00 37.73
N VAL A 477 24.64 1.35 38.09
CA VAL A 477 24.67 -0.11 38.20
C VAL A 477 25.18 -0.48 39.59
N ASP A 478 24.49 -1.43 40.22
CA ASP A 478 24.90 -1.88 41.55
C ASP A 478 26.13 -2.77 41.46
N GLU A 479 26.72 -3.07 42.62
CA GLU A 479 27.93 -3.88 42.68
C GLU A 479 27.68 -5.36 42.42
N ASP A 480 26.41 -5.78 42.40
CA ASP A 480 26.11 -7.20 42.20
C ASP A 480 26.44 -7.66 40.78
N MET A 481 26.00 -6.89 39.77
CA MET A 481 26.19 -7.25 38.35
C MET A 481 26.85 -6.07 37.64
N SER A 482 28.18 -6.00 37.72
CA SER A 482 28.92 -4.94 37.05
C SER A 482 29.86 -5.46 35.98
N ASP A 483 30.54 -6.58 36.22
CA ASP A 483 31.38 -7.18 35.20
C ASP A 483 30.56 -7.71 34.03
N GLN A 484 29.34 -8.15 34.29
CA GLN A 484 28.47 -8.59 33.20
C GLN A 484 27.99 -7.41 32.37
N PHE A 485 27.77 -6.26 33.01
CA PHE A 485 27.53 -5.01 32.29
C PHE A 485 28.74 -4.62 31.44
N ASN A 486 29.95 -4.82 31.98
CA ASN A 486 31.16 -4.55 31.21
C ASN A 486 31.29 -5.47 30.01
N ILE A 487 30.90 -6.74 30.16
CA ILE A 487 30.95 -7.68 29.05
C ILE A 487 29.90 -7.34 27.99
N CYS A 488 28.70 -6.93 28.42
CA CYS A 488 27.65 -6.51 27.49
C CYS A 488 28.07 -5.29 26.69
N TYR A 489 28.44 -4.21 27.36
CA TYR A 489 28.63 -2.93 26.70
C TYR A 489 30.10 -2.55 26.58
N THR A 490 30.95 -3.54 26.26
CA THR A 490 32.39 -3.30 26.15
C THR A 490 32.73 -2.39 24.98
N LYS A 491 31.86 -2.33 23.96
CA LYS A 491 32.09 -1.44 22.84
C LYS A 491 31.58 -0.03 23.11
N GLU A 492 30.60 0.11 24.01
CA GLU A 492 29.91 1.38 24.18
C GLU A 492 29.95 1.91 25.61
N ILE A 493 31.10 1.82 26.27
CA ILE A 493 31.33 2.46 27.56
C ILE A 493 32.58 3.31 27.46
N TYR A 494 32.45 4.61 27.69
CA TYR A 494 33.58 5.53 27.71
C TYR A 494 34.15 5.72 29.11
N SER A 495 33.30 5.94 30.10
CA SER A 495 33.75 6.22 31.45
C SER A 495 32.82 5.56 32.46
N TYR A 496 33.43 5.19 33.59
CA TYR A 496 32.69 4.67 34.74
C TYR A 496 33.50 4.97 35.99
N PHE A 497 32.80 5.17 37.09
CA PHE A 497 33.47 5.36 38.37
C PHE A 497 32.61 4.80 39.50
N ARG A 498 33.15 4.86 40.72
CA ARG A 498 32.54 4.24 41.88
C ARG A 498 32.09 5.32 42.86
N ASN A 499 30.84 5.22 43.32
CA ASN A 499 30.30 6.13 44.31
C ASN A 499 29.44 5.32 45.27
N GLY A 500 29.83 5.30 46.54
CA GLY A 500 29.10 4.54 47.55
C GLY A 500 29.20 3.05 47.28
N SER A 501 28.04 2.41 47.13
CA SER A 501 27.96 1.02 46.71
C SER A 501 27.48 0.89 45.27
N ASN A 502 27.73 1.90 44.44
CA ASN A 502 27.22 1.92 43.07
C ASN A 502 28.34 2.31 42.11
N TYR A 503 28.11 1.99 40.85
CA TYR A 503 28.97 2.39 39.74
C TYR A 503 28.17 3.27 38.80
N ILE A 504 28.82 4.32 38.30
CA ILE A 504 28.21 5.28 37.38
C ILE A 504 28.83 5.04 36.02
N TYR A 505 27.99 4.81 35.01
CA TYR A 505 28.43 4.50 33.65
C TYR A 505 27.89 5.53 32.66
N ILE A 506 28.77 5.96 31.75
CA ILE A 506 28.44 6.92 30.70
C ILE A 506 28.73 6.27 29.36
N MET A 507 27.75 6.28 28.44
CA MET A 507 27.95 5.66 27.15
C MET A 507 28.36 6.69 26.10
N ARG A 508 28.66 6.21 24.88
CA ARG A 508 29.07 7.08 23.80
C ARG A 508 27.89 7.86 23.24
N PRO A 509 28.16 9.00 22.59
CA PRO A 509 27.11 9.66 21.80
C PRO A 509 26.62 8.78 20.67
N GLN A 510 25.32 8.86 20.40
CA GLN A 510 24.71 8.16 19.27
C GLN A 510 23.72 9.08 18.58
N ARG A 511 23.46 8.78 17.30
CA ARG A 511 22.60 9.60 16.44
C ARG A 511 21.47 8.74 15.90
N LEU A 512 20.25 9.29 15.90
CA LEU A 512 19.05 8.60 15.45
C LEU A 512 18.32 9.45 14.42
N ASN A 513 17.76 8.80 13.40
CA ASN A 513 16.94 9.46 12.40
C ASN A 513 15.46 9.31 12.76
N GLN A 514 14.60 9.97 11.99
CA GLN A 514 13.18 10.03 12.31
C GLN A 514 12.48 8.69 12.11
N VAL A 515 12.73 8.04 10.97
CA VAL A 515 12.12 6.75 10.71
C VAL A 515 12.74 5.68 11.60
N ARG A 516 14.01 5.87 11.98
CA ARG A 516 14.63 4.97 12.96
C ARG A 516 13.97 5.11 14.33
N LEU A 517 13.62 6.33 14.73
CA LEU A 517 12.88 6.54 15.96
C LEU A 517 11.47 5.96 15.86
N LEU A 518 10.87 6.00 14.66
CA LEU A 518 9.57 5.36 14.47
C LEU A 518 9.65 3.84 14.60
N SER A 519 10.72 3.24 14.08
CA SER A 519 10.93 1.80 14.23
C SER A 519 11.20 1.44 15.68
N LEU A 520 11.87 2.32 16.42
CA LEU A 520 11.99 2.12 17.86
C LEU A 520 10.65 2.31 18.57
N PHE A 521 9.79 3.16 18.02
CA PHE A 521 8.47 3.38 18.59
C PHE A 521 7.56 2.17 18.38
N LYS A 522 7.82 1.37 17.34
CA LYS A 522 7.03 0.16 17.10
C LYS A 522 7.49 -1.05 17.92
N THR A 523 8.39 -0.83 18.89
CA THR A 523 8.90 -1.93 19.71
C THR A 523 7.85 -2.67 20.54
N PRO A 524 6.88 -2.02 21.24
CA PRO A 524 5.88 -2.83 21.98
C PRO A 524 4.95 -3.64 21.10
N SER A 525 4.87 -3.36 19.81
CA SER A 525 4.15 -4.23 18.89
C SER A 525 5.05 -5.29 18.26
N LYS A 526 6.35 -5.00 18.11
CA LYS A 526 7.25 -5.94 17.42
C LYS A 526 7.79 -7.02 18.36
N VAL A 527 8.32 -6.61 19.51
CA VAL A 527 9.07 -7.54 20.36
C VAL A 527 8.22 -8.64 21.02
N PRO A 528 7.11 -8.33 21.72
CA PRO A 528 6.42 -9.42 22.45
C PRO A 528 5.80 -10.50 21.57
N VAL A 529 5.34 -10.16 20.37
CA VAL A 529 4.81 -11.19 19.47
C VAL A 529 5.93 -12.07 18.94
N CYS A 530 7.13 -11.50 18.76
CA CYS A 530 8.30 -12.30 18.39
C CYS A 530 8.68 -13.27 19.49
N PHE A 531 8.67 -12.80 20.75
CA PHE A 531 8.95 -13.67 21.88
C PHE A 531 7.90 -14.77 22.01
N ALA A 532 6.63 -14.42 21.83
CA ALA A 532 5.54 -15.39 21.97
C ALA A 532 5.62 -16.48 20.90
N GLN A 533 5.84 -16.09 19.64
CA GLN A 533 5.91 -17.09 18.58
C GLN A 533 7.20 -17.91 18.64
N PHE A 534 8.32 -17.31 19.05
CA PHE A 534 9.55 -18.08 19.19
C PHE A 534 9.45 -19.10 20.32
N SER A 535 8.86 -18.70 21.45
CA SER A 535 8.65 -19.65 22.55
C SER A 535 7.60 -20.69 22.20
N LYS A 536 6.65 -20.36 21.33
CA LYS A 536 5.70 -21.36 20.86
C LYS A 536 6.36 -22.37 19.94
N LYS A 537 7.19 -21.90 19.01
CA LYS A 537 7.76 -22.78 17.99
C LYS A 537 8.95 -23.57 18.51
N ALA A 538 9.56 -23.15 19.61
CA ALA A 538 10.66 -23.91 20.20
C ALA A 538 10.12 -25.18 20.86
N ASN A 539 10.57 -26.34 20.37
CA ASN A 539 9.97 -27.62 20.73
C ASN A 539 10.26 -28.01 22.19
N GLU A 540 11.53 -27.95 22.60
CA GLU A 540 11.85 -28.37 23.96
C GLU A 540 11.42 -27.32 24.98
N MET A 541 11.36 -26.05 24.57
CA MET A 541 10.78 -25.03 25.42
C MET A 541 9.29 -25.26 25.63
N GLU A 542 8.58 -25.64 24.55
CA GLU A 542 7.16 -25.93 24.65
C GLU A 542 6.92 -27.17 25.52
N LYS A 543 7.76 -28.19 25.40
CA LYS A 543 7.57 -29.38 26.23
C LYS A 543 7.95 -29.11 27.68
N TRP A 544 8.89 -28.20 27.94
CA TRP A 544 9.19 -27.80 29.31
C TRP A 544 8.05 -27.00 29.93
N LEU A 545 7.45 -26.10 29.15
CA LEU A 545 6.30 -25.35 29.63
C LEU A 545 5.08 -26.23 29.84
N LYS A 546 4.93 -27.28 29.03
CA LYS A 546 3.88 -28.26 29.28
C LYS A 546 4.18 -29.12 30.49
N ASN A 547 5.46 -29.39 30.76
CA ASN A 547 5.84 -30.19 31.93
C ASN A 547 5.58 -29.43 33.22
N LYS A 548 6.03 -28.18 33.30
CA LYS A 548 5.91 -27.42 34.53
C LYS A 548 4.52 -26.78 34.66
N ASP A 549 4.18 -26.40 35.88
CA ASP A 549 2.95 -25.69 36.18
C ASP A 549 3.25 -24.20 36.38
N ILE A 550 2.19 -23.39 36.28
CA ILE A 550 2.35 -21.94 36.24
C ILE A 550 2.85 -21.38 37.58
N GLU A 551 2.62 -22.10 38.68
CA GLU A 551 3.10 -21.64 39.97
C GLU A 551 4.60 -21.86 40.15
N LYS A 552 5.24 -22.62 39.27
CA LYS A 552 6.61 -23.05 39.49
C LYS A 552 7.60 -22.68 38.39
N VAL A 553 7.17 -21.98 37.33
CA VAL A 553 8.13 -21.59 36.30
C VAL A 553 8.98 -20.42 36.79
N ASN A 554 10.28 -20.50 36.51
CA ASN A 554 11.27 -19.48 36.83
C ASN A 554 12.54 -19.82 36.08
N VAL A 555 13.47 -18.86 36.03
CA VAL A 555 14.74 -19.07 35.35
C VAL A 555 15.62 -20.04 36.15
N PHE A 556 15.63 -19.90 37.47
CA PHE A 556 16.53 -20.64 38.35
C PHE A 556 16.33 -22.15 38.26
N SER A 557 15.12 -22.60 37.92
CA SER A 557 14.82 -24.02 37.80
C SER A 557 14.77 -24.49 36.35
N MET A 558 15.44 -23.82 35.41
CA MET A 558 15.62 -24.35 34.06
C MET A 558 16.94 -25.09 33.96
N THR A 559 16.98 -26.06 33.05
CA THR A 559 18.19 -26.81 32.75
C THR A 559 19.12 -25.95 31.89
N MET A 560 20.33 -26.47 31.62
CA MET A 560 21.32 -25.73 30.84
C MET A 560 20.85 -25.53 29.40
N THR A 561 20.25 -26.56 28.79
CA THR A 561 19.81 -26.47 27.40
C THR A 561 18.63 -25.51 27.25
N VAL A 562 17.64 -25.63 28.14
CA VAL A 562 16.47 -24.73 28.09
C VAL A 562 16.87 -23.31 28.42
N LYS A 563 17.83 -23.14 29.35
CA LYS A 563 18.34 -21.82 29.67
C LYS A 563 19.06 -21.20 28.47
N GLN A 564 19.87 -21.99 27.77
CA GLN A 564 20.57 -21.51 26.58
C GLN A 564 19.60 -21.15 25.46
N ILE A 565 18.54 -21.95 25.29
CA ILE A 565 17.59 -21.66 24.22
C ILE A 565 16.75 -20.44 24.57
N LEU A 566 16.53 -20.19 25.86
CA LEU A 566 15.86 -18.95 26.26
C LEU A 566 16.77 -17.75 26.05
N ILE A 567 18.07 -17.92 26.28
CA ILE A 567 19.04 -16.86 26.02
C ILE A 567 19.04 -16.50 24.54
N ASN A 568 19.04 -17.52 23.68
CA ASN A 568 19.03 -17.30 22.23
C ASN A 568 17.73 -16.66 21.77
N ILE A 569 16.59 -17.07 22.35
CA ILE A 569 15.30 -16.50 21.98
C ILE A 569 15.21 -15.03 22.39
N VAL A 570 15.66 -14.71 23.60
CA VAL A 570 15.66 -13.33 24.08
C VAL A 570 16.57 -12.45 23.22
N PHE A 571 17.77 -12.97 22.90
CA PHE A 571 18.71 -12.22 22.07
C PHE A 571 18.16 -11.98 20.67
N SER A 572 17.54 -13.00 20.08
CA SER A 572 16.95 -12.87 18.75
C SER A 572 15.80 -11.88 18.74
N SER A 573 14.93 -11.92 19.77
CA SER A 573 13.81 -10.99 19.85
C SER A 573 14.29 -9.56 20.03
N VAL A 574 15.30 -9.34 20.87
CA VAL A 574 15.84 -8.00 21.10
C VAL A 574 16.50 -7.45 19.83
N MET A 575 17.29 -8.27 19.14
CA MET A 575 17.97 -7.78 17.94
C MET A 575 17.07 -7.77 16.71
N ILE A 576 15.88 -8.36 16.78
CA ILE A 576 14.96 -8.31 15.64
C ILE A 576 13.94 -7.18 15.79
N GLY A 577 13.38 -6.98 16.99
CA GLY A 577 12.33 -5.99 17.15
C GLY A 577 12.81 -4.55 17.07
N THR A 578 14.10 -4.31 17.31
CA THR A 578 14.66 -2.96 17.29
C THR A 578 15.77 -2.87 16.25
N VAL A 579 15.52 -3.40 15.05
CA VAL A 579 16.52 -3.36 14.00
C VAL A 579 16.60 -1.95 13.41
N THR A 580 17.81 -1.42 13.30
CA THR A 580 17.99 -0.05 12.85
C THR A 580 19.01 0.07 11.71
N LYS A 581 20.08 -0.70 11.79
CA LYS A 581 21.20 -0.57 10.86
C LYS A 581 20.99 -1.42 9.61
N LEU A 582 21.76 -1.09 8.56
CA LEU A 582 21.55 -1.67 7.24
C LEU A 582 22.21 -3.04 7.06
N SER A 583 23.14 -3.41 7.95
CA SER A 583 23.77 -4.72 7.86
C SER A 583 22.76 -5.84 8.12
N ARG A 584 21.89 -5.64 9.11
CA ARG A 584 20.83 -6.62 9.36
C ARG A 584 19.82 -6.65 8.22
N MET A 585 19.57 -5.50 7.59
CA MET A 585 18.71 -5.47 6.41
C MET A 585 19.28 -6.29 5.27
N GLY A 586 20.58 -6.15 5.02
CA GLY A 586 21.23 -6.95 3.98
C GLY A 586 21.26 -8.43 4.31
N ILE A 587 21.49 -8.77 5.60
CA ILE A 587 21.51 -10.17 6.02
C ILE A 587 20.13 -10.82 5.86
N PHE A 588 19.08 -10.10 6.26
CA PHE A 588 17.74 -10.66 6.16
C PHE A 588 17.24 -10.68 4.71
N ASP A 589 17.68 -9.75 3.87
CA ASP A 589 17.40 -9.86 2.44
C ASP A 589 18.09 -11.08 1.83
N PHE A 590 19.34 -11.34 2.25
CA PHE A 590 20.06 -12.53 1.79
C PHE A 590 19.37 -13.82 2.24
N MET A 591 18.86 -13.84 3.48
CA MET A 591 18.18 -15.04 3.96
C MET A 591 16.81 -15.19 3.31
N ARG A 592 16.16 -14.07 2.94
CA ARG A 592 14.94 -14.13 2.14
C ARG A 592 15.20 -14.77 0.78
N TYR A 593 16.30 -14.37 0.12
CA TYR A 593 16.56 -14.86 -1.22
C TYR A 593 17.35 -16.17 -1.23
N ALA A 594 17.78 -16.68 -0.08
CA ALA A 594 18.67 -17.83 -0.02
C ALA A 594 18.07 -18.99 0.80
N GLY A 595 16.80 -19.31 0.56
CA GLY A 595 16.19 -20.46 1.20
C GLY A 595 15.84 -21.57 0.23
N PHE A 596 16.42 -21.51 -0.97
CA PHE A 596 16.01 -22.36 -2.08
C PHE A 596 16.89 -23.59 -2.25
N LEU A 597 17.84 -23.82 -1.36
CA LEU A 597 18.74 -24.97 -1.49
C LEU A 597 18.13 -26.36 -1.29
N PRO A 598 17.01 -26.62 -0.48
CA PRO A 598 16.56 -28.02 -0.37
C PRO A 598 15.87 -28.59 -1.61
N LEU A 599 15.91 -27.88 -2.73
CA LEU A 599 15.14 -28.22 -3.91
C LEU A 599 16.09 -28.66 -5.03
N SER A 600 15.51 -29.15 -6.12
CA SER A 600 16.25 -29.84 -7.18
C SER A 600 17.25 -28.96 -7.92
N ASP A 601 16.77 -27.94 -8.63
CA ASP A 601 17.62 -27.02 -9.36
C ASP A 601 17.29 -25.59 -8.94
N TYR A 602 18.31 -24.79 -8.72
CA TYR A 602 18.05 -23.47 -8.16
C TYR A 602 18.69 -22.34 -8.95
N SER A 603 19.88 -22.55 -9.49
CA SER A 603 20.72 -21.56 -10.21
C SER A 603 21.06 -20.34 -9.36
N ASN A 604 20.86 -20.39 -8.04
CA ASN A 604 21.35 -19.38 -7.12
C ASN A 604 21.91 -19.98 -5.84
N ILE A 605 22.19 -21.29 -5.82
CA ILE A 605 22.77 -21.93 -4.64
C ILE A 605 24.17 -21.41 -4.36
N LYS A 606 24.98 -21.22 -5.41
CA LYS A 606 26.38 -20.83 -5.28
C LYS A 606 26.75 -19.60 -6.09
N GLU A 607 26.08 -19.38 -7.23
CA GLU A 607 26.39 -18.23 -8.07
C GLU A 607 25.91 -16.93 -7.42
N TYR A 608 24.78 -16.99 -6.72
CA TYR A 608 24.28 -15.81 -5.99
C TYR A 608 25.26 -15.40 -4.90
N ILE A 609 25.76 -16.37 -4.14
CA ILE A 609 26.73 -16.09 -3.10
C ILE A 609 28.05 -15.61 -3.70
N ARG A 610 28.43 -16.14 -4.87
CA ARG A 610 29.68 -15.73 -5.49
C ARG A 610 29.59 -14.33 -6.09
N ASP A 611 28.42 -13.88 -6.54
CA ASP A 611 28.31 -12.62 -7.25
C ASP A 611 27.58 -11.54 -6.47
N LYS A 612 26.32 -11.76 -6.08
CA LYS A 612 25.51 -10.67 -5.55
C LYS A 612 25.52 -10.56 -4.03
N PHE A 613 26.15 -11.51 -3.33
CA PHE A 613 26.19 -11.43 -1.88
C PHE A 613 27.16 -10.33 -1.45
N ASP A 614 26.69 -9.46 -0.55
CA ASP A 614 27.53 -8.38 -0.03
C ASP A 614 27.97 -8.74 1.38
N PRO A 615 29.23 -9.11 1.61
CA PRO A 615 29.70 -9.38 2.98
C PRO A 615 29.99 -8.11 3.74
N ASP A 616 28.92 -7.39 4.10
CA ASP A 616 29.03 -6.10 4.76
C ASP A 616 28.96 -6.21 6.27
N ILE A 617 29.50 -7.29 6.83
CA ILE A 617 29.50 -7.51 8.27
C ILE A 617 30.46 -6.49 8.90
N THR A 618 29.89 -5.49 9.58
CA THR A 618 30.68 -4.39 10.13
C THR A 618 30.77 -4.42 11.65
N ASN A 619 30.12 -5.38 12.31
CA ASN A 619 30.18 -5.46 13.76
C ASN A 619 30.02 -6.93 14.18
N VAL A 620 29.77 -7.14 15.46
CA VAL A 620 29.64 -8.47 16.04
C VAL A 620 28.14 -8.70 16.24
N ALA A 621 27.76 -9.97 16.43
CA ALA A 621 26.44 -10.48 16.82
C ALA A 621 25.46 -10.49 15.65
N ASP A 622 25.93 -10.14 14.47
CA ASP A 622 25.31 -10.61 13.23
C ASP A 622 25.99 -11.84 12.69
N ILE A 623 27.21 -12.11 13.18
CA ILE A 623 27.94 -13.35 12.89
C ILE A 623 27.17 -14.56 13.41
N TYR A 624 26.38 -14.37 14.49
CA TYR A 624 25.49 -15.42 14.97
C TYR A 624 24.45 -15.82 13.91
N PHE A 625 23.83 -14.82 13.27
CA PHE A 625 22.87 -15.11 12.21
C PHE A 625 23.56 -15.68 10.97
N VAL A 626 24.77 -15.18 10.66
CA VAL A 626 25.52 -15.67 9.51
C VAL A 626 25.91 -17.13 9.71
N ASN A 627 26.34 -17.51 10.91
CA ASN A 627 26.70 -18.90 11.15
C ASN A 627 25.47 -19.78 11.27
N GLY A 628 24.33 -19.22 11.71
CA GLY A 628 23.09 -19.99 11.70
C GLY A 628 22.63 -20.35 10.30
N ILE A 629 22.63 -19.36 9.39
CA ILE A 629 22.23 -19.65 8.01
C ILE A 629 23.29 -20.50 7.31
N LYS A 630 24.56 -20.34 7.69
CA LYS A 630 25.62 -21.18 7.12
C LYS A 630 25.48 -22.63 7.57
N LYS A 631 25.11 -22.86 8.83
CA LYS A 631 24.90 -24.22 9.31
C LYS A 631 23.67 -24.85 8.67
N LEU A 632 22.61 -24.07 8.48
CA LEU A 632 21.43 -24.58 7.79
C LEU A 632 21.74 -24.95 6.35
N LEU A 633 22.50 -24.12 5.64
CA LEU A 633 22.85 -24.44 4.26
C LEU A 633 23.86 -25.57 4.18
N PHE A 634 24.73 -25.71 5.19
CA PHE A 634 25.64 -26.85 5.27
C PHE A 634 24.86 -28.15 5.41
N ARG A 635 23.84 -28.16 6.27
CA ARG A 635 23.00 -29.35 6.43
C ARG A 635 22.20 -29.61 5.16
N MET A 636 21.76 -28.55 4.48
CA MET A 636 20.96 -28.72 3.27
C MET A 636 21.79 -29.29 2.11
N GLU A 637 23.04 -28.85 1.98
CA GLU A 637 23.92 -29.42 0.98
C GLU A 637 24.40 -30.81 1.36
N ASP A 638 24.57 -31.09 2.66
CA ASP A 638 25.00 -32.40 3.14
C ASP A 638 23.98 -33.50 2.90
N LEU A 639 22.74 -33.15 2.55
CA LEU A 639 21.67 -34.09 2.17
C LEU A 639 21.34 -35.10 3.27
N ASP A 655 2.45 -31.90 4.73
CA ASP A 655 2.28 -33.35 4.59
C ASP A 655 3.58 -34.08 4.87
N ILE A 656 4.70 -33.47 4.48
CA ILE A 656 6.02 -34.04 4.69
C ILE A 656 6.54 -33.57 6.03
N ILE A 657 6.85 -34.52 6.91
CA ILE A 657 7.40 -34.20 8.23
C ILE A 657 8.89 -33.94 8.07
N GLY A 658 9.32 -32.74 8.42
CA GLY A 658 10.71 -32.32 8.26
C GLY A 658 11.37 -32.11 9.62
N GLY A 659 12.65 -32.46 9.71
CA GLY A 659 13.41 -32.32 10.92
C GLY A 659 13.45 -33.55 11.80
N ILE A 660 12.57 -34.53 11.56
CA ILE A 660 12.63 -35.78 12.32
C ILE A 660 13.71 -36.71 11.79
N THR A 661 14.22 -36.45 10.59
CA THR A 661 15.34 -37.19 10.02
C THR A 661 16.52 -36.31 9.69
N ASP A 662 16.28 -35.10 9.18
CA ASP A 662 17.38 -34.20 8.85
C ASP A 662 17.99 -33.56 10.09
N LEU A 663 17.19 -33.38 11.15
CA LEU A 663 17.56 -32.73 12.40
C LEU A 663 18.11 -31.31 12.14
N ASN A 664 17.23 -30.47 11.58
CA ASN A 664 17.60 -29.13 11.16
C ASN A 664 17.58 -28.16 12.34
N ILE A 665 18.23 -27.01 12.14
CA ILE A 665 18.40 -25.98 13.14
C ILE A 665 17.85 -24.67 12.57
N LYS A 666 17.03 -23.97 13.36
CA LYS A 666 16.54 -22.66 12.94
C LYS A 666 17.69 -21.66 12.86
N CYS A 667 17.51 -20.64 12.04
CA CYS A 667 18.57 -19.65 11.88
C CYS A 667 18.60 -18.63 13.02
N PRO A 668 17.49 -17.88 13.37
CA PRO A 668 17.64 -16.88 14.44
C PRO A 668 17.66 -17.49 15.84
N ILE A 669 16.77 -18.45 16.08
CA ILE A 669 16.45 -18.91 17.43
C ILE A 669 17.04 -20.28 17.73
N THR A 670 17.79 -20.84 16.78
CA THR A 670 18.40 -22.19 16.80
C THR A 670 17.32 -23.26 16.87
N GLY A 671 16.56 -23.34 17.98
CA GLY A 671 15.35 -24.13 18.13
C GLY A 671 15.37 -25.57 17.67
N SER A 672 16.12 -26.42 18.37
CA SER A 672 16.41 -27.76 17.88
C SER A 672 15.16 -28.65 17.90
N THR A 673 15.27 -29.77 17.17
CA THR A 673 14.22 -30.80 17.02
C THR A 673 12.92 -30.20 16.47
N LEU A 674 13.00 -29.72 15.23
CA LEU A 674 11.81 -29.25 14.54
C LEU A 674 10.85 -30.39 14.25
N LEU A 675 9.57 -30.18 14.55
CA LEU A 675 8.58 -31.22 14.29
C LEU A 675 8.24 -31.29 12.81
N THR A 676 7.77 -30.20 12.24
CA THR A 676 7.33 -30.17 10.85
C THR A 676 8.11 -29.09 10.09
N LEU A 677 7.91 -29.08 8.77
CA LEU A 677 8.51 -28.07 7.91
C LEU A 677 7.78 -26.73 8.00
N GLU A 678 6.54 -26.75 8.50
CA GLU A 678 5.69 -25.56 8.58
C GLU A 678 6.26 -24.48 9.49
N ASP A 679 7.08 -24.84 10.47
CA ASP A 679 7.63 -23.90 11.44
C ASP A 679 8.82 -23.12 10.92
N LEU A 680 9.67 -23.76 10.10
CA LEU A 680 10.89 -23.12 9.61
C LEU A 680 10.56 -21.95 8.70
N TYR A 681 9.65 -22.17 7.73
CA TYR A 681 9.23 -21.10 6.83
C TYR A 681 8.54 -19.98 7.58
N ASN A 682 7.71 -20.33 8.56
CA ASN A 682 6.97 -19.32 9.32
C ASN A 682 7.90 -18.44 10.15
N ASN A 683 8.88 -19.05 10.83
CA ASN A 683 9.79 -18.26 11.67
C ASN A 683 10.74 -17.43 10.81
N VAL A 684 11.30 -18.03 9.76
CA VAL A 684 12.24 -17.32 8.90
C VAL A 684 11.55 -16.15 8.20
N TYR A 685 10.37 -16.40 7.62
CA TYR A 685 9.67 -15.32 6.93
C TYR A 685 9.02 -14.33 7.90
N LEU A 686 8.80 -14.70 9.16
CA LEU A 686 8.47 -13.69 10.16
C LEU A 686 9.62 -12.73 10.38
N ALA A 687 10.84 -13.28 10.48
CA ALA A 687 12.03 -12.43 10.59
C ALA A 687 12.23 -11.59 9.32
N ILE A 688 11.81 -12.11 8.17
CA ILE A 688 11.91 -11.35 6.92
C ILE A 688 10.89 -10.21 6.90
N TYR A 689 9.63 -10.51 7.20
CA TYR A 689 8.54 -9.56 7.00
C TYR A 689 8.37 -8.57 8.15
N MET A 690 9.00 -8.79 9.31
CA MET A 690 8.92 -7.81 10.39
C MET A 690 10.06 -6.80 10.35
N MET A 691 10.54 -6.45 9.16
CA MET A 691 11.56 -5.45 8.94
C MET A 691 10.98 -4.17 8.36
N PRO A 692 11.43 -3.01 8.84
CA PRO A 692 10.94 -1.75 8.27
C PRO A 692 11.50 -1.51 6.88
N LYS A 693 10.73 -0.80 6.08
CA LYS A 693 11.03 -0.62 4.66
C LYS A 693 11.95 0.57 4.42
N SER A 694 11.51 1.76 4.83
CA SER A 694 12.19 3.00 4.47
C SER A 694 13.10 3.46 5.61
N LEU A 695 14.12 2.65 5.87
CA LEU A 695 15.21 3.07 6.74
C LEU A 695 16.24 3.92 5.99
N HIS A 696 16.04 4.08 4.68
CA HIS A 696 16.83 4.97 3.85
C HIS A 696 16.11 6.31 3.79
N ASN A 697 16.83 7.37 3.40
CA ASN A 697 16.27 8.71 3.45
C ASN A 697 15.22 8.91 2.37
N HIS A 698 14.37 9.92 2.56
CA HIS A 698 13.26 10.17 1.63
C HIS A 698 13.76 10.73 0.31
N VAL A 699 14.70 11.68 0.38
CA VAL A 699 15.28 12.28 -0.83
C VAL A 699 16.04 11.23 -1.62
N HIS A 700 16.83 10.41 -0.91
CA HIS A 700 17.57 9.33 -1.56
C HIS A 700 16.62 8.28 -2.14
N ASN A 701 15.49 8.02 -1.46
CA ASN A 701 14.50 7.08 -1.95
C ASN A 701 13.84 7.57 -3.24
N LEU A 702 13.49 8.85 -3.29
CA LEU A 702 12.91 9.42 -4.51
C LEU A 702 13.95 9.48 -5.64
N THR A 703 15.22 9.72 -5.28
CA THR A 703 16.29 9.68 -6.28
C THR A 703 16.46 8.28 -6.85
N SER A 704 16.39 7.26 -5.99
CA SER A 704 16.48 5.86 -6.42
C SER A 704 15.30 5.47 -7.30
N LEU A 705 14.11 5.98 -6.97
CA LEU A 705 12.93 5.69 -7.77
C LEU A 705 12.97 6.40 -9.13
N LEU A 706 13.58 7.58 -9.18
CA LEU A 706 13.70 8.33 -10.43
C LEU A 706 14.92 7.98 -11.26
N ASN A 707 15.89 7.25 -10.71
CA ASN A 707 17.16 7.10 -11.39
C ASN A 707 17.26 5.79 -12.17
N VAL A 708 16.53 4.75 -11.74
CA VAL A 708 16.65 3.44 -12.38
C VAL A 708 16.12 3.42 -13.81
N PRO A 709 14.99 4.10 -14.16
CA PRO A 709 14.66 4.26 -15.60
C PRO A 709 15.73 4.94 -16.44
N ALA A 710 16.51 5.86 -15.86
CA ALA A 710 17.58 6.52 -16.63
C ALA A 710 18.66 5.53 -17.03
N GLU A 711 19.11 4.69 -16.08
CA GLU A 711 20.06 3.62 -16.39
C GLU A 711 19.49 2.65 -17.41
N TRP A 712 18.26 2.17 -17.18
CA TRP A 712 17.77 1.10 -18.03
C TRP A 712 17.22 1.61 -19.36
N GLU A 713 17.13 2.93 -19.55
CA GLU A 713 16.85 3.49 -20.86
C GLU A 713 18.11 3.85 -21.62
N LEU A 714 19.15 4.37 -20.93
CA LEU A 714 20.39 4.68 -21.63
C LEU A 714 21.14 3.42 -22.02
N LYS A 715 20.96 2.33 -21.26
CA LYS A 715 21.52 1.04 -21.67
C LYS A 715 20.92 0.57 -22.99
N PHE A 716 19.59 0.69 -23.11
CA PHE A 716 18.88 0.35 -24.34
C PHE A 716 19.31 1.23 -25.50
N ARG A 717 19.42 2.55 -25.25
CA ARG A 717 19.79 3.50 -26.29
C ARG A 717 21.22 3.26 -26.78
N LYS A 718 22.16 3.07 -25.86
CA LYS A 718 23.54 2.82 -26.22
C LYS A 718 23.72 1.47 -26.90
N GLU A 719 22.92 0.46 -26.51
CA GLU A 719 23.07 -0.84 -27.13
C GLU A 719 22.50 -0.84 -28.55
N LEU A 720 21.36 -0.20 -28.77
CA LEU A 720 20.78 -0.14 -30.11
C LEU A 720 21.44 0.88 -31.01
N GLY A 721 22.20 1.82 -30.46
CA GLY A 721 22.98 2.74 -31.28
C GLY A 721 22.35 4.09 -31.53
N PHE A 722 21.17 4.34 -30.98
CA PHE A 722 20.63 5.70 -30.98
C PHE A 722 21.49 6.59 -30.11
N ASN A 723 21.66 7.85 -30.53
CA ASN A 723 22.35 8.79 -29.67
C ASN A 723 21.34 9.54 -28.80
N ILE A 724 21.83 10.51 -28.03
CA ILE A 724 21.01 11.21 -27.06
C ILE A 724 20.01 12.13 -27.74
N PHE A 725 20.46 12.89 -28.75
CA PHE A 725 19.72 14.03 -29.27
C PHE A 725 18.56 13.66 -30.19
N GLU A 726 18.69 12.60 -30.98
CA GLU A 726 17.74 12.36 -32.07
C GLU A 726 16.42 11.80 -31.54
N ASP A 727 15.47 11.62 -32.45
CA ASP A 727 14.14 11.10 -32.13
C ASP A 727 14.21 9.63 -31.74
N ILE A 728 13.06 9.08 -31.36
CA ILE A 728 13.03 7.78 -30.69
C ILE A 728 13.31 6.65 -31.69
N TYR A 729 12.67 6.71 -32.89
CA TYR A 729 12.84 5.90 -34.10
C TYR A 729 12.37 4.46 -33.88
N PRO A 730 11.49 3.95 -34.76
CA PRO A 730 10.78 2.71 -34.43
C PRO A 730 11.52 1.40 -34.67
N LYS A 731 12.22 1.26 -35.80
CA LYS A 731 12.76 -0.03 -36.24
C LYS A 731 14.10 0.19 -36.91
N LYS A 732 15.15 -0.40 -36.33
CA LYS A 732 16.48 -0.42 -36.95
C LYS A 732 16.77 -1.75 -37.64
N ALA A 733 15.74 -2.59 -37.82
CA ALA A 733 15.80 -3.90 -38.46
C ALA A 733 16.76 -4.86 -37.76
N MET A 734 17.02 -4.63 -36.48
CA MET A 734 17.80 -5.54 -35.66
C MET A 734 16.93 -6.36 -34.71
N PHE A 735 15.61 -6.29 -34.86
CA PHE A 735 14.69 -7.03 -33.99
C PHE A 735 14.40 -8.41 -34.60
N ASP A 736 15.45 -9.21 -34.69
CA ASP A 736 15.38 -10.57 -35.23
C ASP A 736 16.26 -11.48 -34.37
N ASP A 737 15.62 -12.14 -33.40
CA ASP A 737 16.17 -13.23 -32.55
C ASP A 737 17.54 -12.92 -31.94
N LYS A 738 17.79 -11.66 -31.59
CA LYS A 738 19.02 -11.29 -30.89
C LYS A 738 18.83 -11.45 -29.39
N ASP A 739 19.77 -10.93 -28.61
CA ASP A 739 19.81 -11.18 -27.17
C ASP A 739 19.32 -10.01 -26.34
N LEU A 740 19.71 -8.78 -26.67
CA LEU A 740 19.45 -7.67 -25.77
C LEU A 740 18.00 -7.20 -25.85
N PHE A 741 17.60 -6.68 -27.01
CA PHE A 741 16.24 -6.16 -27.21
C PHE A 741 15.77 -6.58 -28.60
N SER A 742 15.15 -7.75 -28.69
CA SER A 742 14.69 -8.25 -29.98
C SER A 742 13.60 -9.29 -29.76
N ILE A 743 12.80 -9.48 -30.81
CA ILE A 743 11.84 -10.57 -30.91
C ILE A 743 12.14 -11.31 -32.21
N ASN A 744 11.51 -12.47 -32.37
CA ASN A 744 11.73 -13.24 -33.59
C ASN A 744 11.00 -12.64 -34.79
N GLY A 745 9.96 -11.85 -34.55
CA GLY A 745 9.28 -11.17 -35.64
C GLY A 745 8.26 -12.03 -36.35
N ALA A 746 8.73 -12.98 -37.15
CA ALA A 746 7.85 -13.84 -37.94
C ALA A 746 7.23 -14.96 -37.13
N LEU A 747 7.63 -15.13 -35.88
CA LEU A 747 7.07 -16.18 -35.03
C LEU A 747 6.03 -15.66 -34.05
N ASN A 748 6.18 -14.41 -33.58
CA ASN A 748 5.20 -13.80 -32.69
C ASN A 748 3.86 -13.60 -33.39
N VAL A 749 3.89 -13.30 -34.69
CA VAL A 749 2.66 -13.14 -35.47
C VAL A 749 1.89 -14.45 -35.52
N LYS A 750 2.59 -15.56 -35.79
CA LYS A 750 1.94 -16.86 -35.83
C LYS A 750 1.43 -17.28 -34.45
N ALA A 751 2.21 -16.99 -33.40
CA ALA A 751 1.78 -17.33 -32.05
C ALA A 751 0.53 -16.55 -31.64
N LEU A 752 0.48 -15.25 -31.96
CA LEU A 752 -0.69 -14.46 -31.64
C LEU A 752 -1.90 -14.87 -32.48
N SER A 753 -1.66 -15.26 -33.73
CA SER A 753 -2.76 -15.72 -34.59
C SER A 753 -3.37 -17.01 -34.06
N ASP A 754 -2.53 -17.97 -33.67
CA ASP A 754 -3.05 -19.21 -33.07
C ASP A 754 -3.71 -18.95 -31.73
N TYR A 755 -3.19 -18.01 -30.94
CA TYR A 755 -3.81 -17.68 -29.67
C TYR A 755 -5.20 -17.08 -29.84
N TYR A 756 -5.34 -16.14 -30.79
CA TYR A 756 -6.64 -15.53 -31.05
C TYR A 756 -7.62 -16.54 -31.64
N LEU A 757 -7.14 -17.40 -32.55
CA LEU A 757 -8.00 -18.40 -33.16
C LEU A 757 -8.48 -19.44 -32.14
N GLY A 758 -7.60 -19.85 -31.23
CA GLY A 758 -8.00 -20.79 -30.21
C GLY A 758 -8.69 -20.20 -28.99
N ASN A 759 -8.68 -18.89 -28.83
CA ASN A 759 -9.30 -18.25 -27.66
C ASN A 759 -10.62 -17.57 -28.00
N ILE A 760 -10.65 -16.67 -28.99
CA ILE A 760 -11.83 -15.87 -29.24
C ILE A 760 -12.83 -16.70 -30.04
N GLU A 761 -14.05 -16.85 -29.50
CA GLU A 761 -15.07 -17.71 -30.09
C GLU A 761 -16.18 -16.93 -30.78
N ASN A 762 -16.85 -16.03 -30.07
CA ASN A 762 -17.98 -15.28 -30.61
C ASN A 762 -17.64 -13.80 -30.58
N VAL A 763 -17.28 -13.26 -31.75
CA VAL A 763 -16.80 -11.89 -31.84
C VAL A 763 -17.91 -10.89 -31.54
N GLY A 764 -19.09 -11.11 -32.14
CA GLY A 764 -20.19 -10.18 -31.95
C GLY A 764 -20.72 -10.17 -30.53
N LEU A 765 -20.88 -11.37 -29.94
CA LEU A 765 -21.36 -11.48 -28.58
C LEU A 765 -20.34 -10.90 -27.60
N MET A 766 -19.05 -11.13 -27.84
CA MET A 766 -18.01 -10.60 -26.96
C MET A 766 -17.94 -9.08 -27.06
N ARG A 767 -18.08 -8.53 -28.28
CA ARG A 767 -18.09 -7.09 -28.47
C ARG A 767 -19.30 -6.44 -27.81
N SER A 768 -20.47 -7.07 -27.93
CA SER A 768 -21.67 -6.54 -27.26
C SER A 768 -21.55 -6.62 -25.75
N GLU A 769 -20.93 -7.70 -25.24
CA GLU A 769 -20.69 -7.81 -23.80
C GLU A 769 -19.72 -6.75 -23.31
N ILE A 770 -18.69 -6.43 -24.11
CA ILE A 770 -17.77 -5.33 -23.78
C ILE A 770 -18.53 -4.01 -23.69
N GLU A 771 -19.34 -3.71 -24.72
CA GLU A 771 -20.08 -2.45 -24.78
C GLU A 771 -21.10 -2.34 -23.66
N ASN A 772 -21.69 -3.47 -23.24
CA ASN A 772 -22.69 -3.42 -22.19
C ASN A 772 -22.04 -3.34 -20.80
N LYS A 773 -21.16 -4.27 -20.47
CA LYS A 773 -20.64 -4.36 -19.11
C LYS A 773 -19.61 -3.27 -18.82
N GLU A 774 -18.69 -3.02 -19.75
CA GLU A 774 -17.61 -2.07 -19.50
C GLU A 774 -18.07 -0.64 -19.76
N ASP A 775 -19.28 -0.47 -20.31
CA ASP A 775 -19.95 0.81 -20.55
C ASP A 775 -19.18 1.68 -21.56
N PHE A 776 -19.08 1.15 -22.78
CA PHE A 776 -18.87 1.98 -23.96
C PHE A 776 -20.22 2.59 -24.30
N LEU A 777 -20.19 3.66 -25.11
CA LEU A 777 -21.36 4.40 -25.58
C LEU A 777 -22.18 4.96 -24.44
N SER A 778 -21.53 5.27 -23.32
CA SER A 778 -22.13 5.87 -22.14
C SER A 778 -21.44 7.20 -21.82
N PRO A 779 -22.13 8.11 -21.12
CA PRO A 779 -21.47 9.34 -20.68
C PRO A 779 -20.35 9.07 -19.69
N CYS A 780 -19.30 9.91 -19.79
CA CYS A 780 -18.02 9.65 -19.14
C CYS A 780 -18.13 9.63 -17.62
N TYR A 781 -18.96 10.50 -17.04
CA TYR A 781 -19.16 10.53 -15.60
C TYR A 781 -19.88 9.30 -15.07
N LYS A 782 -20.46 8.47 -15.94
CA LYS A 782 -20.99 7.19 -15.50
C LYS A 782 -19.91 6.13 -15.31
N ILE A 783 -18.69 6.40 -15.74
CA ILE A 783 -17.57 5.48 -15.52
C ILE A 783 -17.04 5.72 -14.11
N SER A 784 -16.97 4.64 -13.31
CA SER A 784 -16.60 4.79 -11.91
C SER A 784 -15.12 5.08 -11.73
N THR A 785 -14.29 4.63 -12.67
CA THR A 785 -12.86 4.89 -12.58
C THR A 785 -12.54 6.36 -12.84
N LEU A 786 -13.31 6.99 -13.72
CA LEU A 786 -13.09 8.38 -14.11
C LEU A 786 -13.94 9.35 -13.31
N LYS A 787 -14.46 8.94 -12.16
CA LYS A 787 -15.35 9.76 -11.35
C LYS A 787 -14.89 9.96 -9.91
N SER A 788 -14.31 8.95 -9.28
CA SER A 788 -13.93 9.01 -7.88
C SER A 788 -12.75 9.96 -7.67
N SER A 789 -12.61 10.45 -6.44
CA SER A 789 -11.69 11.55 -6.14
C SER A 789 -10.25 11.05 -6.11
N LYS A 790 -9.63 11.07 -7.29
CA LYS A 790 -8.21 10.80 -7.47
C LYS A 790 -7.54 12.06 -8.04
N LYS A 791 -6.27 11.92 -8.41
CA LYS A 791 -5.49 13.04 -8.93
C LYS A 791 -5.06 12.77 -10.36
N CYS A 792 -5.05 13.81 -11.19
CA CYS A 792 -4.73 13.69 -12.61
C CYS A 792 -3.40 14.34 -12.99
N SER A 793 -2.89 15.27 -12.18
CA SER A 793 -1.60 15.93 -12.35
C SER A 793 -1.50 16.66 -13.69
N GLN A 794 -2.31 17.70 -13.83
CA GLN A 794 -2.19 18.58 -14.97
C GLN A 794 -1.01 19.53 -14.79
N SER A 795 -0.62 20.17 -15.90
CA SER A 795 0.46 21.15 -15.91
C SER A 795 -0.13 22.56 -15.89
N ASN A 796 0.30 23.36 -14.91
CA ASN A 796 -0.13 24.74 -14.81
C ASN A 796 1.06 25.60 -14.43
N ILE A 797 1.29 26.66 -15.20
CA ILE A 797 2.45 27.54 -15.04
C ILE A 797 1.94 28.98 -14.99
N ILE A 798 2.47 29.77 -14.05
CA ILE A 798 2.18 31.20 -14.00
C ILE A 798 2.66 31.85 -15.28
N SER A 799 1.77 32.64 -15.91
CA SER A 799 1.98 33.13 -17.25
C SER A 799 3.11 34.16 -17.32
N THR A 800 3.91 34.06 -18.39
CA THR A 800 4.96 35.04 -18.63
C THR A 800 4.39 36.42 -18.90
N ASP A 801 3.25 36.48 -19.58
CA ASP A 801 2.54 37.74 -19.77
C ASP A 801 2.08 38.33 -18.43
N GLU A 802 1.60 37.48 -17.52
CA GLU A 802 1.23 37.95 -16.19
C GLU A 802 2.44 38.46 -15.43
N ILE A 803 3.59 37.79 -15.56
CA ILE A 803 4.82 38.22 -14.88
C ILE A 803 5.28 39.58 -15.41
N ILE A 804 5.30 39.74 -16.73
CA ILE A 804 5.80 41.00 -17.29
C ILE A 804 4.79 42.13 -17.07
N GLU A 805 3.49 41.83 -17.00
CA GLU A 805 2.52 42.87 -16.66
C GLU A 805 2.60 43.26 -15.19
N CYS A 806 2.91 42.30 -14.31
CA CYS A 806 3.17 42.62 -12.91
C CYS A 806 4.39 43.51 -12.77
N LEU A 807 5.45 43.22 -13.52
CA LEU A 807 6.65 44.05 -13.50
C LEU A 807 6.38 45.44 -14.09
N GLN A 808 5.51 45.52 -15.09
CA GLN A 808 5.20 46.82 -15.70
C GLN A 808 4.34 47.67 -14.78
N ASN A 809 3.34 47.08 -14.13
CA ASN A 809 2.45 47.86 -13.27
C ASN A 809 2.91 47.94 -11.81
N ALA A 810 4.06 47.36 -11.48
CA ALA A 810 4.65 47.57 -10.17
C ALA A 810 5.06 49.03 -10.01
N LYS A 811 4.68 49.64 -8.89
CA LYS A 811 4.88 51.07 -8.67
C LYS A 811 5.91 51.27 -7.55
N ILE A 812 6.95 52.06 -7.86
CA ILE A 812 7.99 52.37 -6.88
C ILE A 812 7.47 53.18 -5.71
N GLN A 813 6.37 53.92 -5.91
CA GLN A 813 5.72 54.63 -4.82
C GLN A 813 4.95 53.71 -3.89
N ASP A 814 4.77 52.44 -4.25
CA ASP A 814 4.04 51.46 -3.46
C ASP A 814 4.95 50.31 -3.05
N ILE A 815 6.15 50.63 -2.56
CA ILE A 815 7.08 49.60 -2.10
C ILE A 815 6.57 48.96 -0.82
N GLU A 816 5.96 49.75 0.06
CA GLU A 816 5.39 49.21 1.29
C GLU A 816 4.00 48.63 1.07
N ASN A 817 3.31 49.04 0.02
CA ASN A 817 1.93 48.64 -0.24
C ASN A 817 1.83 47.33 -1.03
N TRP A 818 2.96 46.69 -1.33
CA TRP A 818 2.96 45.45 -2.10
C TRP A 818 2.54 44.30 -1.19
N LYS A 819 1.44 43.63 -1.52
CA LYS A 819 0.96 42.49 -0.76
C LYS A 819 0.48 41.40 -1.70
N GLY A 820 1.04 40.21 -1.55
CA GLY A 820 0.55 39.04 -2.26
C GLY A 820 1.36 38.58 -3.45
N ASN A 821 0.68 38.38 -4.58
CA ASN A 821 1.30 37.81 -5.76
C ASN A 821 2.33 38.75 -6.39
N ASN A 822 2.06 40.06 -6.35
CA ASN A 822 3.03 41.04 -6.85
C ASN A 822 4.31 41.01 -6.03
N LEU A 823 4.18 40.93 -4.70
CA LEU A 823 5.35 40.82 -3.83
C LEU A 823 6.09 39.51 -4.07
N ALA A 824 5.36 38.42 -4.30
CA ALA A 824 5.99 37.13 -4.58
C ALA A 824 6.78 37.16 -5.88
N ILE A 825 6.21 37.75 -6.93
CA ILE A 825 6.88 37.87 -8.22
C ILE A 825 8.11 38.77 -8.10
N ILE A 826 7.99 39.87 -7.34
CA ILE A 826 9.11 40.80 -7.14
C ILE A 826 10.26 40.11 -6.40
N LYS A 827 9.94 39.36 -5.34
CA LYS A 827 10.98 38.63 -4.61
C LYS A 827 11.62 37.55 -5.47
N GLY A 828 10.83 36.88 -6.31
CA GLY A 828 11.38 35.88 -7.20
C GLY A 828 12.33 36.46 -8.23
N LEU A 829 11.95 37.58 -8.85
CA LEU A 829 12.84 38.20 -9.83
C LEU A 829 14.07 38.82 -9.17
N ILE A 830 13.94 39.30 -7.93
CA ILE A 830 15.08 39.84 -7.20
C ILE A 830 16.07 38.73 -6.89
N ARG A 831 15.58 37.57 -6.44
CA ARG A 831 16.45 36.42 -6.19
C ARG A 831 17.10 35.91 -7.47
N THR A 832 16.34 35.90 -8.58
CA THR A 832 16.89 35.49 -9.86
C THR A 832 17.98 36.44 -10.34
N TYR A 833 17.78 37.75 -10.18
CA TYR A 833 18.80 38.71 -10.56
C TYR A 833 20.03 38.62 -9.67
N ASN A 834 19.83 38.33 -8.38
CA ASN A 834 20.96 38.21 -7.46
C ASN A 834 21.78 36.95 -7.74
N GLU A 835 21.13 35.87 -8.18
CA GLU A 835 21.87 34.64 -8.40
C GLU A 835 22.45 34.54 -9.81
N GLU A 836 21.66 34.87 -10.84
CA GLU A 836 22.09 34.67 -12.22
C GLU A 836 21.50 35.79 -13.08
N LYS A 837 22.33 36.78 -13.41
CA LYS A 837 21.88 37.99 -14.10
C LYS A 837 21.59 37.73 -15.58
N ASN A 838 22.46 36.97 -16.25
CA ASN A 838 22.42 36.88 -17.71
C ASN A 838 21.18 36.14 -18.21
N ARG A 839 20.75 35.11 -17.47
CA ARG A 839 19.55 34.38 -17.84
C ARG A 839 18.30 35.25 -17.73
N LEU A 840 18.23 36.08 -16.68
CA LEU A 840 17.14 37.04 -16.56
C LEU A 840 17.20 38.08 -17.68
N VAL A 841 18.41 38.46 -18.09
CA VAL A 841 18.58 39.44 -19.17
C VAL A 841 18.05 38.87 -20.48
N GLU A 842 18.40 37.63 -20.82
CA GLU A 842 17.93 37.09 -22.10
C GLU A 842 16.45 36.72 -22.02
N PHE A 843 15.94 36.39 -20.83
CA PHE A 843 14.52 36.15 -20.65
C PHE A 843 13.73 37.43 -20.88
N PHE A 844 14.21 38.56 -20.37
CA PHE A 844 13.58 39.85 -20.63
C PHE A 844 13.70 40.23 -22.10
N GLU A 845 14.82 39.87 -22.74
CA GLU A 845 15.00 40.14 -24.16
C GLU A 845 14.01 39.37 -25.02
N ASP A 846 13.77 38.11 -24.69
CA ASP A 846 12.86 37.28 -25.48
C ASP A 846 11.41 37.34 -25.02
N ASN A 847 11.11 38.02 -23.92
CA ASN A 847 9.74 38.15 -23.45
C ASN A 847 9.23 39.58 -23.38
N CYS A 848 10.06 40.58 -23.67
CA CYS A 848 9.59 41.96 -23.66
C CYS A 848 10.43 42.78 -24.63
N VAL A 849 9.80 43.80 -25.22
CA VAL A 849 10.52 44.68 -26.15
C VAL A 849 11.29 45.75 -25.38
N ASN A 850 10.78 46.16 -24.21
CA ASN A 850 11.40 47.21 -23.41
C ASN A 850 12.26 46.56 -22.33
N SER A 851 13.29 45.84 -22.79
CA SER A 851 14.15 45.09 -21.88
C SER A 851 15.01 46.03 -21.04
N LEU A 852 15.46 47.14 -21.63
CA LEU A 852 16.21 48.13 -20.86
C LEU A 852 15.33 48.78 -19.81
N TYR A 853 14.05 49.01 -20.13
CA TYR A 853 13.09 49.53 -19.16
C TYR A 853 12.89 48.55 -18.00
N LEU A 854 12.78 47.25 -18.32
CA LEU A 854 12.63 46.24 -17.28
C LEU A 854 13.88 46.15 -16.40
N VAL A 855 15.07 46.24 -17.02
CA VAL A 855 16.32 46.17 -16.28
C VAL A 855 16.48 47.37 -15.35
N GLU A 856 16.18 48.57 -15.85
CA GLU A 856 16.29 49.76 -15.01
C GLU A 856 15.21 49.81 -13.93
N LYS A 857 14.03 49.26 -14.20
CA LYS A 857 13.00 49.16 -13.17
C LYS A 857 13.42 48.19 -12.07
N LEU A 858 14.00 47.05 -12.44
CA LEU A 858 14.50 46.10 -11.46
C LEU A 858 15.66 46.68 -10.66
N LYS A 859 16.52 47.48 -11.32
CA LYS A 859 17.61 48.13 -10.61
C LYS A 859 17.10 49.17 -9.62
N GLU A 860 16.07 49.92 -10.00
CA GLU A 860 15.46 50.89 -9.08
C GLU A 860 14.79 50.19 -7.91
N ILE A 861 14.15 49.03 -8.16
CA ILE A 861 13.52 48.28 -7.07
C ILE A 861 14.58 47.73 -6.12
N ILE A 862 15.68 47.19 -6.65
CA ILE A 862 16.73 46.67 -5.77
C ILE A 862 17.53 47.79 -5.10
N ASN A 863 17.48 49.01 -5.64
CA ASN A 863 18.11 50.14 -4.97
C ASN A 863 17.18 50.86 -4.01
N SER A 864 15.88 50.55 -4.04
CA SER A 864 14.95 51.12 -3.07
C SER A 864 15.27 50.64 -1.65
N GLY A 865 15.61 49.37 -1.49
CA GLY A 865 16.04 48.85 -0.22
C GLY A 865 14.95 48.47 0.76
N SER A 866 13.69 48.54 0.35
CA SER A 866 12.57 48.19 1.23
C SER A 866 12.24 46.70 1.18
N ILE A 867 12.98 45.91 0.43
CA ILE A 867 12.71 44.50 0.27
C ILE A 867 13.76 43.71 1.06
N THR A 868 13.52 42.40 1.18
CA THR A 868 14.41 41.50 1.90
C THR A 868 14.98 40.47 0.94
N VAL A 869 16.30 40.30 0.97
CA VAL A 869 16.98 39.33 0.13
C VAL A 869 17.48 38.18 1.02
N GLY A 870 17.83 37.08 0.38
CA GLY A 870 18.29 35.91 1.09
C GLY A 870 19.41 35.22 0.35
N LYS A 871 20.20 34.46 1.10
CA LYS A 871 21.30 33.68 0.54
C LYS A 871 20.81 32.28 0.20
N SER A 872 21.73 31.37 -0.09
CA SER A 872 21.38 29.98 -0.38
C SER A 872 20.94 29.29 0.91
N VAL A 873 19.65 29.05 1.04
CA VAL A 873 19.08 28.46 2.25
C VAL A 873 18.55 27.05 1.97
N THR A 874 18.94 26.46 0.85
CA THR A 874 18.63 25.08 0.40
C THR A 874 17.12 24.92 0.32
N SER A 875 16.53 23.89 0.94
CA SER A 875 15.11 23.62 0.80
C SER A 875 14.22 24.56 1.61
N LYS A 876 14.81 25.38 2.49
CA LYS A 876 14.02 26.34 3.27
C LYS A 876 13.37 27.40 2.40
N PHE A 877 13.99 27.74 1.26
CA PHE A 877 13.43 28.73 0.34
C PHE A 877 12.07 28.28 -0.21
N ILE A 878 11.92 26.99 -0.49
CA ILE A 878 10.62 26.47 -0.90
C ILE A 878 9.78 26.13 0.33
N ARG A 879 10.43 25.90 1.49
CA ARG A 879 9.70 25.44 2.66
C ARG A 879 8.87 26.55 3.30
N ASN A 880 9.42 27.76 3.43
CA ASN A 880 8.67 28.78 4.16
C ASN A 880 8.34 30.01 3.32
N ASN A 881 7.87 29.79 2.09
CA ASN A 881 7.51 30.88 1.21
C ASN A 881 6.28 30.50 0.39
N HIS A 882 5.70 31.50 -0.26
CA HIS A 882 4.59 31.26 -1.16
C HIS A 882 5.07 30.51 -2.39
N PRO A 883 4.24 29.61 -2.96
CA PRO A 883 4.68 28.81 -4.12
C PRO A 883 4.97 29.64 -5.37
N LEU A 884 4.28 30.78 -5.54
CA LEU A 884 4.44 31.58 -6.76
C LEU A 884 5.86 32.13 -6.88
N THR A 885 6.51 32.40 -5.74
CA THR A 885 7.89 32.86 -5.74
C THR A 885 8.82 31.81 -6.34
N VAL A 886 8.65 30.54 -5.95
CA VAL A 886 9.58 29.53 -6.45
C VAL A 886 9.20 29.09 -7.87
N GLU A 887 7.91 29.23 -8.26
CA GLU A 887 7.59 28.97 -9.66
C GLU A 887 8.19 30.03 -10.58
N THR A 888 8.07 31.31 -10.22
CA THR A 888 8.68 32.33 -11.08
C THR A 888 10.20 32.30 -10.97
N TYR A 889 10.73 31.80 -9.84
CA TYR A 889 12.17 31.60 -9.70
C TYR A 889 12.67 30.52 -10.67
N LEU A 890 11.97 29.39 -10.74
CA LEU A 890 12.34 28.33 -11.67
C LEU A 890 12.18 28.77 -13.12
N LYS A 891 11.09 29.49 -13.43
CA LYS A 891 10.83 29.90 -14.81
C LYS A 891 11.84 30.94 -15.28
N THR A 892 12.22 31.89 -14.41
CA THR A 892 13.24 32.85 -14.78
C THR A 892 14.65 32.28 -14.66
N LYS A 893 14.80 31.13 -14.00
CA LYS A 893 16.12 30.51 -13.89
C LYS A 893 16.42 29.57 -15.06
N LEU A 894 15.41 28.96 -15.66
CA LEU A 894 15.73 27.90 -16.62
C LEU A 894 15.06 28.22 -17.96
N TYR A 895 15.28 29.44 -18.45
CA TYR A 895 14.81 29.83 -19.78
C TYR A 895 15.90 29.45 -20.79
N TYR A 896 15.62 28.41 -21.59
CA TYR A 896 16.53 27.89 -22.60
C TYR A 896 15.79 27.65 -23.91
N ARG A 897 15.05 28.67 -24.36
CA ARG A 897 14.20 28.65 -25.56
C ARG A 897 13.13 27.56 -25.50
N ASN A 898 12.68 27.19 -24.31
CA ASN A 898 11.65 26.19 -24.13
C ASN A 898 10.77 26.58 -22.94
N ASN A 899 9.79 25.73 -22.63
CA ASN A 899 8.80 26.01 -21.60
C ASN A 899 8.90 24.93 -20.53
N VAL A 900 9.61 25.25 -19.44
CA VAL A 900 9.74 24.31 -18.33
C VAL A 900 8.46 24.32 -17.49
N THR A 901 7.91 23.15 -17.25
CA THR A 901 6.65 23.02 -16.53
C THR A 901 6.85 22.14 -15.30
N VAL A 902 6.10 22.47 -14.25
CA VAL A 902 6.02 21.66 -13.04
C VAL A 902 4.57 21.25 -12.84
N LEU A 903 4.35 19.94 -12.70
CA LEU A 903 2.99 19.41 -12.63
C LEU A 903 2.36 19.69 -11.27
N LYS A 904 1.13 20.18 -11.29
CA LYS A 904 0.34 20.37 -10.07
C LYS A 904 -0.47 19.10 -9.82
N SER A 905 -1.49 19.10 -8.96
CA SER A 905 -2.31 17.91 -8.77
C SER A 905 -3.79 18.26 -8.68
N LYS A 906 -4.49 18.27 -9.80
CA LYS A 906 -5.92 18.53 -9.79
C LYS A 906 -6.71 17.23 -9.66
N LYS A 907 -7.95 17.36 -9.22
CA LYS A 907 -8.86 16.24 -9.15
C LYS A 907 -9.34 15.86 -10.55
N VAL A 908 -9.72 14.59 -10.73
CA VAL A 908 -10.20 14.12 -12.02
C VAL A 908 -11.67 14.50 -12.18
N SER A 909 -12.33 14.83 -11.07
CA SER A 909 -13.73 15.24 -11.12
C SER A 909 -13.83 16.73 -11.47
N GLU A 910 -12.71 17.42 -11.43
CA GLU A 910 -12.66 18.81 -11.88
C GLU A 910 -11.99 18.99 -13.24
N GLU A 911 -11.36 17.96 -13.79
CA GLU A 911 -10.92 17.97 -15.18
C GLU A 911 -12.00 17.46 -16.10
N LEU A 912 -12.81 16.51 -15.63
CA LEU A 912 -13.93 16.00 -16.43
C LEU A 912 -15.00 17.07 -16.63
N TYR A 913 -15.23 17.89 -15.59
CA TYR A 913 -16.18 19.00 -15.70
C TYR A 913 -15.72 20.03 -16.73
N ASP A 914 -14.42 20.35 -16.72
CA ASP A 914 -13.86 21.28 -17.69
C ASP A 914 -13.88 20.68 -19.10
N LEU A 915 -13.67 19.37 -19.20
CA LEU A 915 -13.70 18.70 -20.51
C LEU A 915 -15.11 18.68 -21.08
N VAL A 916 -16.12 18.46 -20.25
CA VAL A 916 -17.51 18.51 -20.70
C VAL A 916 -17.89 19.93 -21.12
N LYS A 917 -17.43 20.93 -20.35
CA LYS A 917 -17.67 22.32 -20.72
C LYS A 917 -16.99 22.69 -22.03
N GLN A 918 -15.80 22.14 -22.28
CA GLN A 918 -15.11 22.40 -23.54
C GLN A 918 -15.79 21.69 -24.70
N PHE A 919 -16.29 20.47 -24.46
CA PHE A 919 -16.95 19.71 -25.52
C PHE A 919 -18.31 20.30 -25.91
N HIS A 920 -19.05 20.87 -24.95
CA HIS A 920 -20.35 21.44 -25.25
C HIS A 920 -20.28 22.93 -25.58
N ASN A 921 -19.09 23.42 -25.96
CA ASN A 921 -18.82 24.79 -26.39
C ASN A 921 -19.14 25.84 -25.33
N MET A 922 -19.17 25.46 -24.05
CA MET A 922 -19.35 26.42 -22.96
C MET A 922 -17.98 26.71 -22.34
N MET A 923 -17.20 27.51 -23.06
CA MET A 923 -15.89 27.93 -22.57
C MET A 923 -16.03 28.83 -21.35
N GLU A 924 -16.97 29.77 -21.38
CA GLU A 924 -17.31 30.59 -20.24
C GLU A 924 -18.74 30.24 -19.81
N ILE A 925 -18.91 29.99 -18.52
CA ILE A 925 -20.15 29.41 -17.99
C ILE A 925 -21.23 30.49 -17.95
N ASP A 926 -22.40 30.17 -18.51
CA ASP A 926 -23.57 31.03 -18.45
C ASP A 926 -24.70 30.27 -17.76
N LEU A 927 -25.52 30.99 -16.99
CA LEU A 927 -26.58 30.34 -16.22
C LEU A 927 -27.69 29.82 -17.13
N ASP A 928 -27.97 30.53 -18.23
CA ASP A 928 -29.05 30.12 -19.12
C ASP A 928 -28.59 29.11 -20.16
N SER A 929 -27.29 29.07 -20.46
CA SER A 929 -26.77 28.17 -21.49
C SER A 929 -26.90 26.70 -21.06
N VAL A 930 -26.62 26.43 -19.79
CA VAL A 930 -26.83 25.07 -19.27
C VAL A 930 -28.32 24.76 -19.16
N MET A 931 -29.13 25.73 -18.73
CA MET A 931 -30.55 25.50 -18.50
C MET A 931 -31.34 25.35 -19.79
N ASN A 932 -30.79 25.81 -20.92
CA ASN A 932 -31.51 25.70 -22.20
C ASN A 932 -31.61 24.27 -22.67
N LEU A 933 -30.56 23.47 -22.51
CA LEU A 933 -30.50 22.11 -23.02
C LEU A 933 -30.47 21.11 -21.86
N GLY A 934 -31.16 19.99 -22.04
CA GLY A 934 -31.10 18.93 -21.05
C GLY A 934 -32.36 18.74 -20.24
N LYS A 935 -33.52 18.92 -20.87
CA LYS A 935 -34.79 18.76 -20.17
C LYS A 935 -35.13 17.28 -20.04
N GLY A 936 -34.92 16.72 -18.86
CA GLY A 936 -35.25 15.34 -18.62
C GLY A 936 -34.26 14.36 -19.25
N THR A 937 -34.79 13.16 -19.53
CA THR A 937 -33.97 12.10 -20.13
C THR A 937 -33.62 12.41 -21.58
N GLU A 938 -34.54 13.01 -22.32
CA GLU A 938 -34.40 13.30 -23.76
C GLU A 938 -33.43 14.46 -24.06
N GLY A 939 -32.68 15.00 -23.10
CA GLY A 939 -31.77 16.09 -23.38
C GLY A 939 -30.49 15.62 -24.05
N LYS A 940 -29.59 16.59 -24.25
CA LYS A 940 -28.33 16.30 -24.93
C LYS A 940 -27.40 15.52 -24.02
N LYS A 941 -26.84 14.43 -24.56
CA LYS A 941 -25.85 13.62 -23.88
C LYS A 941 -24.61 13.49 -24.77
N HIS A 942 -23.61 12.78 -24.24
CA HIS A 942 -22.41 12.47 -24.99
C HIS A 942 -22.01 11.04 -24.64
N THR A 943 -21.07 10.49 -25.41
CA THR A 943 -20.51 9.19 -25.10
C THR A 943 -19.00 9.28 -24.95
N PHE A 944 -18.46 8.23 -24.31
CA PHE A 944 -17.05 8.20 -23.95
C PHE A 944 -16.15 8.21 -25.19
N LEU A 945 -16.60 7.57 -26.28
CA LEU A 945 -15.73 7.51 -27.45
C LEU A 945 -15.77 8.78 -28.29
N GLN A 946 -16.90 9.49 -28.39
CA GLN A 946 -16.86 10.81 -29.02
C GLN A 946 -16.05 11.79 -28.18
N MET A 947 -16.13 11.66 -26.84
CA MET A 947 -15.25 12.44 -25.98
C MET A 947 -13.79 12.10 -26.22
N LEU A 948 -13.48 10.81 -26.40
CA LEU A 948 -12.10 10.38 -26.59
C LEU A 948 -11.54 10.84 -27.94
N GLU A 949 -12.36 10.83 -28.99
CA GLU A 949 -11.89 11.30 -30.29
C GLU A 949 -11.80 12.83 -30.33
N PHE A 950 -12.66 13.55 -29.59
CA PHE A 950 -12.45 14.99 -29.44
C PHE A 950 -11.15 15.28 -28.70
N VAL A 951 -10.86 14.48 -27.67
CA VAL A 951 -9.58 14.56 -26.95
C VAL A 951 -8.40 14.30 -27.87
N MET A 952 -8.52 13.29 -28.74
CA MET A 952 -7.43 12.96 -29.65
C MET A 952 -7.22 14.04 -30.71
N SER A 953 -8.32 14.62 -31.20
CA SER A 953 -8.21 15.72 -32.15
C SER A 953 -7.61 16.97 -31.51
N LYS A 954 -7.87 17.17 -30.22
CA LYS A 954 -7.22 18.26 -29.50
C LYS A 954 -5.74 17.97 -29.27
N ALA A 955 -5.40 16.74 -28.93
CA ALA A 955 -4.03 16.39 -28.56
C ALA A 955 -3.12 16.25 -29.77
N LYS A 956 -3.67 15.96 -30.95
CA LYS A 956 -2.83 15.82 -32.14
C LYS A 956 -2.30 17.15 -32.65
N ASN A 957 -2.89 18.26 -32.22
CA ASN A 957 -2.37 19.57 -32.59
C ASN A 957 -1.06 19.86 -31.87
N VAL A 958 -0.29 20.80 -32.42
CA VAL A 958 1.01 21.14 -31.88
C VAL A 958 0.80 21.97 -30.61
N THR A 959 1.18 21.42 -29.46
CA THR A 959 1.04 22.12 -28.20
C THR A 959 2.27 21.95 -27.30
N GLY A 960 3.42 21.60 -27.86
CA GLY A 960 4.63 21.41 -27.09
C GLY A 960 4.77 20.07 -26.41
N SER A 961 3.86 19.13 -26.68
CA SER A 961 3.85 17.78 -26.10
C SER A 961 3.82 17.80 -24.57
N VAL A 962 3.10 18.76 -24.00
CA VAL A 962 2.96 18.84 -22.55
C VAL A 962 1.92 17.84 -22.05
N ASP A 963 1.13 17.27 -22.97
CA ASP A 963 0.13 16.27 -22.61
C ASP A 963 0.77 14.99 -22.07
N PHE A 964 1.89 14.58 -22.62
CA PHE A 964 2.59 13.37 -22.21
C PHE A 964 3.73 13.76 -21.27
N LEU A 965 3.42 13.88 -19.99
CA LEU A 965 4.41 14.19 -18.96
C LEU A 965 4.07 13.40 -17.71
N VAL A 966 5.04 12.66 -17.18
CA VAL A 966 4.85 11.78 -16.03
C VAL A 966 5.71 12.30 -14.89
N SER A 967 5.09 12.48 -13.73
CA SER A 967 5.79 12.87 -12.51
C SER A 967 5.50 11.84 -11.42
N VAL A 968 6.52 11.52 -10.63
CA VAL A 968 6.39 10.53 -9.57
C VAL A 968 5.66 11.13 -8.37
N TYR A 982 3.48 7.00 -10.09
CA TYR A 982 3.46 7.65 -11.40
C TYR A 982 2.12 8.33 -11.64
N LEU A 983 2.16 9.63 -11.90
CA LEU A 983 0.95 10.44 -12.08
C LEU A 983 0.82 10.80 -13.55
N MET A 984 -0.04 10.06 -14.26
CA MET A 984 -0.30 10.30 -15.66
C MET A 984 -1.50 11.24 -15.82
N SER A 985 -1.53 11.94 -16.95
CA SER A 985 -2.54 12.97 -17.19
C SER A 985 -3.91 12.33 -17.46
N MET A 986 -4.93 13.19 -17.57
CA MET A 986 -6.29 12.73 -17.84
C MET A 986 -6.40 12.11 -19.23
N LYS A 987 -5.71 12.69 -20.21
CA LYS A 987 -5.75 12.21 -21.59
C LYS A 987 -5.14 10.81 -21.69
N VAL A 988 -3.95 10.64 -21.12
CA VAL A 988 -3.29 9.34 -21.08
C VAL A 988 -4.08 8.36 -20.24
N LYS A 989 -4.72 8.84 -19.16
CA LYS A 989 -5.55 7.98 -18.33
C LYS A 989 -6.72 7.41 -19.12
N MET A 990 -7.37 8.25 -19.93
CA MET A 990 -8.46 7.78 -20.79
C MET A 990 -7.96 6.79 -21.84
N MET A 991 -6.79 7.06 -22.43
CA MET A 991 -6.28 6.15 -23.47
C MET A 991 -5.89 4.78 -22.90
N LEU A 992 -5.19 4.74 -21.76
CA LEU A 992 -4.89 3.44 -21.17
C LEU A 992 -6.13 2.79 -20.56
N TYR A 993 -7.15 3.56 -20.18
CA TYR A 993 -8.43 2.96 -19.81
C TYR A 993 -9.04 2.24 -21.00
N PHE A 994 -8.99 2.87 -22.18
CA PHE A 994 -9.46 2.25 -23.42
C PHE A 994 -8.71 0.96 -23.71
N ILE A 995 -7.38 0.99 -23.65
CA ILE A 995 -6.56 -0.18 -23.99
C ILE A 995 -6.79 -1.31 -22.99
N GLU A 996 -6.70 -0.99 -21.69
CA GLU A 996 -6.78 -2.01 -20.65
C GLU A 996 -8.18 -2.62 -20.55
N HIS A 997 -9.22 -1.80 -20.70
CA HIS A 997 -10.56 -2.32 -20.60
C HIS A 997 -11.11 -2.84 -21.92
N THR A 998 -10.38 -2.71 -23.03
CA THR A 998 -10.72 -3.51 -24.20
C THR A 998 -9.91 -4.80 -24.28
N PHE A 999 -8.82 -4.92 -23.52
CA PHE A 999 -8.12 -6.21 -23.43
C PHE A 999 -8.50 -7.02 -22.20
N LYS A 1000 -9.24 -6.43 -21.26
CA LYS A 1000 -9.66 -7.14 -20.06
C LYS A 1000 -10.58 -8.31 -20.39
N HIS A 1001 -11.52 -8.12 -21.32
CA HIS A 1001 -12.44 -9.19 -21.68
C HIS A 1001 -11.78 -10.25 -22.56
N VAL A 1002 -10.72 -9.90 -23.28
CA VAL A 1002 -9.91 -10.91 -23.94
C VAL A 1002 -9.17 -11.74 -22.89
N ALA A 1003 -8.69 -11.09 -21.83
CA ALA A 1003 -8.05 -11.80 -20.74
C ALA A 1003 -9.03 -12.62 -19.90
N GLN A 1004 -10.32 -12.29 -19.92
CA GLN A 1004 -11.30 -13.02 -19.11
C GLN A 1004 -11.71 -14.36 -19.72
N SER A 1005 -11.39 -14.61 -20.99
CA SER A 1005 -11.80 -15.84 -21.65
C SER A 1005 -10.72 -16.92 -21.60
N ASP A 1006 -9.61 -16.67 -20.91
CA ASP A 1006 -8.50 -17.62 -20.85
C ASP A 1006 -8.50 -18.31 -19.49
N PRO A 1007 -8.73 -19.62 -19.42
CA PRO A 1007 -8.73 -20.30 -18.11
C PRO A 1007 -7.35 -20.46 -17.49
N SER A 1008 -6.29 -20.34 -18.28
CA SER A 1008 -4.91 -20.46 -17.79
C SER A 1008 -4.28 -19.08 -17.57
N GLU A 1009 -5.08 -18.12 -17.10
CA GLU A 1009 -4.66 -16.74 -16.99
C GLU A 1009 -5.41 -16.12 -15.81
N ALA A 1010 -4.68 -15.54 -14.88
CA ALA A 1010 -5.18 -15.28 -13.54
C ALA A 1010 -4.91 -13.85 -13.08
N ILE A 1011 -5.22 -12.86 -13.93
CA ILE A 1011 -5.18 -11.47 -13.48
C ILE A 1011 -6.61 -10.96 -13.42
N SER A 1012 -7.51 -11.58 -14.20
CA SER A 1012 -8.93 -11.22 -14.21
C SER A 1012 -9.69 -12.09 -13.22
N ILE A 1013 -9.33 -11.93 -11.95
CA ILE A 1013 -9.85 -12.78 -10.88
C ILE A 1013 -11.09 -12.15 -10.26
N SER A 1014 -11.94 -13.00 -9.68
CA SER A 1014 -13.08 -12.53 -8.90
C SER A 1014 -12.72 -12.49 -7.41
N GLY A 1015 -11.68 -11.73 -7.11
CA GLY A 1015 -11.13 -11.66 -5.77
C GLY A 1015 -9.91 -12.55 -5.61
N ASP A 1016 -9.36 -12.52 -4.39
CA ASP A 1016 -8.16 -13.28 -4.07
C ASP A 1016 -8.41 -14.78 -3.94
N ASN A 1017 -9.68 -15.22 -3.92
CA ASN A 1017 -9.97 -16.64 -3.83
C ASN A 1017 -9.63 -17.36 -5.14
N LYS A 1018 -9.80 -16.66 -6.26
CA LYS A 1018 -9.69 -17.30 -7.58
C LYS A 1018 -8.25 -17.68 -7.90
N ILE A 1019 -7.28 -16.90 -7.41
CA ILE A 1019 -5.86 -17.20 -7.62
C ILE A 1019 -5.51 -18.53 -6.98
N ARG A 1020 -5.87 -18.71 -5.72
CA ARG A 1020 -5.56 -19.93 -5.00
C ARG A 1020 -6.35 -21.11 -5.55
N ALA A 1021 -7.62 -20.88 -5.91
CA ALA A 1021 -8.44 -21.95 -6.47
C ALA A 1021 -7.90 -22.44 -7.81
N LEU A 1022 -7.51 -21.51 -8.69
CA LEU A 1022 -7.02 -21.92 -10.00
C LEU A 1022 -5.63 -22.55 -9.89
N SER A 1023 -4.81 -22.07 -8.95
CA SER A 1023 -3.51 -22.70 -8.71
C SER A 1023 -3.65 -24.13 -8.20
N THR A 1024 -4.59 -24.37 -7.28
CA THR A 1024 -4.70 -25.74 -6.77
C THR A 1024 -5.42 -26.66 -7.76
N LEU A 1025 -6.29 -26.14 -8.62
CA LEU A 1025 -6.80 -26.97 -9.72
C LEU A 1025 -5.69 -27.35 -10.68
N SER A 1026 -4.78 -26.40 -10.97
CA SER A 1026 -3.61 -26.73 -11.79
C SER A 1026 -2.77 -27.84 -11.16
N LEU A 1027 -2.44 -27.68 -9.87
CA LEU A 1027 -1.57 -28.65 -9.21
C LEU A 1027 -2.22 -30.02 -9.08
N ASP A 1028 -3.50 -30.09 -8.69
CA ASP A 1028 -4.08 -31.40 -8.48
C ASP A 1028 -4.42 -32.09 -9.80
N THR A 1029 -4.73 -31.33 -10.87
CA THR A 1029 -4.95 -31.99 -12.16
C THR A 1029 -3.62 -32.46 -12.76
N ILE A 1030 -2.52 -31.78 -12.44
CA ILE A 1030 -1.21 -32.23 -12.93
C ILE A 1030 -0.78 -33.49 -12.19
N THR A 1031 -0.99 -33.52 -10.88
CA THR A 1031 -0.69 -34.72 -10.10
C THR A 1031 -1.57 -35.89 -10.52
N SER A 1032 -2.86 -35.62 -10.80
CA SER A 1032 -3.76 -36.67 -11.27
C SER A 1032 -3.34 -37.20 -12.64
N TYR A 1033 -2.90 -36.31 -13.55
CA TYR A 1033 -2.48 -36.77 -14.87
C TYR A 1033 -1.20 -37.58 -14.78
N ASN A 1034 -0.28 -37.20 -13.89
CA ASN A 1034 0.94 -38.01 -13.70
C ASN A 1034 0.62 -39.37 -13.10
N ASP A 1035 -0.32 -39.41 -12.14
CA ASP A 1035 -0.70 -40.67 -11.53
C ASP A 1035 -1.46 -41.56 -12.52
N ILE A 1036 -2.13 -40.97 -13.50
CA ILE A 1036 -2.70 -41.74 -14.59
C ILE A 1036 -1.60 -42.25 -15.51
N LEU A 1037 -0.63 -41.39 -15.85
CA LEU A 1037 0.32 -41.67 -16.91
C LEU A 1037 1.39 -42.68 -16.48
N ASN A 1038 1.71 -42.76 -15.19
CA ASN A 1038 2.80 -43.63 -14.77
C ASN A 1038 2.47 -45.13 -14.86
N LYS A 1039 1.22 -45.49 -15.09
CA LYS A 1039 0.83 -46.89 -15.22
C LYS A 1039 1.10 -47.37 -16.65
N ASN A 1040 1.86 -48.45 -16.78
CA ASN A 1040 2.16 -49.19 -18.01
C ASN A 1040 2.86 -48.35 -19.08
N SER A 1041 3.48 -47.23 -18.72
CA SER A 1041 4.26 -46.47 -19.69
C SER A 1041 5.72 -46.90 -19.65
N LYS A 1042 6.51 -46.37 -20.59
CA LYS A 1042 7.93 -46.69 -20.61
C LYS A 1042 8.66 -45.94 -19.50
N LYS A 1043 8.68 -44.62 -19.57
CA LYS A 1043 9.27 -43.77 -18.54
C LYS A 1043 8.48 -42.47 -18.47
N SER A 1044 8.52 -41.83 -17.31
CA SER A 1044 7.77 -40.60 -17.11
C SER A 1044 8.50 -39.73 -16.09
N ARG A 1045 8.54 -38.42 -16.35
CA ARG A 1045 9.17 -37.46 -15.44
C ARG A 1045 8.29 -36.23 -15.33
N LEU A 1046 8.38 -35.57 -14.17
CA LEU A 1046 7.58 -34.40 -13.85
C LEU A 1046 8.50 -33.31 -13.31
N ALA A 1047 8.27 -32.06 -13.71
CA ALA A 1047 9.04 -30.96 -13.16
C ALA A 1047 8.22 -29.68 -13.14
N PHE A 1048 8.30 -28.95 -12.03
CA PHE A 1048 7.61 -27.68 -11.83
C PHE A 1048 8.62 -26.54 -11.91
N LEU A 1049 8.12 -25.34 -12.19
CA LEU A 1049 8.92 -24.13 -12.21
C LEU A 1049 8.10 -22.97 -11.63
N SER A 1050 8.69 -22.25 -10.68
CA SER A 1050 8.04 -21.09 -10.06
C SER A 1050 8.92 -19.89 -10.34
N ALA A 1051 8.62 -19.16 -11.42
CA ALA A 1051 9.53 -18.14 -11.92
C ALA A 1051 8.91 -16.76 -11.78
N ASP A 1052 9.78 -15.80 -11.46
CA ASP A 1052 9.46 -14.38 -11.51
C ASP A 1052 10.39 -13.74 -12.53
N GLN A 1053 9.82 -12.91 -13.40
CA GLN A 1053 10.62 -12.27 -14.43
C GLN A 1053 11.45 -11.14 -13.83
N SER A 1054 12.59 -10.85 -14.46
CA SER A 1054 13.57 -9.95 -13.87
C SER A 1054 13.09 -8.50 -13.91
N LYS A 1055 12.90 -7.97 -15.11
CA LYS A 1055 12.41 -6.60 -15.29
C LYS A 1055 11.29 -6.66 -16.33
N TRP A 1056 10.04 -6.67 -15.86
CA TRP A 1056 8.89 -6.80 -16.74
C TRP A 1056 8.59 -5.51 -17.50
N SER A 1057 9.11 -4.37 -17.04
CA SER A 1057 8.79 -3.08 -17.63
C SER A 1057 9.98 -2.42 -18.30
N ALA A 1058 11.15 -2.42 -17.66
CA ALA A 1058 12.29 -1.70 -18.20
C ALA A 1058 12.91 -2.42 -19.39
N SER A 1059 13.08 -3.74 -19.29
CA SER A 1059 13.72 -4.51 -20.34
C SER A 1059 12.76 -4.93 -21.45
N ASP A 1060 11.46 -4.73 -21.27
CA ASP A 1060 10.47 -5.16 -22.25
C ASP A 1060 10.46 -4.24 -23.45
N LEU A 1061 9.96 -4.77 -24.57
CA LEU A 1061 9.74 -4.01 -25.78
C LEU A 1061 8.26 -3.64 -25.87
N THR A 1062 7.96 -2.54 -26.55
CA THR A 1062 6.57 -2.10 -26.68
C THR A 1062 6.06 -2.22 -28.10
N TYR A 1063 6.95 -2.28 -29.10
CA TYR A 1063 6.52 -2.41 -30.49
C TYR A 1063 6.02 -3.80 -30.83
N LYS A 1064 6.20 -4.77 -29.93
CA LYS A 1064 5.55 -6.07 -30.04
C LYS A 1064 4.05 -6.01 -29.77
N TYR A 1065 3.56 -4.90 -29.20
CA TYR A 1065 2.14 -4.78 -28.85
C TYR A 1065 1.27 -4.32 -30.01
N VAL A 1066 1.84 -3.52 -30.92
CA VAL A 1066 1.11 -3.09 -32.12
C VAL A 1066 0.76 -4.29 -32.99
N LEU A 1067 1.66 -5.28 -33.04
CA LEU A 1067 1.37 -6.54 -33.71
C LEU A 1067 0.16 -7.24 -33.11
N ALA A 1068 0.08 -7.31 -31.79
CA ALA A 1068 -1.09 -7.85 -31.11
C ALA A 1068 -2.35 -7.01 -31.30
N ILE A 1069 -2.20 -5.71 -31.58
CA ILE A 1069 -3.36 -4.89 -31.91
C ILE A 1069 -3.91 -5.25 -33.29
N ILE A 1070 -3.01 -5.48 -34.26
CA ILE A 1070 -3.44 -5.60 -35.67
C ILE A 1070 -4.28 -6.87 -35.90
N LEU A 1071 -3.85 -8.02 -35.38
CA LEU A 1071 -4.66 -9.22 -35.60
C LEU A 1071 -5.78 -9.41 -34.58
N ASN A 1072 -6.24 -8.35 -33.92
CA ASN A 1072 -7.39 -8.46 -33.04
C ASN A 1072 -8.66 -8.57 -33.88
N PRO A 1073 -9.45 -9.64 -33.74
CA PRO A 1073 -10.66 -9.75 -34.56
C PRO A 1073 -11.87 -9.06 -33.97
N ILE A 1074 -11.80 -8.60 -32.71
CA ILE A 1074 -12.92 -7.92 -32.10
C ILE A 1074 -13.13 -6.55 -32.74
N LEU A 1075 -12.05 -5.80 -32.92
CA LEU A 1075 -12.14 -4.45 -33.45
C LEU A 1075 -12.44 -4.47 -34.95
N THR A 1076 -12.96 -3.34 -35.43
CA THR A 1076 -13.14 -3.09 -36.85
C THR A 1076 -12.12 -2.06 -37.31
N THR A 1077 -12.13 -1.75 -38.60
CA THR A 1077 -11.21 -0.77 -39.14
C THR A 1077 -11.56 0.63 -38.64
N GLY A 1078 -10.56 1.31 -38.08
CA GLY A 1078 -10.74 2.63 -37.52
C GLY A 1078 -10.51 2.65 -36.02
N GLU A 1079 -11.08 1.69 -35.31
CA GLU A 1079 -10.78 1.52 -33.89
C GLU A 1079 -9.40 0.92 -33.69
N ALA A 1080 -9.01 -0.03 -34.53
CA ALA A 1080 -7.64 -0.54 -34.51
C ALA A 1080 -6.64 0.55 -34.88
N SER A 1081 -7.01 1.41 -35.83
CA SER A 1081 -6.15 2.54 -36.18
C SER A 1081 -6.04 3.53 -35.02
N LEU A 1082 -7.14 3.74 -34.29
CA LEU A 1082 -7.11 4.59 -33.11
C LEU A 1082 -6.22 4.00 -32.01
N MET A 1083 -6.31 2.68 -31.83
CA MET A 1083 -5.46 1.97 -30.87
C MET A 1083 -3.98 2.09 -31.24
N ILE A 1084 -3.67 1.92 -32.52
CA ILE A 1084 -2.30 2.04 -33.00
C ILE A 1084 -1.79 3.47 -32.83
N GLU A 1085 -2.66 4.46 -33.07
CA GLU A 1085 -2.31 5.86 -32.84
C GLU A 1085 -2.01 6.14 -31.36
N CYS A 1086 -2.83 5.60 -30.46
CA CYS A 1086 -2.61 5.78 -29.02
C CYS A 1086 -1.27 5.18 -28.59
N ILE A 1087 -0.98 3.95 -29.06
CA ILE A 1087 0.26 3.28 -28.67
C ILE A 1087 1.47 4.00 -29.24
N LEU A 1088 1.42 4.40 -30.52
CA LEU A 1088 2.56 5.07 -31.15
C LEU A 1088 2.82 6.43 -30.53
N MET A 1089 1.78 7.21 -30.24
CA MET A 1089 1.97 8.50 -29.58
C MET A 1089 2.48 8.33 -28.15
N TYR A 1090 1.96 7.33 -27.43
CA TYR A 1090 2.39 7.05 -26.06
C TYR A 1090 3.86 6.67 -26.02
N VAL A 1091 4.32 5.87 -26.99
CA VAL A 1091 5.72 5.47 -27.00
C VAL A 1091 6.62 6.62 -27.45
N LYS A 1092 6.25 7.31 -28.54
CA LYS A 1092 7.15 8.28 -29.14
C LYS A 1092 7.21 9.61 -28.39
N LEU A 1093 6.19 9.97 -27.60
CA LEU A 1093 6.17 11.30 -27.02
C LEU A 1093 6.26 11.31 -25.50
N LYS A 1094 6.62 10.20 -24.87
CA LYS A 1094 6.63 10.12 -23.42
C LYS A 1094 7.91 10.72 -22.84
N LYS A 1095 7.76 11.37 -21.68
CA LYS A 1095 8.86 11.99 -20.96
C LYS A 1095 8.56 11.91 -19.47
N VAL A 1096 9.60 12.11 -18.66
CA VAL A 1096 9.46 12.14 -17.21
C VAL A 1096 10.12 13.41 -16.68
N CYS A 1097 9.39 14.15 -15.86
CA CYS A 1097 9.85 15.42 -15.30
C CYS A 1097 10.33 15.22 -13.87
N ILE A 1098 11.39 15.93 -13.49
CA ILE A 1098 11.97 15.81 -12.15
C ILE A 1098 11.25 16.79 -11.22
N PRO A 1099 10.95 16.40 -9.97
CA PRO A 1099 10.39 17.36 -9.02
C PRO A 1099 11.37 18.47 -8.66
N THR A 1100 10.81 19.54 -8.09
CA THR A 1100 11.53 20.80 -7.93
C THR A 1100 12.69 20.68 -6.95
N ASP A 1101 12.43 20.13 -5.75
CA ASP A 1101 13.46 20.06 -4.72
C ASP A 1101 14.57 19.09 -5.09
N ILE A 1102 14.21 17.94 -5.69
CA ILE A 1102 15.20 16.96 -6.12
C ILE A 1102 16.06 17.54 -7.24
N PHE A 1103 15.42 18.26 -8.18
CA PHE A 1103 16.14 18.89 -9.28
C PHE A 1103 17.11 19.96 -8.77
N LEU A 1104 16.65 20.78 -7.81
CA LEU A 1104 17.51 21.82 -7.25
C LEU A 1104 18.68 21.25 -6.47
N ASN A 1105 18.42 20.18 -5.69
CA ASN A 1105 19.49 19.53 -4.94
C ASN A 1105 20.53 18.89 -5.86
N LEU A 1106 20.07 18.23 -6.93
CA LEU A 1106 21.00 17.65 -7.90
C LEU A 1106 21.81 18.74 -8.61
N ARG A 1107 21.16 19.87 -8.95
CA ARG A 1107 21.84 20.97 -9.61
C ARG A 1107 22.91 21.58 -8.72
N LYS A 1108 22.59 21.83 -7.44
CA LYS A 1108 23.58 22.44 -6.56
C LYS A 1108 24.71 21.46 -6.22
N ALA A 1109 24.40 20.16 -6.13
CA ALA A 1109 25.43 19.16 -5.88
C ALA A 1109 26.41 19.08 -7.05
N GLN A 1110 25.89 19.05 -8.28
CA GLN A 1110 26.76 19.03 -9.44
C GLN A 1110 27.53 20.35 -9.58
N GLY A 1111 26.91 21.46 -9.20
CA GLY A 1111 27.57 22.75 -9.31
C GLY A 1111 28.73 22.91 -8.33
N THR A 1112 28.55 22.45 -7.09
CA THR A 1112 29.56 22.77 -6.09
C THR A 1112 30.56 21.62 -5.88
N PHE A 1113 30.20 20.39 -6.23
CA PHE A 1113 31.09 19.27 -5.94
C PHE A 1113 31.52 18.50 -7.18
N GLY A 1114 30.58 18.14 -8.05
CA GLY A 1114 30.90 17.20 -9.12
C GLY A 1114 31.46 17.81 -10.39
N GLN A 1115 30.73 18.76 -10.97
CA GLN A 1115 30.87 19.28 -12.33
C GLN A 1115 30.69 18.19 -13.40
N ASN A 1116 30.05 17.08 -13.04
CA ASN A 1116 29.68 16.01 -13.95
C ASN A 1116 28.59 15.21 -13.25
N GLU A 1117 28.02 14.25 -13.98
CA GLU A 1117 26.89 13.51 -13.45
C GLU A 1117 26.84 12.14 -14.12
N THR A 1118 26.00 11.26 -13.57
CA THR A 1118 25.76 9.91 -14.09
C THR A 1118 24.78 9.96 -15.26
N ALA A 1119 24.21 8.80 -15.61
CA ALA A 1119 23.38 8.69 -16.81
C ALA A 1119 22.11 9.53 -16.73
N ILE A 1120 21.63 9.82 -15.52
CA ILE A 1120 20.51 10.75 -15.37
C ILE A 1120 20.95 12.17 -15.78
N GLY A 1121 22.20 12.52 -15.51
CA GLY A 1121 22.79 13.74 -16.01
C GLY A 1121 23.38 13.64 -17.39
N LEU A 1122 23.19 12.50 -18.06
CA LEU A 1122 23.52 12.32 -19.47
C LEU A 1122 22.30 12.38 -20.36
N LEU A 1123 21.16 11.85 -19.91
CA LEU A 1123 19.91 12.01 -20.63
C LEU A 1123 19.48 13.47 -20.63
N THR A 1124 19.54 14.13 -19.47
CA THR A 1124 19.42 15.57 -19.39
C THR A 1124 20.76 16.20 -19.73
N LYS A 1125 20.74 17.27 -20.52
CA LYS A 1125 21.97 17.90 -20.99
C LYS A 1125 22.61 18.68 -19.84
N GLY A 1126 23.45 17.98 -19.09
CA GLY A 1126 24.14 18.56 -17.95
C GLY A 1126 23.23 19.08 -16.86
N LEU A 1127 22.08 18.42 -16.67
CA LEU A 1127 20.98 18.89 -15.82
C LEU A 1127 20.53 20.30 -16.18
N THR A 1128 20.52 20.62 -17.48
CA THR A 1128 19.94 21.88 -17.94
C THR A 1128 18.54 21.70 -18.50
N THR A 1129 17.91 20.54 -18.28
CA THR A 1129 16.53 20.29 -18.67
C THR A 1129 15.82 19.56 -17.55
N ASN A 1130 14.54 19.89 -17.35
CA ASN A 1130 13.78 19.24 -16.30
C ASN A 1130 13.33 17.84 -16.70
N THR A 1131 13.03 17.62 -17.97
CA THR A 1131 12.44 16.38 -18.44
C THR A 1131 13.48 15.54 -19.15
N TYR A 1132 13.43 14.23 -18.91
CA TYR A 1132 14.24 13.28 -19.67
C TYR A 1132 13.34 12.23 -20.29
N PRO A 1133 13.65 11.78 -21.50
CA PRO A 1133 12.72 10.90 -22.24
C PRO A 1133 12.92 9.43 -21.84
N VAL A 1134 11.79 8.75 -21.58
CA VAL A 1134 11.75 7.31 -21.43
C VAL A 1134 10.61 6.79 -22.29
N SER A 1135 10.94 5.87 -23.21
CA SER A 1135 9.95 5.41 -24.19
C SER A 1135 9.65 3.93 -24.07
N MET A 1136 10.65 3.06 -24.18
CA MET A 1136 10.42 1.62 -24.25
C MET A 1136 10.19 1.00 -22.89
N ASN A 1137 10.33 1.76 -21.80
CA ASN A 1137 9.97 1.32 -20.47
C ASN A 1137 8.59 1.91 -20.20
N TRP A 1138 7.56 1.16 -20.59
CA TRP A 1138 6.20 1.49 -20.18
C TRP A 1138 6.07 1.27 -18.68
N LEU A 1139 5.44 2.23 -18.00
CA LEU A 1139 5.50 2.30 -16.54
C LEU A 1139 4.70 1.18 -15.90
N GLN A 1140 5.08 0.83 -14.67
CA GLN A 1140 4.54 -0.34 -14.00
C GLN A 1140 3.08 -0.10 -13.59
N GLY A 1141 2.22 -1.08 -13.89
CA GLY A 1141 0.82 -1.01 -13.57
C GLY A 1141 -0.06 -0.36 -14.61
N ASN A 1142 0.54 0.26 -15.64
CA ASN A 1142 -0.25 0.89 -16.69
C ASN A 1142 -0.85 -0.15 -17.63
N LEU A 1143 -0.07 -1.16 -18.01
CA LEU A 1143 -0.49 -2.19 -18.95
C LEU A 1143 -0.38 -3.54 -18.23
N ASN A 1144 -1.47 -3.95 -17.58
CA ASN A 1144 -1.46 -5.16 -16.77
C ASN A 1144 -2.09 -6.36 -17.44
N TYR A 1145 -3.14 -6.18 -18.24
CA TYR A 1145 -3.83 -7.30 -18.86
C TYR A 1145 -3.20 -7.71 -20.18
N LEU A 1146 -2.80 -6.74 -20.99
CA LEU A 1146 -2.21 -7.01 -22.31
C LEU A 1146 -0.87 -7.74 -22.18
N SER A 1147 -0.06 -7.36 -21.20
CA SER A 1147 1.22 -8.02 -20.99
C SER A 1147 1.04 -9.47 -20.54
N SER A 1148 0.04 -9.72 -19.68
CA SER A 1148 -0.22 -11.08 -19.25
C SER A 1148 -0.80 -11.93 -20.38
N VAL A 1149 -1.59 -11.30 -21.27
CA VAL A 1149 -2.09 -11.98 -22.46
C VAL A 1149 -0.92 -12.38 -23.37
N TYR A 1150 0.04 -11.48 -23.56
CA TYR A 1150 1.21 -11.80 -24.37
C TYR A 1150 2.07 -12.86 -23.70
N HIS A 1151 2.14 -12.86 -22.36
CA HIS A 1151 2.86 -13.90 -21.63
C HIS A 1151 2.22 -15.27 -21.82
N SER A 1152 0.89 -15.33 -21.79
CA SER A 1152 0.19 -16.59 -22.02
C SER A 1152 0.35 -17.05 -23.47
N CYS A 1153 0.37 -16.11 -24.41
CA CYS A 1153 0.65 -16.44 -25.81
C CYS A 1153 2.05 -17.01 -25.98
N ALA A 1154 3.03 -16.44 -25.26
CA ALA A 1154 4.40 -16.96 -25.29
C ALA A 1154 4.47 -18.36 -24.69
N MET A 1155 3.68 -18.62 -23.64
CA MET A 1155 3.65 -19.96 -23.06
C MET A 1155 3.05 -20.98 -24.03
N LYS A 1156 1.98 -20.59 -24.74
CA LYS A 1156 1.38 -21.50 -25.71
C LYS A 1156 2.33 -21.74 -26.89
N ALA A 1157 3.08 -20.71 -27.29
CA ALA A 1157 4.10 -20.89 -28.32
C ALA A 1157 5.23 -21.79 -27.84
N TYR A 1158 5.55 -21.74 -26.55
CA TYR A 1158 6.53 -22.66 -25.97
C TYR A 1158 6.03 -24.09 -26.03
N HIS A 1159 4.75 -24.31 -25.75
CA HIS A 1159 4.18 -25.65 -25.85
C HIS A 1159 4.17 -26.14 -27.30
N LYS A 1160 3.86 -25.23 -28.24
CA LYS A 1160 3.85 -25.61 -29.66
C LYS A 1160 5.25 -25.91 -30.17
N THR A 1161 6.26 -25.21 -29.65
CA THR A 1161 7.65 -25.54 -29.96
C THR A 1161 8.04 -26.88 -29.38
N LEU A 1162 7.60 -27.16 -28.14
CA LEU A 1162 7.95 -28.42 -27.49
C LEU A 1162 7.28 -29.61 -28.15
N GLU A 1163 6.13 -29.40 -28.79
CA GLU A 1163 5.43 -30.51 -29.45
C GLU A 1163 6.15 -31.01 -30.70
N CYS A 1164 7.11 -30.25 -31.24
CA CYS A 1164 7.78 -30.66 -32.47
C CYS A 1164 8.87 -31.69 -32.25
N TYR A 1165 9.18 -32.05 -31.01
CA TYR A 1165 10.17 -33.09 -30.76
C TYR A 1165 9.57 -34.44 -31.13
N LYS A 1166 10.41 -35.34 -31.66
CA LYS A 1166 9.90 -36.51 -32.36
C LYS A 1166 9.78 -37.73 -31.45
N ASP A 1167 10.73 -37.96 -30.56
CA ASP A 1167 10.80 -39.20 -29.80
C ASP A 1167 10.12 -39.14 -28.45
N CYS A 1168 9.57 -37.99 -28.04
CA CYS A 1168 9.03 -37.85 -26.70
C CYS A 1168 7.71 -37.11 -26.72
N ASP A 1169 6.91 -37.36 -25.70
CA ASP A 1169 5.58 -36.76 -25.55
C ASP A 1169 5.62 -35.80 -24.37
N PHE A 1170 5.26 -34.54 -24.62
CA PHE A 1170 5.36 -33.45 -23.65
C PHE A 1170 3.96 -32.93 -23.31
N GLN A 1171 3.77 -32.55 -22.05
CA GLN A 1171 2.57 -31.82 -21.65
C GLN A 1171 2.95 -30.69 -20.70
N THR A 1172 2.58 -29.46 -21.06
CA THR A 1172 2.88 -28.28 -20.27
C THR A 1172 1.59 -27.62 -19.80
N ARG A 1173 1.60 -27.14 -18.56
CA ARG A 1173 0.52 -26.33 -18.02
C ARG A 1173 1.11 -25.10 -17.34
N TRP A 1174 0.56 -23.94 -17.63
CA TRP A 1174 1.12 -22.68 -17.16
C TRP A 1174 0.05 -21.82 -16.51
N ILE A 1175 0.47 -21.09 -15.47
CA ILE A 1175 -0.35 -20.09 -14.80
C ILE A 1175 0.37 -18.75 -14.94
N VAL A 1176 -0.35 -17.75 -15.43
CA VAL A 1176 0.25 -16.48 -15.83
C VAL A 1176 -0.39 -15.34 -15.05
N HIS A 1177 0.44 -14.59 -14.34
CA HIS A 1177 0.12 -13.27 -13.81
C HIS A 1177 1.26 -12.36 -14.20
N SER A 1178 1.00 -11.05 -14.25
CA SER A 1178 2.02 -10.07 -14.61
C SER A 1178 3.20 -10.16 -13.64
N ASP A 1179 4.41 -10.25 -14.21
CA ASP A 1179 5.71 -10.39 -13.54
C ASP A 1179 5.83 -11.75 -12.83
N ASP A 1180 4.92 -12.69 -13.11
CA ASP A 1180 4.92 -13.99 -12.46
C ASP A 1180 4.74 -15.10 -13.50
N ASN A 1181 5.07 -16.32 -13.10
CA ASN A 1181 4.87 -17.50 -13.94
C ASN A 1181 4.93 -18.75 -13.08
N ALA A 1182 3.99 -19.67 -13.31
CA ALA A 1182 4.01 -20.95 -12.61
C ALA A 1182 3.79 -22.05 -13.66
N THR A 1183 4.87 -22.70 -14.07
CA THR A 1183 4.84 -23.68 -15.14
C THR A 1183 5.03 -25.09 -14.58
N SER A 1184 4.55 -26.07 -15.32
CA SER A 1184 4.89 -27.46 -15.05
C SER A 1184 4.88 -28.26 -16.35
N LEU A 1185 5.73 -29.27 -16.39
CA LEU A 1185 5.87 -30.10 -17.59
C LEU A 1185 6.02 -31.56 -17.18
N ILE A 1186 5.27 -32.42 -17.87
CA ILE A 1186 5.36 -33.87 -17.72
C ILE A 1186 5.83 -34.43 -19.05
N ALA A 1187 6.92 -35.19 -19.01
CA ALA A 1187 7.53 -35.74 -20.21
C ALA A 1187 7.56 -37.26 -20.15
N SER A 1188 7.41 -37.88 -21.33
CA SER A 1188 7.47 -39.33 -21.43
C SER A 1188 8.18 -39.71 -22.71
N GLY A 1189 8.76 -40.91 -22.72
CA GLY A 1189 9.44 -41.42 -23.89
C GLY A 1189 10.90 -41.75 -23.68
N GLU A 1190 11.75 -41.38 -24.64
CA GLU A 1190 13.19 -41.63 -24.57
C GLU A 1190 13.82 -40.56 -23.69
N VAL A 1191 13.74 -40.78 -22.37
CA VAL A 1191 14.11 -39.75 -21.41
C VAL A 1191 15.62 -39.54 -21.38
N ASP A 1192 16.40 -40.62 -21.42
CA ASP A 1192 17.85 -40.47 -21.39
C ASP A 1192 18.38 -39.82 -22.67
N LYS A 1193 17.78 -40.14 -23.83
CA LYS A 1193 18.19 -39.52 -25.08
C LYS A 1193 17.79 -38.05 -25.13
N MET A 1194 16.60 -37.73 -24.64
CA MET A 1194 16.11 -36.35 -24.66
C MET A 1194 16.88 -35.47 -23.66
N LEU A 1195 17.28 -36.02 -22.52
CA LEU A 1195 18.12 -35.25 -21.59
C LEU A 1195 19.55 -35.13 -22.10
N THR A 1196 20.05 -36.13 -22.83
CA THR A 1196 21.36 -36.00 -23.46
C THR A 1196 21.33 -34.96 -24.56
N ASP A 1197 20.23 -34.87 -25.30
CA ASP A 1197 20.09 -33.86 -26.34
C ASP A 1197 19.98 -32.45 -25.75
N PHE A 1198 19.23 -32.32 -24.65
CA PHE A 1198 19.07 -31.01 -24.02
C PHE A 1198 20.22 -30.66 -23.07
N SER A 1199 21.17 -31.58 -22.86
CA SER A 1199 22.43 -31.36 -22.13
C SER A 1199 22.18 -30.92 -20.69
N SER A 1200 21.46 -31.77 -19.97
CA SER A 1200 21.23 -31.56 -18.54
C SER A 1200 20.98 -32.91 -17.89
N SER A 1201 21.19 -32.96 -16.58
CA SER A 1201 21.05 -34.20 -15.83
C SER A 1201 19.66 -34.42 -15.25
N SER A 1202 18.79 -33.42 -15.29
CA SER A 1202 17.48 -33.56 -14.69
C SER A 1202 16.45 -32.72 -15.44
N LEU A 1203 15.19 -33.18 -15.35
CA LEU A 1203 14.09 -32.46 -15.96
C LEU A 1203 13.86 -31.05 -15.42
N PRO A 1204 13.95 -30.75 -14.11
CA PRO A 1204 13.92 -29.33 -13.69
C PRO A 1204 15.06 -28.50 -14.26
N GLU A 1205 16.26 -29.09 -14.42
CA GLU A 1205 17.39 -28.36 -14.99
C GLU A 1205 17.15 -28.01 -16.46
N MET A 1206 16.67 -28.97 -17.24
CA MET A 1206 16.37 -28.64 -18.63
C MET A 1206 15.16 -27.74 -18.75
N LEU A 1207 14.20 -27.82 -17.82
CA LEU A 1207 13.05 -26.93 -17.85
C LEU A 1207 13.48 -25.49 -17.62
N PHE A 1208 14.39 -25.30 -16.65
CA PHE A 1208 14.95 -23.98 -16.39
C PHE A 1208 15.69 -23.44 -17.61
N ARG A 1209 16.53 -24.28 -18.23
CA ARG A 1209 17.32 -23.82 -19.39
C ARG A 1209 16.43 -23.56 -20.61
N SER A 1210 15.44 -24.42 -20.85
CA SER A 1210 14.59 -24.25 -22.03
C SER A 1210 13.63 -23.08 -21.87
N ILE A 1211 13.11 -22.86 -20.66
CA ILE A 1211 12.28 -21.68 -20.40
C ILE A 1211 13.11 -20.42 -20.54
N GLU A 1212 14.36 -20.44 -20.08
CA GLU A 1212 15.25 -19.29 -20.26
C GLU A 1212 15.51 -19.00 -21.74
N ALA A 1213 15.76 -20.05 -22.53
CA ALA A 1213 16.02 -19.86 -23.96
C ALA A 1213 14.79 -19.36 -24.71
N HIS A 1214 13.62 -19.93 -24.42
CA HIS A 1214 12.39 -19.53 -25.10
C HIS A 1214 11.98 -18.11 -24.71
N PHE A 1215 12.11 -17.77 -23.43
CA PHE A 1215 11.79 -16.42 -22.98
C PHE A 1215 12.77 -15.41 -23.56
N LYS A 1216 14.03 -15.80 -23.71
CA LYS A 1216 15.01 -14.93 -24.34
C LYS A 1216 14.69 -14.74 -25.82
N SER A 1217 14.12 -15.76 -26.46
CA SER A 1217 13.63 -15.61 -27.81
C SER A 1217 12.41 -14.69 -27.87
N PHE A 1218 11.59 -14.67 -26.82
CA PHE A 1218 10.38 -13.86 -26.80
C PHE A 1218 10.54 -12.55 -26.02
N CYS A 1219 11.78 -12.04 -25.89
CA CYS A 1219 12.10 -10.75 -25.26
C CYS A 1219 11.63 -10.67 -23.81
N ILE A 1220 11.73 -11.79 -23.09
CA ILE A 1220 11.40 -11.86 -21.68
C ILE A 1220 12.64 -12.32 -20.93
N THR A 1221 13.07 -11.55 -19.94
CA THR A 1221 14.30 -11.82 -19.21
C THR A 1221 13.96 -12.51 -17.89
N LEU A 1222 14.44 -13.74 -17.73
CA LEU A 1222 14.23 -14.49 -16.51
C LEU A 1222 15.18 -14.00 -15.42
N ASN A 1223 14.70 -14.00 -14.18
CA ASN A 1223 15.53 -13.66 -13.05
C ASN A 1223 16.23 -14.92 -12.56
N PRO A 1224 17.56 -15.00 -12.62
CA PRO A 1224 18.24 -16.27 -12.31
C PRO A 1224 18.40 -16.54 -10.82
N LYS A 1225 17.93 -15.64 -9.95
CA LYS A 1225 18.15 -15.80 -8.52
C LYS A 1225 16.86 -16.07 -7.75
N LYS A 1226 15.83 -15.26 -7.94
CA LYS A 1226 14.55 -15.50 -7.27
C LYS A 1226 13.60 -16.34 -8.12
N SER A 1227 14.12 -17.47 -8.63
CA SER A 1227 13.33 -18.40 -9.43
C SER A 1227 13.95 -19.78 -9.29
N TYR A 1228 13.10 -20.81 -9.27
CA TYR A 1228 13.59 -22.18 -9.14
C TYR A 1228 12.69 -23.17 -9.86
N ALA A 1229 13.30 -24.25 -10.32
CA ALA A 1229 12.60 -25.41 -10.87
C ALA A 1229 12.77 -26.58 -9.91
N SER A 1230 11.65 -27.21 -9.57
CA SER A 1230 11.60 -28.25 -8.56
C SER A 1230 10.84 -29.46 -9.10
N SER A 1231 10.57 -30.41 -8.22
CA SER A 1231 9.72 -31.55 -8.54
C SER A 1231 8.51 -31.66 -7.62
N SER A 1232 8.42 -30.85 -6.56
CA SER A 1232 7.30 -30.98 -5.63
C SER A 1232 6.70 -29.65 -5.16
N GLU A 1233 7.38 -28.51 -5.33
CA GLU A 1233 6.97 -27.27 -4.68
C GLU A 1233 6.57 -26.23 -5.71
N VAL A 1234 5.42 -25.59 -5.49
CA VAL A 1234 4.92 -24.52 -6.35
C VAL A 1234 4.71 -23.27 -5.49
N GLU A 1235 5.23 -22.14 -5.95
CA GLU A 1235 5.01 -20.87 -5.27
C GLU A 1235 4.60 -19.84 -6.33
N PHE A 1236 3.32 -19.46 -6.33
CA PHE A 1236 2.84 -18.52 -7.33
C PHE A 1236 3.16 -17.08 -6.92
N ILE A 1237 2.54 -16.60 -5.84
CA ILE A 1237 2.83 -15.26 -5.34
C ILE A 1237 3.19 -15.31 -3.87
N SER A 1238 2.66 -16.31 -3.17
CA SER A 1238 2.79 -16.52 -1.73
C SER A 1238 2.14 -17.85 -1.40
N GLU A 1239 2.38 -18.33 -0.18
CA GLU A 1239 1.78 -19.54 0.39
C GLU A 1239 2.06 -20.78 -0.49
N ARG A 1240 3.35 -21.14 -0.49
CA ARG A 1240 3.86 -22.24 -1.29
C ARG A 1240 3.15 -23.55 -0.96
N ILE A 1241 2.86 -24.34 -1.99
CA ILE A 1241 2.10 -25.57 -1.86
C ILE A 1241 2.95 -26.73 -2.39
N VAL A 1242 3.04 -27.80 -1.62
CA VAL A 1242 3.88 -28.95 -1.93
C VAL A 1242 3.01 -30.20 -1.92
N ASN A 1243 3.01 -30.95 -3.04
CA ASN A 1243 2.38 -32.27 -3.16
C ASN A 1243 0.89 -32.25 -2.86
N GLY A 1244 0.22 -31.15 -3.23
CA GLY A 1244 -1.19 -31.01 -2.97
C GLY A 1244 -1.55 -30.59 -1.57
N ALA A 1245 -0.58 -30.26 -0.73
CA ALA A 1245 -0.82 -29.78 0.62
C ALA A 1245 -0.14 -28.43 0.81
N ILE A 1246 -0.80 -27.52 1.51
CA ILE A 1246 -0.38 -26.13 1.55
C ILE A 1246 0.29 -25.82 2.89
N ILE A 1247 1.33 -25.00 2.83
CA ILE A 1247 1.87 -24.39 4.05
C ILE A 1247 1.22 -23.04 4.25
N PRO A 1248 0.54 -22.80 5.41
CA PRO A 1248 -0.38 -21.65 5.55
C PRO A 1248 0.18 -20.25 5.34
N LEU A 1249 1.38 -19.98 5.86
CA LEU A 1249 2.07 -18.68 5.73
C LEU A 1249 1.24 -17.53 6.30
N TYR A 1250 1.01 -17.57 7.61
CA TYR A 1250 0.30 -16.50 8.31
C TYR A 1250 1.23 -15.38 8.81
N CYS A 1251 2.54 -15.54 8.59
CA CYS A 1251 3.50 -14.56 9.10
C CYS A 1251 3.41 -13.22 8.37
N ARG A 1252 2.87 -13.20 7.15
CA ARG A 1252 2.64 -11.92 6.48
C ARG A 1252 1.62 -11.08 7.21
N HIS A 1253 0.49 -11.69 7.61
CA HIS A 1253 -0.50 -10.98 8.41
C HIS A 1253 0.03 -10.66 9.79
N LEU A 1254 0.83 -11.57 10.37
CA LEU A 1254 1.38 -11.34 11.70
C LEU A 1254 2.35 -10.16 11.72
N ALA A 1255 3.16 -10.01 10.68
CA ALA A 1255 4.04 -8.86 10.59
C ALA A 1255 3.28 -7.60 10.18
N ASN A 1256 2.21 -7.76 9.38
CA ASN A 1256 1.40 -6.63 8.96
C ASN A 1256 0.69 -5.95 10.13
N CYS A 1257 0.13 -6.75 11.04
CA CYS A 1257 -0.58 -6.23 12.21
C CYS A 1257 0.33 -5.42 13.12
N CYS A 1258 1.59 -5.82 13.25
CA CYS A 1258 2.53 -5.14 14.12
C CYS A 1258 3.38 -4.10 13.41
N THR A 1259 3.34 -4.04 12.09
CA THR A 1259 4.19 -3.08 11.39
C THR A 1259 3.42 -2.00 10.65
N GLU A 1260 2.48 -2.37 9.78
CA GLU A 1260 1.92 -1.42 8.83
C GLU A 1260 0.51 -1.04 9.24
N SER A 1261 0.23 0.27 9.26
CA SER A 1261 -1.07 0.80 9.62
C SER A 1261 -1.38 1.99 8.72
N SER A 1262 -2.67 2.32 8.62
CA SER A 1262 -3.11 3.32 7.66
C SER A 1262 -2.75 4.74 8.11
N HIS A 1263 -2.87 5.01 9.43
CA HIS A 1263 -2.58 6.32 10.05
C HIS A 1263 -3.42 7.44 9.45
N ILE A 1264 -4.74 7.38 9.70
CA ILE A 1264 -5.64 8.49 9.46
C ILE A 1264 -6.45 8.86 10.69
N SER A 1265 -6.97 7.86 11.41
CA SER A 1265 -7.68 8.09 12.67
C SER A 1265 -7.54 6.83 13.53
N TYR A 1266 -8.20 6.82 14.68
CA TYR A 1266 -8.16 5.68 15.59
C TYR A 1266 -9.18 4.60 15.22
N PHE A 1267 -10.42 5.02 14.96
CA PHE A 1267 -11.49 4.08 14.61
C PHE A 1267 -11.19 3.37 13.30
N ASP A 1268 -10.73 4.12 12.30
CA ASP A 1268 -10.46 3.51 11.00
C ASP A 1268 -9.24 2.60 11.04
N ASP A 1269 -8.21 2.97 11.81
CA ASP A 1269 -7.05 2.11 11.96
C ASP A 1269 -7.41 0.82 12.69
N LEU A 1270 -8.25 0.93 13.72
CA LEU A 1270 -8.70 -0.26 14.45
C LEU A 1270 -9.50 -1.18 13.55
N MET A 1271 -10.38 -0.62 12.72
CA MET A 1271 -11.15 -1.44 11.78
C MET A 1271 -10.23 -2.08 10.73
N SER A 1272 -9.29 -1.30 10.19
CA SER A 1272 -8.43 -1.77 9.11
C SER A 1272 -7.47 -2.85 9.57
N LEU A 1273 -7.02 -2.78 10.82
CA LEU A 1273 -6.17 -3.84 11.34
C LEU A 1273 -6.97 -5.00 11.93
N SER A 1274 -8.24 -4.77 12.30
CA SER A 1274 -9.10 -5.90 12.65
C SER A 1274 -9.42 -6.74 11.42
N ILE A 1275 -9.42 -6.12 10.23
CA ILE A 1275 -9.48 -6.89 8.98
C ILE A 1275 -8.29 -7.84 8.87
N HIS A 1276 -7.10 -7.35 9.23
CA HIS A 1276 -5.90 -8.19 9.18
C HIS A 1276 -5.94 -9.29 10.24
N VAL A 1277 -6.50 -8.99 11.42
CA VAL A 1277 -6.67 -10.01 12.45
C VAL A 1277 -7.65 -11.09 11.98
N THR A 1278 -8.73 -10.69 11.30
CA THR A 1278 -9.67 -11.64 10.73
C THR A 1278 -9.02 -12.51 9.66
N MET A 1279 -8.19 -11.90 8.80
CA MET A 1279 -7.50 -12.67 7.76
C MET A 1279 -6.48 -13.64 8.37
N LEU A 1280 -5.77 -13.22 9.42
CA LEU A 1280 -4.85 -14.10 10.12
C LEU A 1280 -5.58 -15.26 10.79
N LEU A 1281 -6.78 -15.00 11.31
CA LEU A 1281 -7.60 -16.09 11.83
C LEU A 1281 -8.06 -17.02 10.72
N ARG A 1282 -8.29 -16.49 9.52
CA ARG A 1282 -8.69 -17.32 8.39
C ARG A 1282 -7.55 -18.14 7.81
N LYS A 1283 -6.30 -17.72 7.99
CA LYS A 1283 -5.15 -18.43 7.42
C LYS A 1283 -4.59 -19.50 8.35
N GLY A 1284 -5.24 -19.78 9.48
CA GLY A 1284 -4.83 -20.87 10.34
C GLY A 1284 -3.56 -20.65 11.14
N CYS A 1285 -3.61 -19.71 12.08
CA CYS A 1285 -2.56 -19.41 13.03
C CYS A 1285 -2.67 -20.32 14.26
N PRO A 1286 -1.60 -20.45 15.06
CA PRO A 1286 -1.72 -21.20 16.32
C PRO A 1286 -2.50 -20.43 17.37
N ASN A 1287 -2.81 -21.13 18.46
CA ASN A 1287 -3.68 -20.58 19.50
C ASN A 1287 -2.97 -19.51 20.33
N GLU A 1288 -1.68 -19.67 20.55
CA GLU A 1288 -0.97 -18.84 21.53
C GLU A 1288 -0.66 -17.44 21.02
N VAL A 1289 -0.88 -17.18 19.73
CA VAL A 1289 -0.46 -15.91 19.14
C VAL A 1289 -1.61 -14.90 19.07
N ILE A 1290 -2.86 -15.36 19.16
CA ILE A 1290 -4.01 -14.46 18.99
C ILE A 1290 -4.14 -13.39 20.07
N PRO A 1291 -4.02 -13.69 21.39
CA PRO A 1291 -4.06 -12.58 22.37
C PRO A 1291 -2.91 -11.60 22.22
N PHE A 1292 -1.73 -12.07 21.83
CA PHE A 1292 -0.62 -11.15 21.60
C PHE A 1292 -0.83 -10.31 20.35
N ALA A 1293 -1.53 -10.85 19.34
CA ALA A 1293 -1.87 -10.05 18.17
C ALA A 1293 -2.90 -8.97 18.52
N TYR A 1294 -3.88 -9.34 19.36
CA TYR A 1294 -4.85 -8.38 19.89
C TYR A 1294 -4.14 -7.26 20.65
N GLY A 1295 -3.19 -7.65 21.50
CA GLY A 1295 -2.41 -6.66 22.23
C GLY A 1295 -1.57 -5.79 21.31
N ALA A 1296 -1.07 -6.37 20.21
CA ALA A 1296 -0.23 -5.61 19.29
C ALA A 1296 -1.04 -4.54 18.56
N VAL A 1297 -2.22 -4.90 18.02
CA VAL A 1297 -3.02 -3.91 17.30
C VAL A 1297 -3.53 -2.84 18.27
N GLN A 1298 -3.92 -3.24 19.49
CA GLN A 1298 -4.41 -2.24 20.42
C GLN A 1298 -3.29 -1.35 20.95
N VAL A 1299 -2.08 -1.89 21.13
CA VAL A 1299 -0.95 -1.09 21.55
C VAL A 1299 -0.58 -0.07 20.49
N GLN A 1300 -0.60 -0.48 19.21
CA GLN A 1300 -0.32 0.47 18.12
C GLN A 1300 -1.36 1.58 18.06
N ALA A 1301 -2.65 1.22 18.08
CA ALA A 1301 -3.71 2.22 17.96
C ALA A 1301 -3.76 3.16 19.15
N LEU A 1302 -3.63 2.62 20.36
CA LEU A 1302 -3.67 3.47 21.56
C LEU A 1302 -2.40 4.31 21.67
N SER A 1303 -1.25 3.78 21.25
CA SER A 1303 0.00 4.49 21.41
C SER A 1303 0.10 5.65 20.44
N ILE A 1304 -0.50 5.53 19.25
CA ILE A 1304 -0.48 6.69 18.36
C ILE A 1304 -1.64 7.65 18.66
N TYR A 1305 -2.89 7.17 18.71
CA TYR A 1305 -4.02 8.08 18.60
C TYR A 1305 -4.67 8.46 19.92
N SER A 1306 -5.25 7.48 20.64
CA SER A 1306 -5.97 7.76 21.87
C SER A 1306 -5.20 7.08 22.99
N MET A 1307 -4.58 7.89 23.85
CA MET A 1307 -3.45 7.47 24.67
C MET A 1307 -3.77 6.31 25.61
N LEU A 1308 -2.84 5.36 25.65
CA LEU A 1308 -2.97 4.13 26.42
C LEU A 1308 -3.00 4.47 27.91
N PRO A 1309 -3.73 3.67 28.72
CA PRO A 1309 -4.19 4.14 30.03
C PRO A 1309 -3.07 4.48 31.02
N GLY A 1310 -3.33 5.50 31.84
CA GLY A 1310 -2.35 6.06 32.75
C GLY A 1310 -2.01 7.50 32.49
N GLU A 1311 -2.62 8.15 31.50
CA GLU A 1311 -2.32 9.53 31.18
C GLU A 1311 -3.57 10.19 30.58
N VAL A 1312 -3.38 11.37 29.99
CA VAL A 1312 -4.48 12.17 29.47
C VAL A 1312 -5.03 11.55 28.19
N ASN A 1313 -6.21 12.02 27.77
CA ASN A 1313 -6.88 11.68 26.51
C ASN A 1313 -7.24 10.20 26.44
N ASP A 1314 -7.57 9.60 27.59
CA ASP A 1314 -8.10 8.25 27.62
C ASP A 1314 -9.62 8.30 27.38
N SER A 1315 -10.25 7.14 27.46
CA SER A 1315 -11.72 7.08 27.37
C SER A 1315 -12.34 6.34 28.55
N ILE A 1316 -11.70 5.28 29.04
CA ILE A 1316 -12.17 4.58 30.22
C ILE A 1316 -12.04 5.48 31.45
N ARG A 1317 -10.98 6.29 31.50
CA ARG A 1317 -10.80 7.25 32.58
C ARG A 1317 -11.91 8.31 32.58
N ILE A 1318 -12.28 8.81 31.40
CA ILE A 1318 -13.34 9.80 31.28
C ILE A 1318 -14.69 9.19 31.66
N PHE A 1319 -14.95 7.96 31.19
CA PHE A 1319 -16.21 7.29 31.51
C PHE A 1319 -16.33 6.97 33.00
N LYS A 1320 -15.20 6.65 33.64
CA LYS A 1320 -15.23 6.41 35.09
C LYS A 1320 -15.38 7.71 35.86
N LYS A 1321 -14.74 8.79 35.38
CA LYS A 1321 -14.82 10.09 36.05
C LYS A 1321 -16.23 10.67 35.99
N LEU A 1322 -16.90 10.54 34.85
CA LEU A 1322 -18.26 11.06 34.72
C LEU A 1322 -19.31 10.17 35.35
N GLY A 1323 -18.96 8.93 35.72
CA GLY A 1323 -19.97 8.00 36.21
C GLY A 1323 -20.96 7.59 35.14
N VAL A 1324 -20.49 7.34 33.93
CA VAL A 1324 -21.35 6.92 32.84
C VAL A 1324 -21.84 5.50 33.11
N SER A 1325 -23.11 5.24 32.75
CA SER A 1325 -23.75 3.95 32.99
C SER A 1325 -23.11 2.79 32.23
N LEU A 1326 -22.37 3.07 31.15
CA LEU A 1326 -21.71 2.00 30.42
C LEU A 1326 -20.52 1.45 31.20
N LYS A 1327 -20.22 0.17 30.96
CA LYS A 1327 -19.12 -0.50 31.64
C LYS A 1327 -17.81 -0.23 30.88
N SER A 1328 -16.75 -0.94 31.27
CA SER A 1328 -15.45 -0.76 30.63
C SER A 1328 -15.41 -1.43 29.26
N ASN A 1329 -16.12 -2.54 29.10
CA ASN A 1329 -16.10 -3.31 27.86
C ASN A 1329 -17.31 -3.05 26.97
N GLU A 1330 -18.11 -2.03 27.28
CA GLU A 1330 -19.29 -1.70 26.49
C GLU A 1330 -19.17 -0.34 25.80
N ILE A 1331 -17.97 0.23 25.75
CA ILE A 1331 -17.75 1.52 25.11
C ILE A 1331 -17.51 1.29 23.63
N PRO A 1332 -18.26 1.96 22.73
CA PRO A 1332 -18.02 1.80 21.30
C PRO A 1332 -16.69 2.40 20.86
N THR A 1333 -16.15 1.83 19.77
CA THR A 1333 -14.77 2.11 19.36
C THR A 1333 -14.59 3.56 18.91
N ASN A 1334 -15.60 4.14 18.26
CA ASN A 1334 -15.53 5.54 17.88
C ASN A 1334 -15.55 6.47 19.08
N MET A 1335 -16.04 6.00 20.23
CA MET A 1335 -15.95 6.75 21.46
C MET A 1335 -14.64 6.50 22.20
N GLY A 1336 -13.75 5.69 21.65
CA GLY A 1336 -12.52 5.34 22.31
C GLY A 1336 -12.52 3.99 23.02
N GLY A 1337 -13.53 3.16 22.80
CA GLY A 1337 -13.60 1.88 23.46
C GLY A 1337 -12.60 0.88 22.90
N TRP A 1338 -12.46 -0.23 23.61
CA TRP A 1338 -11.48 -1.25 23.28
C TRP A 1338 -12.15 -2.38 22.49
N LEU A 1339 -11.38 -2.95 21.57
CA LEU A 1339 -11.85 -4.06 20.74
C LEU A 1339 -12.01 -5.30 21.61
N THR A 1340 -13.26 -5.70 21.84
CA THR A 1340 -13.57 -6.85 22.68
C THR A 1340 -14.53 -7.82 22.01
N SER A 1341 -14.51 -7.86 20.67
CA SER A 1341 -15.36 -8.78 19.94
C SER A 1341 -14.93 -10.22 20.18
N PRO A 1342 -15.86 -11.15 20.31
CA PRO A 1342 -15.49 -12.57 20.32
C PRO A 1342 -14.91 -12.98 18.98
N ILE A 1343 -14.05 -14.00 19.05
CA ILE A 1343 -13.16 -14.33 17.93
C ILE A 1343 -13.95 -14.91 16.75
N GLU A 1344 -14.91 -15.78 17.01
CA GLU A 1344 -15.72 -16.34 15.92
C GLU A 1344 -16.60 -15.29 15.22
N PRO A 1345 -17.33 -14.39 15.91
CA PRO A 1345 -17.98 -13.30 15.17
C PRO A 1345 -17.02 -12.35 14.47
N LEU A 1346 -15.82 -12.13 15.04
CA LEU A 1346 -14.82 -11.32 14.34
C LEU A 1346 -14.37 -11.99 13.05
N SER A 1347 -14.20 -13.32 13.08
CA SER A 1347 -13.73 -14.03 11.90
C SER A 1347 -14.82 -14.15 10.84
N ILE A 1348 -16.08 -14.30 11.26
CA ILE A 1348 -17.14 -14.50 10.28
C ILE A 1348 -17.66 -13.17 9.74
N LEU A 1349 -18.02 -12.24 10.63
CA LEU A 1349 -18.60 -10.98 10.18
C LEU A 1349 -17.53 -9.93 9.86
N GLY A 1350 -16.74 -9.54 10.86
CA GLY A 1350 -15.73 -8.55 10.66
C GLY A 1350 -15.62 -7.56 11.81
N PRO A 1351 -15.00 -6.40 11.53
CA PRO A 1351 -14.77 -5.43 12.62
C PRO A 1351 -16.01 -4.70 13.10
N SER A 1352 -17.12 -4.75 12.37
CA SER A 1352 -18.36 -4.11 12.83
C SER A 1352 -19.14 -4.99 13.81
N SER A 1353 -18.70 -6.23 14.00
CA SER A 1353 -19.45 -7.18 14.80
C SER A 1353 -19.44 -6.81 16.28
N ASN A 1354 -18.41 -6.11 16.76
CA ASN A 1354 -18.40 -5.71 18.16
C ASN A 1354 -19.44 -4.64 18.45
N ASP A 1355 -19.59 -3.67 17.54
CA ASP A 1355 -20.65 -2.66 17.68
C ASP A 1355 -22.03 -3.30 17.56
N GLN A 1356 -22.19 -4.23 16.61
CA GLN A 1356 -23.46 -4.93 16.48
C GLN A 1356 -23.78 -5.77 17.72
N ILE A 1357 -22.75 -6.38 18.32
CA ILE A 1357 -22.95 -7.23 19.49
C ILE A 1357 -23.31 -6.40 20.71
N ILE A 1358 -22.64 -5.26 20.93
CA ILE A 1358 -22.97 -4.46 22.12
C ILE A 1358 -24.34 -3.81 21.96
N TYR A 1359 -24.71 -3.42 20.72
CA TYR A 1359 -26.05 -2.91 20.48
C TYR A 1359 -27.12 -3.98 20.73
N TYR A 1360 -26.89 -5.19 20.23
CA TYR A 1360 -27.85 -6.28 20.42
C TYR A 1360 -27.97 -6.67 21.89
N ASN A 1361 -26.84 -6.66 22.62
CA ASN A 1361 -26.86 -6.93 24.05
C ASN A 1361 -27.66 -5.90 24.81
N VAL A 1362 -27.52 -4.62 24.47
CA VAL A 1362 -28.27 -3.58 25.15
C VAL A 1362 -29.76 -3.64 24.82
N ILE A 1363 -30.10 -3.96 23.56
CA ILE A 1363 -31.51 -4.16 23.19
C ILE A 1363 -32.13 -5.31 23.97
N ARG A 1364 -31.41 -6.44 24.08
CA ARG A 1364 -31.93 -7.59 24.80
C ARG A 1364 -32.04 -7.32 26.29
N ASP A 1365 -31.10 -6.54 26.85
CA ASP A 1365 -31.17 -6.21 28.27
C ASP A 1365 -32.31 -5.25 28.58
N PHE A 1366 -32.57 -4.29 27.68
CA PHE A 1366 -33.64 -3.33 27.94
C PHE A 1366 -35.01 -3.95 27.74
N LEU A 1367 -35.18 -4.78 26.71
CA LEU A 1367 -36.51 -5.30 26.41
C LEU A 1367 -36.90 -6.50 27.28
N ASN A 1368 -36.03 -6.91 28.20
CA ASN A 1368 -36.26 -8.02 29.14
C ASN A 1368 -36.58 -9.32 28.41
N LYS A 1369 -35.92 -9.52 27.27
CA LYS A 1369 -36.08 -10.72 26.45
C LYS A 1369 -34.85 -11.61 26.62
N LYS A 1370 -34.93 -12.80 26.04
CA LYS A 1370 -33.87 -13.79 26.18
C LYS A 1370 -33.19 -14.13 24.86
N SER A 1371 -33.91 -14.09 23.75
CA SER A 1371 -33.39 -14.59 22.48
C SER A 1371 -33.68 -13.60 21.35
N LEU A 1372 -32.90 -13.75 20.28
CA LEU A 1372 -33.08 -12.93 19.09
C LEU A 1372 -34.43 -13.21 18.42
N GLU A 1373 -34.86 -14.48 18.43
CA GLU A 1373 -36.18 -14.83 17.92
C GLU A 1373 -37.29 -14.17 18.75
N GLU A 1374 -37.11 -14.15 20.07
CA GLU A 1374 -38.10 -13.53 20.95
C GLU A 1374 -38.19 -12.02 20.72
N VAL A 1375 -37.04 -11.34 20.62
CA VAL A 1375 -37.08 -9.89 20.44
C VAL A 1375 -37.55 -9.53 19.03
N LYS A 1376 -37.27 -10.38 18.03
CA LYS A 1376 -37.78 -10.15 16.69
C LYS A 1376 -39.29 -10.33 16.63
N ASP A 1377 -39.81 -11.35 17.32
CA ASP A 1377 -41.25 -11.57 17.36
C ASP A 1377 -41.96 -10.47 18.13
N SER A 1378 -41.29 -9.90 19.14
CA SER A 1378 -41.89 -8.78 19.87
C SER A 1378 -41.88 -7.50 19.04
N VAL A 1379 -40.80 -7.24 18.31
CA VAL A 1379 -40.71 -6.03 17.50
C VAL A 1379 -41.64 -6.09 16.29
N SER A 1380 -41.80 -7.28 15.69
CA SER A 1380 -42.59 -7.42 14.46
C SER A 1380 -44.07 -7.11 14.71
N SER A 1381 -44.58 -7.43 15.89
CA SER A 1381 -45.92 -6.99 16.25
C SER A 1381 -45.91 -5.49 16.54
N SER A 1382 -46.88 -4.77 15.98
CA SER A 1382 -46.91 -3.33 16.09
C SER A 1382 -47.47 -2.92 17.46
N SER A 1383 -47.46 -1.61 17.71
CA SER A 1383 -47.89 -0.97 18.96
C SER A 1383 -47.16 -1.54 20.18
N TYR A 1384 -45.85 -1.77 20.01
CA TYR A 1384 -44.99 -2.27 21.06
C TYR A 1384 -43.93 -1.26 21.48
N LEU A 1385 -43.14 -0.77 20.53
CA LEU A 1385 -42.06 0.16 20.86
C LEU A 1385 -42.60 1.52 21.26
N GLN A 1386 -43.78 1.88 20.76
CA GLN A 1386 -44.48 3.07 21.25
C GLN A 1386 -44.83 2.91 22.73
N MET A 1387 -45.31 1.73 23.12
CA MET A 1387 -45.64 1.47 24.52
C MET A 1387 -44.38 1.49 25.40
N ARG A 1388 -43.27 0.94 24.88
CA ARG A 1388 -42.02 0.97 25.63
C ARG A 1388 -41.50 2.40 25.77
N PHE A 1389 -41.63 3.21 24.73
CA PHE A 1389 -41.21 4.61 24.82
C PHE A 1389 -42.09 5.40 25.78
N ARG A 1390 -43.40 5.11 25.80
CA ARG A 1390 -44.30 5.81 26.74
C ARG A 1390 -44.03 5.41 28.19
N GLU A 1391 -43.79 4.12 28.45
CA GLU A 1391 -43.49 3.72 29.82
C GLU A 1391 -42.10 4.19 30.25
N LEU A 1392 -41.15 4.31 29.30
CA LEU A 1392 -39.84 4.85 29.63
C LEU A 1392 -39.93 6.35 29.91
N LYS A 1393 -40.80 7.06 29.17
CA LYS A 1393 -41.06 8.47 29.48
C LYS A 1393 -41.71 8.63 30.84
N GLY A 1394 -42.64 7.75 31.19
CA GLY A 1394 -43.24 7.79 32.52
C GLY A 1394 -42.23 7.50 33.62
N LYS A 1395 -41.31 6.57 33.36
CA LYS A 1395 -40.24 6.29 34.31
C LYS A 1395 -39.31 7.49 34.47
N TYR A 1396 -39.02 8.19 33.37
CA TYR A 1396 -38.18 9.38 33.45
C TYR A 1396 -38.88 10.51 34.18
N GLU A 1397 -40.20 10.62 34.01
CA GLU A 1397 -40.95 11.64 34.74
C GLU A 1397 -40.99 11.32 36.23
N LYS A 1398 -41.13 10.04 36.58
CA LYS A 1398 -41.15 9.64 37.98
C LYS A 1398 -39.78 9.58 38.62
N GLY A 1399 -38.71 9.59 37.82
CA GLY A 1399 -37.37 9.51 38.38
C GLY A 1399 -36.97 8.13 38.84
N THR A 1400 -37.60 7.08 38.32
CA THR A 1400 -37.33 5.70 38.69
C THR A 1400 -36.53 4.96 37.62
N LEU A 1401 -35.57 5.64 37.00
CA LEU A 1401 -34.77 5.03 35.94
C LEU A 1401 -33.82 3.98 36.51
N GLU A 1402 -33.41 3.06 35.65
CA GLU A 1402 -32.52 1.96 36.02
C GLU A 1402 -31.23 2.02 35.21
N GLU A 1403 -30.34 1.06 35.50
CA GLU A 1403 -29.03 1.01 34.84
C GLU A 1403 -29.17 0.69 33.36
N LYS A 1404 -29.98 -0.34 33.04
CA LYS A 1404 -30.26 -0.68 31.65
C LYS A 1404 -31.02 0.43 30.93
N ASP A 1405 -31.86 1.18 31.65
CA ASP A 1405 -32.56 2.31 31.06
C ASP A 1405 -31.58 3.42 30.69
N LYS A 1406 -30.61 3.70 31.58
CA LYS A 1406 -29.62 4.72 31.27
C LYS A 1406 -28.71 4.31 30.11
N LYS A 1407 -28.38 3.01 30.03
CA LYS A 1407 -27.65 2.49 28.87
C LYS A 1407 -28.46 2.66 27.59
N MET A 1408 -29.77 2.41 27.67
CA MET A 1408 -30.66 2.58 26.52
C MET A 1408 -30.72 4.04 26.05
N ILE A 1409 -30.86 4.98 26.99
CA ILE A 1409 -30.89 6.40 26.62
C ILE A 1409 -29.56 6.84 26.01
N PHE A 1410 -28.45 6.39 26.58
CA PHE A 1410 -27.14 6.77 26.06
C PHE A 1410 -26.92 6.23 24.64
N LEU A 1411 -27.31 4.98 24.39
CA LEU A 1411 -27.12 4.45 23.04
C LEU A 1411 -28.13 5.00 22.03
N ILE A 1412 -29.34 5.36 22.49
CA ILE A 1412 -30.31 6.01 21.61
C ILE A 1412 -29.78 7.37 21.18
N ASN A 1413 -29.25 8.15 22.13
CA ASN A 1413 -28.65 9.44 21.78
C ASN A 1413 -27.39 9.26 20.95
N LEU A 1414 -26.66 8.15 21.16
CA LEU A 1414 -25.46 7.89 20.38
C LEU A 1414 -25.79 7.62 18.92
N PHE A 1415 -26.83 6.84 18.66
CA PHE A 1415 -27.26 6.62 17.28
C PHE A 1415 -27.88 7.88 16.69
N GLU A 1416 -28.54 8.69 17.52
CA GLU A 1416 -29.15 9.92 17.02
C GLU A 1416 -28.09 10.94 16.57
N LYS A 1417 -27.03 11.09 17.35
CA LYS A 1417 -25.99 12.06 17.02
C LYS A 1417 -24.86 11.47 16.20
N ALA A 1418 -24.86 10.15 15.96
CA ALA A 1418 -23.82 9.53 15.16
C ALA A 1418 -24.02 9.78 13.67
N THR A 1435 -20.19 0.08 8.09
CA THR A 1435 -20.28 0.09 9.55
C THR A 1435 -21.53 0.85 10.01
N MET A 1436 -22.02 0.49 11.21
CA MET A 1436 -23.23 1.11 11.73
C MET A 1436 -22.98 2.54 12.19
N LEU A 1437 -21.86 2.79 12.84
CA LEU A 1437 -21.58 4.08 13.46
C LEU A 1437 -20.46 4.79 12.71
N THR A 1438 -20.22 6.04 13.10
CA THR A 1438 -19.30 6.93 12.40
C THR A 1438 -18.39 7.54 13.47
N GLN A 1439 -17.39 8.31 13.05
CA GLN A 1439 -16.36 8.88 13.94
C GLN A 1439 -16.92 9.83 15.00
N ILE A 1440 -18.12 10.37 14.77
CA ILE A 1440 -18.81 11.34 15.64
C ILE A 1440 -17.96 12.60 15.76
N ILE A 1441 -17.00 12.58 16.67
CA ILE A 1441 -16.07 13.71 16.77
C ILE A 1441 -15.06 13.59 15.62
N LYS A 1442 -15.24 14.42 14.61
CA LYS A 1442 -14.36 14.45 13.44
C LYS A 1442 -13.58 15.76 13.51
N LEU A 1443 -12.29 15.66 13.85
CA LEU A 1443 -11.44 16.83 13.89
C LEU A 1443 -11.24 17.35 12.47
N PRO A 1444 -11.53 18.62 12.20
CA PRO A 1444 -11.40 19.14 10.83
C PRO A 1444 -9.93 19.21 10.43
N ASN A 1445 -9.69 19.06 9.13
CA ASN A 1445 -8.33 19.13 8.60
C ASN A 1445 -7.91 20.59 8.47
N PHE A 1446 -6.80 20.81 7.75
CA PHE A 1446 -6.39 22.17 7.43
C PHE A 1446 -7.44 22.82 6.54
N ILE A 1447 -7.78 24.07 6.86
CA ILE A 1447 -8.89 24.74 6.20
C ILE A 1447 -8.48 25.06 4.77
N ASN A 1448 -9.04 24.31 3.82
CA ASN A 1448 -8.73 24.46 2.40
C ASN A 1448 -9.67 25.44 1.71
N GLU A 1449 -10.48 26.20 2.47
CA GLU A 1449 -11.22 27.30 1.90
C GLU A 1449 -10.31 28.43 1.46
N ASN A 1450 -9.10 28.52 2.05
CA ASN A 1450 -8.07 29.42 1.57
C ASN A 1450 -7.47 28.97 0.24
N ALA A 1451 -7.73 27.73 -0.18
CA ALA A 1451 -7.24 27.22 -1.46
C ALA A 1451 -8.37 26.79 -2.39
N LEU A 1452 -9.63 27.08 -2.05
CA LEU A 1452 -10.76 26.76 -2.90
C LEU A 1452 -10.79 27.58 -4.19
N ASN A 1453 -9.99 28.64 -4.27
CA ASN A 1453 -9.79 29.35 -5.53
C ASN A 1453 -8.99 28.55 -6.54
N LYS A 1454 -8.36 27.44 -6.12
CA LYS A 1454 -7.66 26.56 -7.04
C LYS A 1454 -8.59 25.63 -7.80
N MET A 1455 -9.88 25.66 -7.54
CA MET A 1455 -10.82 24.70 -8.10
C MET A 1455 -11.80 25.40 -9.04
N SER A 1456 -12.01 24.80 -10.22
CA SER A 1456 -12.71 25.46 -11.31
C SER A 1456 -14.21 25.56 -11.03
N SER A 1457 -14.78 24.59 -10.33
CA SER A 1457 -16.20 24.66 -10.00
C SER A 1457 -16.48 25.79 -9.02
N TYR A 1458 -15.58 26.01 -8.06
CA TYR A 1458 -15.73 27.15 -7.15
C TYR A 1458 -15.46 28.47 -7.86
N LYS A 1459 -14.54 28.46 -8.85
CA LYS A 1459 -14.30 29.66 -9.63
C LYS A 1459 -15.51 30.03 -10.49
N ASP A 1460 -16.23 29.02 -10.99
CA ASP A 1460 -17.45 29.29 -11.73
C ASP A 1460 -18.58 29.70 -10.79
N PHE A 1461 -18.61 29.14 -9.57
CA PHE A 1461 -19.58 29.54 -8.57
C PHE A 1461 -19.35 30.96 -8.06
N SER A 1462 -18.13 31.47 -8.19
CA SER A 1462 -17.80 32.82 -7.75
C SER A 1462 -18.00 33.87 -8.85
N LYS A 1463 -18.48 33.48 -10.04
CA LYS A 1463 -18.64 34.39 -11.15
C LYS A 1463 -20.10 34.66 -11.50
N LEU A 1464 -20.88 33.61 -11.79
CA LEU A 1464 -22.28 33.81 -12.12
C LEU A 1464 -23.09 34.21 -10.89
N TYR A 1465 -22.65 33.79 -9.71
CA TYR A 1465 -23.11 34.37 -8.46
C TYR A 1465 -21.98 35.20 -7.88
N PRO A 1466 -22.16 36.51 -7.69
CA PRO A 1466 -21.05 37.39 -7.26
C PRO A 1466 -20.58 37.14 -5.83
N ASN A 1467 -19.67 38.00 -5.37
CA ASN A 1467 -18.98 37.84 -4.09
C ASN A 1467 -19.87 38.03 -2.85
N LEU A 1468 -21.17 38.21 -3.04
CA LEU A 1468 -22.10 38.17 -1.92
C LEU A 1468 -22.15 36.78 -1.30
N LYS A 1469 -22.01 35.73 -2.11
CA LYS A 1469 -22.02 34.36 -1.64
C LYS A 1469 -20.68 33.67 -1.84
N LYS A 1470 -19.59 34.44 -1.99
CA LYS A 1470 -18.27 33.85 -2.11
C LYS A 1470 -17.82 33.21 -0.80
N ASN A 1471 -17.98 33.93 0.31
CA ASN A 1471 -17.56 33.44 1.62
C ASN A 1471 -18.72 33.42 2.61
N ILE A 1498 -29.05 42.06 2.07
CA ILE A 1498 -30.36 41.76 1.51
C ILE A 1498 -30.18 41.14 0.12
N ALA A 1499 -29.02 41.40 -0.50
CA ALA A 1499 -28.72 40.81 -1.80
C ALA A 1499 -28.44 39.32 -1.66
N SER A 1500 -27.83 38.93 -0.53
CA SER A 1500 -27.57 37.52 -0.27
C SER A 1500 -28.87 36.73 -0.12
N SER A 1501 -29.89 37.36 0.50
CA SER A 1501 -31.17 36.69 0.69
C SER A 1501 -31.89 36.42 -0.63
N LEU A 1502 -31.91 37.41 -1.52
CA LEU A 1502 -32.64 37.23 -2.78
C LEU A 1502 -31.86 36.35 -3.76
N GLU A 1503 -30.52 36.44 -3.73
CA GLU A 1503 -29.71 35.51 -4.51
C GLU A 1503 -29.85 34.08 -4.01
N MET A 1504 -29.93 33.91 -2.68
CA MET A 1504 -30.07 32.60 -2.08
C MET A 1504 -31.45 32.02 -2.43
N GLU A 1505 -32.46 32.88 -2.46
CA GLU A 1505 -33.82 32.49 -2.85
C GLU A 1505 -33.88 32.06 -4.32
N SER A 1506 -33.16 32.79 -5.19
CA SER A 1506 -33.07 32.36 -6.58
C SER A 1506 -32.37 31.01 -6.71
N VAL A 1507 -31.38 30.77 -5.84
CA VAL A 1507 -30.69 29.48 -5.87
C VAL A 1507 -31.64 28.36 -5.49
N HIS A 1508 -32.43 28.55 -4.43
CA HIS A 1508 -33.37 27.48 -4.09
C HIS A 1508 -34.58 27.34 -5.00
N ASP A 1509 -35.09 28.40 -5.66
CA ASP A 1509 -36.23 28.11 -6.55
C ASP A 1509 -35.74 27.44 -7.84
N ILE A 1510 -34.55 27.81 -8.33
CA ILE A 1510 -33.99 27.03 -9.43
C ILE A 1510 -33.50 25.64 -8.98
N MET A 1511 -33.30 25.42 -7.68
CA MET A 1511 -32.95 24.08 -7.20
C MET A 1511 -34.18 23.23 -6.93
N ILE A 1512 -35.29 23.86 -6.52
CA ILE A 1512 -36.50 23.12 -6.18
C ILE A 1512 -37.32 22.86 -7.44
N LYS A 1513 -37.06 23.61 -8.52
CA LYS A 1513 -37.68 23.25 -9.79
C LYS A 1513 -37.04 22.01 -10.43
N ASN A 1514 -35.84 21.62 -9.99
CA ASN A 1514 -35.12 20.47 -10.55
C ASN A 1514 -34.67 19.56 -9.41
N PRO A 1515 -35.54 18.67 -8.93
CA PRO A 1515 -35.13 17.76 -7.85
C PRO A 1515 -34.12 16.70 -8.27
N GLU A 1516 -34.07 16.37 -9.56
CA GLU A 1516 -33.12 15.37 -10.06
C GLU A 1516 -31.68 15.80 -9.90
N THR A 1517 -31.41 17.12 -9.98
CA THR A 1517 -30.05 17.65 -9.88
C THR A 1517 -29.44 17.37 -8.51
N ILE A 1518 -30.20 17.58 -7.43
CA ILE A 1518 -29.69 17.42 -6.09
C ILE A 1518 -30.11 16.11 -5.46
N LEU A 1519 -30.88 15.28 -6.17
CA LEU A 1519 -31.23 13.95 -5.65
C LEU A 1519 -30.54 12.81 -6.37
N ILE A 1520 -30.21 12.96 -7.65
CA ILE A 1520 -29.83 11.85 -8.52
C ILE A 1520 -28.42 12.08 -9.05
N ALA A 1521 -27.59 11.03 -9.00
CA ALA A 1521 -26.31 11.04 -9.69
C ALA A 1521 -26.54 11.18 -11.19
N PRO A 1522 -25.74 12.06 -11.88
CA PRO A 1522 -26.18 12.69 -13.14
C PRO A 1522 -26.67 11.79 -14.26
N LEU A 1523 -27.97 11.91 -14.56
CA LEU A 1523 -28.58 11.11 -15.61
C LEU A 1523 -28.10 11.52 -16.99
N ASN A 1524 -27.93 12.83 -17.20
CA ASN A 1524 -27.51 13.36 -18.49
C ASN A 1524 -26.86 14.72 -18.22
N ASP A 1525 -26.66 15.49 -19.28
CA ASP A 1525 -26.24 16.87 -19.10
C ASP A 1525 -27.43 17.71 -18.63
N ARG A 1526 -27.11 18.87 -18.04
CA ARG A 1526 -27.98 19.62 -17.13
C ARG A 1526 -28.43 18.76 -15.94
N ASP A 1527 -27.57 17.83 -15.53
CA ASP A 1527 -27.67 17.12 -14.26
C ASP A 1527 -26.31 16.94 -13.62
N PHE A 1528 -25.23 17.37 -14.29
CA PHE A 1528 -23.86 17.16 -13.83
C PHE A 1528 -23.16 18.46 -13.48
N LEU A 1529 -23.06 19.39 -14.43
CA LEU A 1529 -22.24 20.58 -14.20
C LEU A 1529 -22.93 21.57 -13.25
N LEU A 1530 -24.24 21.77 -13.39
CA LEU A 1530 -24.94 22.60 -12.43
C LEU A 1530 -25.11 21.91 -11.09
N SER A 1531 -25.04 20.56 -11.06
CA SER A 1531 -24.98 19.86 -9.79
C SER A 1531 -23.65 20.11 -9.09
N GLN A 1532 -22.56 20.17 -9.86
CA GLN A 1532 -21.26 20.55 -9.30
C GLN A 1532 -21.27 21.98 -8.80
N LEU A 1533 -21.98 22.86 -9.52
CA LEU A 1533 -22.13 24.24 -9.04
C LEU A 1533 -22.96 24.31 -7.77
N PHE A 1534 -24.05 23.53 -7.69
CA PHE A 1534 -25.03 23.67 -6.61
C PHE A 1534 -24.69 22.83 -5.38
N MET A 1535 -23.74 21.91 -5.47
CA MET A 1535 -23.36 21.16 -4.28
C MET A 1535 -22.50 21.99 -3.33
N TYR A 1536 -21.95 23.11 -3.80
CA TYR A 1536 -21.16 24.01 -2.97
C TYR A 1536 -22.03 24.96 -2.18
N THR A 1537 -23.34 24.92 -2.38
CA THR A 1537 -24.30 25.70 -1.60
C THR A 1537 -24.42 25.11 -0.20
N SER A 1538 -24.35 26.00 0.82
CA SER A 1538 -24.63 25.81 2.24
C SER A 1538 -23.57 24.97 2.94
N PRO A 1539 -23.25 25.29 4.22
CA PRO A 1539 -22.26 24.49 4.96
C PRO A 1539 -22.90 23.33 5.72
N LYS A 1552 6.84 10.08 8.85
CA LYS A 1552 6.73 11.49 8.54
C LYS A 1552 5.45 12.06 9.13
N LEU A 1553 4.35 11.35 8.91
CA LEU A 1553 3.02 11.75 9.37
C LEU A 1553 2.75 11.32 10.82
N ALA A 1554 3.60 10.46 11.39
CA ALA A 1554 3.35 9.95 12.74
C ALA A 1554 3.61 11.01 13.79
N LEU A 1555 4.51 11.95 13.52
CA LEU A 1555 4.84 12.99 14.49
C LEU A 1555 3.75 14.05 14.60
N ASP A 1556 2.96 14.26 13.55
CA ASP A 1556 1.97 15.33 13.54
C ASP A 1556 0.81 15.01 14.48
N ARG A 1557 0.27 13.80 14.39
CA ARG A 1557 -0.89 13.44 15.20
C ARG A 1557 -0.52 12.79 16.53
N VAL A 1558 0.77 12.69 16.86
CA VAL A 1558 1.16 12.41 18.23
C VAL A 1558 1.28 13.72 19.00
N LEU A 1559 1.26 14.86 18.30
CA LEU A 1559 1.26 16.17 18.91
C LEU A 1559 -0.07 16.90 18.77
N ARG A 1560 -0.90 16.49 17.81
CA ARG A 1560 -2.20 17.14 17.61
C ARG A 1560 -3.13 16.91 18.79
N SER A 1561 -3.06 15.73 19.42
CA SER A 1561 -3.92 15.46 20.57
C SER A 1561 -3.51 16.30 21.78
N LYS A 1562 -2.22 16.57 21.93
CA LYS A 1562 -1.72 17.43 23.00
C LYS A 1562 -1.62 18.87 22.53
N ALA A 1563 -2.71 19.39 21.97
CA ALA A 1563 -2.74 20.75 21.43
C ALA A 1563 -4.19 21.22 21.38
N ARG A 1564 -4.36 22.51 21.18
CA ARG A 1564 -5.67 23.13 21.06
C ARG A 1564 -5.99 23.37 19.59
N THR A 1565 -7.09 22.80 19.12
CA THR A 1565 -7.48 22.91 17.72
C THR A 1565 -8.94 23.33 17.58
N LYS A 1574 -11.36 26.88 20.39
CA LYS A 1574 -10.46 25.84 19.91
C LYS A 1574 -10.57 24.57 20.74
N MET A 1575 -10.51 24.77 22.07
CA MET A 1575 -10.58 23.76 23.14
C MET A 1575 -9.70 22.54 22.91
N THR A 1576 -10.00 21.43 23.59
CA THR A 1576 -9.12 20.27 23.63
C THR A 1576 -9.99 19.05 23.34
N TYR A 1577 -9.34 17.96 22.90
CA TYR A 1577 -10.06 16.73 22.59
C TYR A 1577 -10.72 16.14 23.83
N GLU A 1578 -10.04 16.20 24.98
CA GLU A 1578 -10.60 15.62 26.20
C GLU A 1578 -11.82 16.41 26.69
N GLU A 1579 -11.75 17.75 26.67
CA GLU A 1579 -12.91 18.52 27.08
C GLU A 1579 -14.00 18.51 26.01
N ASN A 1580 -13.62 18.26 24.75
CA ASN A 1580 -14.62 18.05 23.70
C ASN A 1580 -15.43 16.79 23.97
N MET A 1581 -14.74 15.70 24.31
CA MET A 1581 -15.43 14.46 24.69
C MET A 1581 -16.23 14.65 25.98
N GLU A 1582 -15.71 15.47 26.90
CA GLU A 1582 -16.41 15.78 28.14
C GLU A 1582 -17.74 16.49 27.88
N LYS A 1583 -17.71 17.56 27.09
CA LYS A 1583 -18.91 18.29 26.73
C LYS A 1583 -19.87 17.42 25.92
N LYS A 1584 -19.32 16.59 25.03
CA LYS A 1584 -20.17 15.71 24.22
C LYS A 1584 -20.92 14.70 25.08
N ILE A 1585 -20.21 13.99 25.98
CA ILE A 1585 -20.85 12.99 26.82
C ILE A 1585 -21.83 13.65 27.80
N LEU A 1586 -21.51 14.86 28.28
CA LEU A 1586 -22.47 15.60 29.10
C LEU A 1586 -23.71 15.98 28.30
N GLU A 1587 -23.58 16.17 26.99
CA GLU A 1587 -24.76 16.38 26.16
C GLU A 1587 -25.55 15.09 25.95
N MET A 1588 -24.86 13.96 25.76
CA MET A 1588 -25.58 12.71 25.47
C MET A 1588 -26.22 12.13 26.72
N LEU A 1589 -25.78 12.55 27.91
CA LEU A 1589 -26.29 11.95 29.15
C LEU A 1589 -27.74 12.31 29.44
N LYS A 1590 -28.26 13.39 28.83
CA LYS A 1590 -29.64 13.78 29.07
C LYS A 1590 -30.60 12.91 28.26
N PHE A 1591 -31.88 12.98 28.66
CA PHE A 1591 -32.91 12.13 28.06
C PHE A 1591 -33.23 12.57 26.64
N ASP A 1592 -33.51 13.88 26.44
CA ASP A 1592 -33.95 14.52 25.19
C ASP A 1592 -35.29 14.01 24.67
N LEU A 1593 -35.93 14.75 23.78
CA LEU A 1593 -37.24 14.40 23.27
C LEU A 1593 -37.16 14.15 21.77
N ASP A 1594 -38.24 13.54 21.26
CA ASP A 1594 -38.43 13.23 19.84
C ASP A 1594 -37.32 12.33 19.30
N SER A 1595 -36.99 11.29 20.06
CA SER A 1595 -35.95 10.34 19.71
C SER A 1595 -36.51 8.99 19.28
N TYR A 1596 -37.82 8.91 19.03
CA TYR A 1596 -38.43 7.65 18.61
C TYR A 1596 -37.92 7.21 17.24
N CYS A 1597 -37.61 8.18 16.37
CA CYS A 1597 -37.10 7.84 15.04
C CYS A 1597 -35.75 7.14 15.13
N SER A 1598 -34.81 7.72 15.89
CA SER A 1598 -33.50 7.10 16.05
C SER A 1598 -33.58 5.78 16.79
N PHE A 1599 -34.44 5.72 17.82
CA PHE A 1599 -34.64 4.48 18.58
C PHE A 1599 -35.15 3.34 17.69
N LYS A 1600 -36.23 3.58 16.94
CA LYS A 1600 -36.83 2.49 16.18
C LYS A 1600 -36.01 2.15 14.94
N THR A 1601 -35.30 3.14 14.36
CA THR A 1601 -34.40 2.81 13.25
C THR A 1601 -33.21 2.01 13.74
N CYS A 1602 -32.70 2.30 14.96
CA CYS A 1602 -31.64 1.49 15.54
C CYS A 1602 -32.10 0.06 15.78
N VAL A 1603 -33.32 -0.09 16.32
CA VAL A 1603 -33.87 -1.42 16.60
C VAL A 1603 -34.05 -2.20 15.30
N ASN A 1604 -34.61 -1.56 14.27
CA ASN A 1604 -34.83 -2.23 12.99
C ASN A 1604 -33.51 -2.59 12.31
N LEU A 1605 -32.53 -1.68 12.33
CA LEU A 1605 -31.26 -1.94 11.68
C LEU A 1605 -30.47 -3.04 12.38
N VAL A 1606 -30.58 -3.13 13.71
CA VAL A 1606 -29.93 -4.21 14.43
C VAL A 1606 -30.61 -5.55 14.15
N ILE A 1607 -31.94 -5.58 14.24
CA ILE A 1607 -32.64 -6.87 14.26
C ILE A 1607 -32.77 -7.45 12.85
N LYS A 1608 -32.97 -6.60 11.83
CA LYS A 1608 -33.40 -7.09 10.52
C LYS A 1608 -32.28 -7.74 9.71
N ASP A 1609 -31.04 -7.74 10.20
CA ASP A 1609 -29.94 -8.28 9.40
C ASP A 1609 -29.97 -9.80 9.36
N VAL A 1610 -29.96 -10.34 8.14
CA VAL A 1610 -30.15 -11.77 7.90
C VAL A 1610 -28.95 -12.59 8.36
N ASN A 1611 -27.74 -12.11 8.07
CA ASN A 1611 -26.53 -12.84 8.46
C ASN A 1611 -26.39 -12.90 9.97
N PHE A 1612 -26.67 -11.80 10.66
CA PHE A 1612 -26.67 -11.79 12.12
C PHE A 1612 -27.75 -12.70 12.68
N SER A 1613 -28.97 -12.61 12.11
CA SER A 1613 -30.11 -13.38 12.59
C SER A 1613 -29.98 -14.87 12.33
N MET A 1614 -29.12 -15.27 11.39
CA MET A 1614 -28.82 -16.69 11.21
C MET A 1614 -27.58 -17.14 11.97
N LEU A 1615 -26.60 -16.25 12.16
CA LEU A 1615 -25.36 -16.64 12.83
C LEU A 1615 -25.56 -16.79 14.33
N ILE A 1616 -26.31 -15.87 14.95
CA ILE A 1616 -26.41 -15.85 16.42
C ILE A 1616 -27.07 -17.09 17.02
N PRO A 1617 -28.21 -17.60 16.50
CA PRO A 1617 -28.73 -18.87 17.07
C PRO A 1617 -27.83 -20.07 16.86
N ILE A 1618 -27.03 -20.10 15.78
CA ILE A 1618 -26.09 -21.20 15.58
C ILE A 1618 -24.98 -21.14 16.63
N LEU A 1619 -24.48 -19.94 16.93
CA LEU A 1619 -23.49 -19.80 18.00
C LEU A 1619 -24.11 -20.08 19.37
N ASP A 1620 -25.41 -19.86 19.50
CA ASP A 1620 -26.10 -20.14 20.76
C ASP A 1620 -26.25 -21.64 20.97
N SER A 1621 -26.63 -22.38 19.93
CA SER A 1621 -27.04 -23.77 20.05
C SER A 1621 -26.06 -24.71 19.35
N ALA A 1622 -24.77 -24.49 19.55
CA ALA A 1622 -23.73 -25.39 19.02
C ALA A 1622 -23.19 -26.23 20.16
N TYR A 1623 -23.21 -27.55 19.98
CA TYR A 1623 -22.64 -28.43 20.99
C TYR A 1623 -21.11 -28.31 20.98
N PRO A 1624 -20.46 -28.45 22.15
CA PRO A 1624 -19.02 -28.08 22.22
C PRO A 1624 -18.09 -28.99 21.43
N CYS A 1625 -18.17 -30.30 21.63
CA CYS A 1625 -17.23 -31.21 21.00
C CYS A 1625 -17.97 -32.46 20.55
N GLU A 1626 -17.22 -33.36 19.91
CA GLU A 1626 -17.68 -34.65 19.38
C GLU A 1626 -18.77 -34.49 18.33
N SER A 1627 -19.39 -35.61 17.94
CA SER A 1627 -20.27 -35.72 16.77
C SER A 1627 -19.54 -35.19 15.52
N ARG A 1628 -18.44 -35.86 15.20
CA ARG A 1628 -17.43 -35.55 14.18
C ARG A 1628 -17.10 -34.06 14.05
N LYS A 1629 -16.85 -33.38 15.17
CA LYS A 1629 -16.41 -31.98 15.13
C LYS A 1629 -15.01 -31.79 15.71
N ARG A 1630 -14.76 -32.19 16.95
CA ARG A 1630 -13.49 -31.91 17.62
C ARG A 1630 -12.78 -33.22 17.92
N ASP A 1631 -11.66 -33.47 17.23
CA ASP A 1631 -10.86 -34.66 17.45
C ASP A 1631 -9.42 -34.33 17.85
N ASN A 1632 -8.75 -33.44 17.14
CA ASN A 1632 -7.35 -33.15 17.38
C ASN A 1632 -7.19 -31.87 18.21
N TYR A 1633 -5.95 -31.52 18.52
CA TYR A 1633 -5.68 -30.34 19.35
C TYR A 1633 -4.58 -29.43 18.81
N ASN A 1634 -3.76 -29.88 17.86
CA ASN A 1634 -2.73 -29.04 17.28
C ASN A 1634 -3.41 -28.07 16.32
N PHE A 1635 -3.72 -26.87 16.81
CA PHE A 1635 -4.44 -25.77 16.16
C PHE A 1635 -5.77 -26.23 15.53
N ARG A 1636 -6.31 -27.33 16.05
CA ARG A 1636 -7.51 -27.96 15.51
C ARG A 1636 -8.78 -27.54 16.23
N TRP A 1637 -8.85 -26.28 16.68
CA TRP A 1637 -10.10 -25.64 17.05
C TRP A 1637 -10.26 -24.28 16.39
N PHE A 1638 -9.16 -23.68 15.94
CA PHE A 1638 -9.17 -22.55 15.01
C PHE A 1638 -9.59 -22.95 13.59
N GLN A 1639 -9.91 -24.21 13.33
CA GLN A 1639 -10.34 -24.67 12.02
C GLN A 1639 -11.67 -25.39 12.04
N THR A 1640 -12.02 -26.08 13.13
CA THR A 1640 -13.29 -26.78 13.20
C THR A 1640 -14.41 -25.85 13.68
N GLU A 1641 -14.28 -25.31 14.90
CA GLU A 1641 -15.39 -24.60 15.51
C GLU A 1641 -15.55 -23.17 15.00
N LYS A 1642 -14.66 -22.69 14.13
CA LYS A 1642 -14.81 -21.36 13.58
C LYS A 1642 -15.93 -21.30 12.55
N TRP A 1643 -15.29 -21.80 11.45
CA TRP A 1643 -15.90 -21.75 10.14
C TRP A 1643 -16.41 -23.04 9.58
N ILE A 1644 -15.82 -24.18 9.86
CA ILE A 1644 -16.49 -25.36 9.24
C ILE A 1644 -17.93 -25.55 9.76
N PRO A 1645 -18.35 -25.25 11.01
CA PRO A 1645 -19.72 -25.46 11.37
C PRO A 1645 -20.27 -24.27 10.77
N VAL A 1646 -19.58 -23.14 10.67
CA VAL A 1646 -20.25 -21.98 10.05
C VAL A 1646 -20.66 -22.34 8.61
N VAL A 1647 -19.90 -23.15 7.88
CA VAL A 1647 -20.26 -23.42 6.46
C VAL A 1647 -21.22 -24.62 6.40
N GLU A 1648 -21.24 -25.51 7.36
CA GLU A 1648 -22.37 -26.47 7.28
C GLU A 1648 -23.61 -25.64 7.66
N GLY A 1649 -23.41 -24.45 8.25
CA GLY A 1649 -24.49 -23.55 8.68
C GLY A 1649 -24.92 -22.81 7.47
N SER A 1650 -24.57 -21.55 7.30
CA SER A 1650 -24.88 -20.96 5.97
C SER A 1650 -24.39 -22.14 5.15
N PRO A 1651 -25.12 -22.73 4.17
CA PRO A 1651 -24.76 -24.06 3.66
C PRO A 1651 -24.23 -24.70 2.39
N GLY A 1652 -24.16 -26.05 2.41
CA GLY A 1652 -23.71 -26.84 1.24
C GLY A 1652 -22.25 -27.28 1.32
N LEU A 1653 -21.88 -28.27 2.15
CA LEU A 1653 -20.42 -28.60 2.26
C LEU A 1653 -20.17 -29.78 3.24
N VAL A 1654 -18.90 -30.18 3.45
CA VAL A 1654 -18.63 -31.34 4.31
C VAL A 1654 -17.25 -31.27 4.98
N VAL A 1655 -16.44 -30.26 4.67
CA VAL A 1655 -15.05 -30.20 5.14
C VAL A 1655 -15.00 -29.98 6.65
N MET A 1656 -13.89 -30.42 7.26
CA MET A 1656 -13.52 -30.03 8.61
C MET A 1656 -12.29 -29.12 8.66
N HIS A 1657 -11.39 -29.23 7.69
CA HIS A 1657 -10.12 -28.49 7.70
C HIS A 1657 -9.89 -27.88 6.32
N ALA A 1658 -10.00 -26.55 6.22
CA ALA A 1658 -9.83 -25.88 4.94
C ALA A 1658 -9.44 -24.43 5.16
N VAL A 1659 -8.66 -23.88 4.22
CA VAL A 1659 -8.28 -22.47 4.25
C VAL A 1659 -9.34 -21.68 3.51
N TYR A 1660 -9.93 -20.69 4.16
CA TYR A 1660 -11.12 -20.00 3.68
C TYR A 1660 -10.79 -18.67 3.01
N GLY A 1661 -11.47 -18.41 1.89
CA GLY A 1661 -11.52 -17.09 1.29
C GLY A 1661 -12.97 -16.65 1.19
N SER A 1662 -13.36 -15.65 1.98
CA SER A 1662 -14.76 -15.36 2.23
C SER A 1662 -15.34 -14.43 1.18
N ASN A 1663 -16.65 -14.53 0.99
CA ASN A 1663 -17.40 -13.59 0.17
C ASN A 1663 -17.65 -12.28 0.92
N TYR A 1664 -18.22 -11.32 0.21
CA TYR A 1664 -18.69 -10.09 0.82
C TYR A 1664 -20.17 -10.18 1.17
N ILE A 1665 -20.51 -11.18 1.99
CA ILE A 1665 -21.91 -11.43 2.34
C ILE A 1665 -22.46 -10.33 3.21
N GLU A 1666 -21.72 -9.93 4.24
CA GLU A 1666 -22.20 -8.91 5.17
C GLU A 1666 -22.07 -7.52 4.54
N ASN A 1667 -23.18 -6.80 4.50
CA ASN A 1667 -23.19 -5.39 4.11
C ASN A 1667 -24.11 -4.64 5.06
N LEU A 1668 -23.61 -3.52 5.59
CA LEU A 1668 -24.38 -2.69 6.52
C LEU A 1668 -24.70 -1.32 5.93
N GLY A 1669 -24.68 -1.20 4.61
CA GLY A 1669 -24.91 0.08 3.98
C GLY A 1669 -26.07 0.10 3.00
N LEU A 1670 -27.15 -0.59 3.34
CA LEU A 1670 -28.35 -0.60 2.52
C LEU A 1670 -29.42 0.37 3.03
N LYS A 1671 -29.12 1.15 4.07
CA LYS A 1671 -30.04 2.14 4.60
C LYS A 1671 -29.41 3.51 4.83
N ASN A 1672 -28.09 3.58 4.99
CA ASN A 1672 -27.43 4.86 5.21
C ASN A 1672 -27.44 5.73 3.96
N ILE A 1673 -27.40 5.11 2.77
CA ILE A 1673 -27.47 5.89 1.53
C ILE A 1673 -28.84 6.54 1.33
N PRO A 1674 -29.99 5.83 1.48
CA PRO A 1674 -31.26 6.57 1.46
C PRO A 1674 -31.44 7.50 2.65
N LEU A 1675 -30.80 7.20 3.79
CA LEU A 1675 -30.82 8.13 4.91
C LEU A 1675 -30.14 9.44 4.56
N THR A 1676 -28.99 9.38 3.88
CA THR A 1676 -28.30 10.59 3.47
C THR A 1676 -29.06 11.33 2.36
N ASP A 1677 -29.67 10.57 1.44
CA ASP A 1677 -30.41 11.20 0.35
C ASP A 1677 -31.65 11.93 0.85
N ASP A 1678 -32.41 11.29 1.74
CA ASP A 1678 -33.55 12.01 2.29
C ASP A 1678 -33.14 13.07 3.31
N SER A 1679 -31.96 12.94 3.92
CA SER A 1679 -31.46 14.00 4.80
C SER A 1679 -31.12 15.27 4.01
N ILE A 1680 -30.44 15.13 2.86
CA ILE A 1680 -30.16 16.31 2.05
C ILE A 1680 -31.44 16.82 1.39
N ASN A 1681 -32.44 15.95 1.18
CA ASN A 1681 -33.74 16.39 0.71
C ASN A 1681 -34.44 17.31 1.72
N VAL A 1682 -34.52 16.89 2.99
CA VAL A 1682 -35.12 17.75 4.01
C VAL A 1682 -34.23 18.97 4.25
N LEU A 1683 -32.91 18.85 4.04
CA LEU A 1683 -32.03 20.00 4.22
C LEU A 1683 -32.32 21.10 3.20
N THR A 1684 -32.42 20.74 1.91
CA THR A 1684 -32.71 21.76 0.90
C THR A 1684 -34.15 22.26 1.01
N SER A 1685 -35.08 21.39 1.44
CA SER A 1685 -36.46 21.83 1.63
C SER A 1685 -36.57 22.83 2.78
N THR A 1686 -35.89 22.54 3.90
CA THR A 1686 -35.91 23.42 5.06
C THR A 1686 -35.22 24.75 4.76
N PHE A 1687 -34.12 24.72 4.00
CA PHE A 1687 -33.46 25.96 3.64
C PHE A 1687 -34.31 26.80 2.68
N GLY A 1688 -35.02 26.16 1.75
CA GLY A 1688 -35.94 26.90 0.88
C GLY A 1688 -37.09 27.54 1.63
N THR A 1689 -37.72 26.78 2.54
CA THR A 1689 -38.85 27.37 3.27
C THR A 1689 -38.38 28.39 4.29
N GLY A 1690 -37.18 28.23 4.85
CA GLY A 1690 -36.64 29.23 5.76
C GLY A 1690 -36.19 30.48 5.02
N LEU A 1691 -35.86 30.35 3.74
CA LEU A 1691 -35.57 31.53 2.94
C LEU A 1691 -36.85 32.28 2.58
N ILE A 1692 -37.95 31.57 2.32
CA ILE A 1692 -39.15 32.28 1.89
C ILE A 1692 -39.88 32.91 3.08
N MET A 1693 -39.85 32.25 4.26
CA MET A 1693 -40.13 33.00 5.49
C MET A 1693 -39.46 32.34 6.68
N GLU A 1694 -39.35 33.09 7.78
CA GLU A 1694 -38.80 32.57 9.02
C GLU A 1694 -39.86 31.81 9.81
N ASP A 1695 -39.46 31.36 11.01
CA ASP A 1695 -40.24 30.59 11.99
C ASP A 1695 -41.10 29.49 11.34
N VAL A 1696 -40.42 28.57 10.68
CA VAL A 1696 -41.09 27.53 9.90
C VAL A 1696 -41.53 26.42 10.86
N LYS A 1697 -42.82 26.38 11.15
CA LYS A 1697 -43.47 25.22 11.76
C LYS A 1697 -44.58 24.67 10.89
N SER A 1698 -45.42 25.56 10.34
CA SER A 1698 -46.43 25.20 9.35
C SER A 1698 -46.36 26.23 8.23
N LEU A 1699 -46.54 25.77 7.00
CA LEU A 1699 -46.40 26.66 5.85
C LEU A 1699 -47.65 27.53 5.69
N VAL A 1700 -47.57 28.48 4.76
CA VAL A 1700 -48.62 29.48 4.56
C VAL A 1700 -49.38 29.17 3.28
N LYS A 1701 -49.43 27.88 2.91
CA LYS A 1701 -50.13 27.36 1.73
C LYS A 1701 -49.60 28.01 0.44
N GLY A 1702 -48.33 27.70 0.15
CA GLY A 1702 -47.71 28.14 -1.07
C GLY A 1702 -48.04 27.22 -2.22
N LYS A 1703 -47.03 26.69 -2.90
CA LYS A 1703 -47.31 25.74 -3.97
C LYS A 1703 -47.40 24.32 -3.40
N ASP A 1704 -47.68 23.38 -4.32
CA ASP A 1704 -47.96 22.00 -3.92
C ASP A 1704 -46.73 21.32 -3.35
N SER A 1705 -45.56 21.57 -3.94
CA SER A 1705 -44.32 20.99 -3.43
C SER A 1705 -43.99 21.53 -2.04
N PHE A 1706 -44.24 22.82 -1.80
CA PHE A 1706 -44.04 23.39 -0.48
C PHE A 1706 -45.01 22.82 0.54
N GLU A 1707 -46.26 22.59 0.14
CA GLU A 1707 -47.23 21.96 1.03
C GLU A 1707 -46.82 20.53 1.39
N THR A 1708 -46.35 19.77 0.40
CA THR A 1708 -45.98 18.38 0.66
C THR A 1708 -44.69 18.29 1.46
N GLU A 1709 -43.74 19.21 1.25
CA GLU A 1709 -42.54 19.20 2.08
C GLU A 1709 -42.84 19.69 3.49
N ALA A 1710 -43.85 20.55 3.66
CA ALA A 1710 -44.31 20.91 5.00
C ALA A 1710 -44.93 19.71 5.69
N PHE A 1711 -45.73 18.93 4.97
CA PHE A 1711 -46.33 17.72 5.56
C PHE A 1711 -45.26 16.68 5.89
N SER A 1712 -44.21 16.60 5.06
CA SER A 1712 -43.12 15.68 5.33
C SER A 1712 -42.30 16.10 6.54
N ASN A 1713 -42.05 17.41 6.69
CA ASN A 1713 -41.25 17.90 7.80
C ASN A 1713 -42.07 18.11 9.07
N SER A 1714 -43.39 17.99 9.01
CA SER A 1714 -44.21 18.05 10.22
C SER A 1714 -43.89 16.89 11.16
N ASN A 1715 -43.89 15.67 10.63
CA ASN A 1715 -43.44 14.50 11.36
C ASN A 1715 -41.99 14.20 10.99
N GLU A 1716 -41.48 13.06 11.45
CA GLU A 1716 -40.16 12.61 11.02
C GLU A 1716 -40.27 12.13 9.58
N CYS A 1717 -39.58 12.84 8.68
CA CYS A 1717 -39.75 12.63 7.24
C CYS A 1717 -39.23 11.27 6.80
N GLN A 1718 -38.06 10.89 7.31
CA GLN A 1718 -37.45 9.60 6.96
C GLN A 1718 -38.32 8.45 7.47
N ARG A 1719 -38.79 8.55 8.71
CA ARG A 1719 -39.63 7.51 9.29
C ARG A 1719 -40.96 7.40 8.56
N LEU A 1720 -41.58 8.54 8.19
CA LEU A 1720 -42.87 8.46 7.52
C LEU A 1720 -42.73 7.91 6.11
N VAL A 1721 -41.63 8.23 5.41
CA VAL A 1721 -41.51 7.72 4.05
C VAL A 1721 -41.12 6.24 4.07
N LYS A 1722 -40.38 5.79 5.10
CA LYS A 1722 -40.12 4.36 5.28
C LYS A 1722 -41.41 3.61 5.57
N ALA A 1723 -42.25 4.18 6.46
CA ALA A 1723 -43.52 3.55 6.80
C ALA A 1723 -44.46 3.51 5.61
N CYS A 1724 -44.41 4.53 4.75
CA CYS A 1724 -45.23 4.51 3.54
C CYS A 1724 -44.75 3.47 2.54
N ASN A 1725 -43.43 3.37 2.34
CA ASN A 1725 -42.93 2.39 1.38
C ASN A 1725 -42.88 0.98 1.95
N TYR A 1726 -43.24 0.81 3.23
CA TYR A 1726 -43.40 -0.55 3.76
C TYR A 1726 -44.53 -1.29 3.05
N MET A 1727 -45.63 -0.61 2.70
CA MET A 1727 -46.68 -1.28 1.93
C MET A 1727 -46.92 -0.73 0.53
N ILE A 1728 -46.47 0.49 0.20
CA ILE A 1728 -46.67 0.94 -1.19
C ILE A 1728 -45.58 0.30 -2.06
N ALA A 1729 -45.96 -0.09 -3.26
CA ALA A 1729 -45.12 -0.88 -4.16
C ALA A 1729 -45.23 -0.36 -5.59
N ALA A 1730 -45.05 0.95 -5.78
CA ALA A 1730 -45.26 1.56 -7.09
C ALA A 1730 -44.19 1.12 -8.09
N GLN A 1731 -42.94 1.49 -7.84
CA GLN A 1731 -41.76 1.11 -8.63
C GLN A 1731 -41.91 1.46 -10.11
N ASN A 1732 -41.95 2.77 -10.37
CA ASN A 1732 -42.16 3.26 -11.72
C ASN A 1732 -40.91 3.05 -12.58
N ARG A 1733 -41.06 3.28 -13.88
CA ARG A 1733 -40.08 2.88 -14.88
C ARG A 1733 -38.97 3.91 -15.10
N LEU A 1734 -39.01 5.05 -14.40
CA LEU A 1734 -37.96 6.08 -14.39
C LEU A 1734 -37.72 6.65 -15.80
N LEU A 1735 -38.76 7.30 -16.31
CA LEU A 1735 -38.67 8.01 -17.58
C LEU A 1735 -38.55 9.53 -17.40
N ALA A 1736 -38.55 10.01 -16.16
CA ALA A 1736 -38.39 11.40 -15.73
C ALA A 1736 -39.51 12.33 -16.19
N ILE A 1737 -40.53 11.81 -16.87
CA ILE A 1737 -41.72 12.58 -17.23
C ILE A 1737 -42.91 12.01 -16.44
N ASN A 1738 -43.08 10.69 -16.52
CA ASN A 1738 -44.18 10.03 -15.82
C ASN A 1738 -43.99 10.06 -14.31
N THR A 1739 -42.73 10.09 -13.85
CA THR A 1739 -42.47 10.23 -12.42
C THR A 1739 -42.91 11.59 -11.91
N CYS A 1740 -42.69 12.64 -12.70
CA CYS A 1740 -43.19 13.96 -12.34
C CYS A 1740 -44.71 14.04 -12.49
N PHE A 1741 -45.27 13.23 -13.41
CA PHE A 1741 -46.71 13.16 -13.60
C PHE A 1741 -47.38 12.54 -12.37
N THR A 1742 -46.79 11.47 -11.83
CA THR A 1742 -47.45 10.63 -10.83
C THR A 1742 -47.72 11.39 -9.53
N ARG A 1743 -46.65 11.78 -8.83
CA ARG A 1743 -46.78 12.45 -7.54
C ARG A 1743 -45.45 13.11 -7.24
N LYS A 1744 -45.48 14.25 -6.55
CA LYS A 1744 -44.29 15.09 -6.44
C LYS A 1744 -43.26 14.52 -5.47
N SER A 1745 -43.60 14.42 -4.19
CA SER A 1745 -42.58 14.21 -3.17
C SER A 1745 -42.17 12.73 -3.07
N PHE A 1746 -43.11 11.87 -2.70
CA PHE A 1746 -42.80 10.47 -2.38
C PHE A 1746 -42.18 9.67 -3.54
N PRO A 1747 -42.66 9.74 -4.80
CA PRO A 1747 -41.89 9.06 -5.86
C PRO A 1747 -40.52 9.65 -6.11
N PHE A 1748 -40.34 10.97 -5.94
CA PHE A 1748 -39.03 11.57 -6.21
C PHE A 1748 -38.01 11.25 -5.12
N TYR A 1749 -38.45 10.95 -3.90
CA TYR A 1749 -37.48 10.75 -2.83
C TYR A 1749 -37.62 9.38 -2.13
N SER A 1750 -38.40 8.46 -2.70
CA SER A 1750 -38.35 7.07 -2.26
C SER A 1750 -37.87 6.13 -3.37
N LYS A 1751 -38.51 6.11 -4.53
CA LYS A 1751 -38.18 5.15 -5.57
C LYS A 1751 -36.97 5.56 -6.39
N PHE A 1752 -36.60 6.85 -6.39
CA PHE A 1752 -35.53 7.36 -7.22
C PHE A 1752 -34.15 6.93 -6.74
N ASN A 1753 -34.06 6.34 -5.55
CA ASN A 1753 -32.84 5.68 -5.08
C ASN A 1753 -32.74 4.24 -5.57
N LEU A 1754 -33.58 3.85 -6.53
CA LEU A 1754 -33.62 2.55 -7.21
C LEU A 1754 -33.95 1.39 -6.27
N GLY A 1755 -34.45 1.65 -5.06
CA GLY A 1755 -34.82 0.58 -4.16
C GLY A 1755 -34.86 1.00 -2.70
N ARG A 1756 -35.44 0.15 -1.86
CA ARG A 1756 -35.50 0.35 -0.42
C ARG A 1756 -34.81 -0.82 0.25
N GLY A 1757 -34.78 -0.81 1.59
CA GLY A 1757 -34.23 -1.90 2.39
C GLY A 1757 -34.92 -3.22 2.13
N PHE A 1758 -34.21 -4.09 1.44
CA PHE A 1758 -34.72 -5.38 0.97
C PHE A 1758 -33.86 -6.48 1.58
N ILE A 1759 -34.30 -7.73 1.38
CA ILE A 1759 -33.66 -8.88 2.01
C ILE A 1759 -32.31 -9.15 1.34
N SER A 1760 -31.32 -9.49 2.16
CA SER A 1760 -29.97 -9.72 1.68
C SER A 1760 -29.84 -11.16 1.17
N ASN A 1761 -28.60 -11.56 0.85
CA ASN A 1761 -28.33 -12.90 0.37
C ASN A 1761 -27.13 -13.46 1.12
N THR A 1762 -27.19 -14.76 1.40
CA THR A 1762 -26.15 -15.45 2.15
C THR A 1762 -25.54 -16.55 1.29
N LEU A 1763 -24.23 -16.67 1.35
CA LEU A 1763 -23.49 -17.69 0.61
C LEU A 1763 -22.81 -18.64 1.60
N ALA A 1764 -22.02 -19.58 1.06
CA ALA A 1764 -21.40 -20.64 1.84
C ALA A 1764 -19.91 -20.37 2.07
N LEU A 1765 -19.52 -19.10 2.09
CA LEU A 1765 -18.21 -18.58 2.51
C LEU A 1765 -17.04 -18.93 1.58
N LEU A 1766 -17.29 -19.75 0.55
CA LEU A 1766 -16.33 -20.08 -0.52
C LEU A 1766 -15.03 -20.67 0.02
N SER A 1767 -15.15 -21.87 0.60
CA SER A 1767 -13.95 -22.61 0.98
C SER A 1767 -13.18 -23.03 -0.26
N THR A 1768 -12.08 -22.33 -0.54
CA THR A 1768 -11.39 -22.50 -1.81
C THR A 1768 -10.64 -23.81 -1.89
N ILE A 1769 -9.93 -24.18 -0.82
CA ILE A 1769 -9.01 -25.32 -0.87
C ILE A 1769 -8.78 -25.80 0.56
N TYR A 1770 -8.48 -27.10 0.68
CA TYR A 1770 -8.36 -27.83 1.92
C TYR A 1770 -7.06 -27.41 2.59
N SER A 1771 -6.92 -27.74 3.87
CA SER A 1771 -5.57 -27.90 4.40
C SER A 1771 -5.26 -29.39 4.48
N LYS A 1772 -4.04 -29.71 4.91
CA LYS A 1772 -3.69 -31.11 5.12
C LYS A 1772 -4.42 -31.60 6.37
N GLU A 1773 -5.18 -32.68 6.21
CA GLU A 1773 -6.13 -33.09 7.24
C GLU A 1773 -5.41 -33.77 8.40
N GLU A 1774 -5.77 -33.38 9.62
CA GLU A 1774 -5.27 -34.02 10.83
C GLU A 1774 -6.44 -34.56 11.63
N SER A 1775 -6.24 -35.73 12.25
CA SER A 1775 -7.26 -36.32 13.09
C SER A 1775 -6.63 -37.03 14.29
#